data_4P6A
# 
_entry.id   4P6A 
# 
_audit_conform.dict_name       mmcif_pdbx.dic 
_audit_conform.dict_version    5.397 
_audit_conform.dict_location   http://mmcif.pdb.org/dictionaries/ascii/mmcif_pdbx.dic 
# 
loop_
_database_2.database_id 
_database_2.database_code 
_database_2.pdbx_database_accession 
_database_2.pdbx_DOI 
PDB   4P6A         pdb_00004p6a 10.2210/pdb4p6a/pdb 
WWPDB D_1000200795 ?            ?                   
# 
loop_
_pdbx_audit_revision_history.ordinal 
_pdbx_audit_revision_history.data_content_type 
_pdbx_audit_revision_history.major_revision 
_pdbx_audit_revision_history.minor_revision 
_pdbx_audit_revision_history.revision_date 
1 'Structure model' 1 0 2015-03-04 
2 'Structure model' 2 0 2017-11-22 
3 'Structure model' 3 0 2020-07-29 
4 'Structure model' 3 1 2023-12-27 
5 'Structure model' 3 2 2024-10-09 
# 
loop_
_pdbx_audit_revision_details.ordinal 
_pdbx_audit_revision_details.revision_ordinal 
_pdbx_audit_revision_details.data_content_type 
_pdbx_audit_revision_details.provider 
_pdbx_audit_revision_details.type 
_pdbx_audit_revision_details.description 
_pdbx_audit_revision_details.details 
1 1 'Structure model' repository 'Initial release' ?                          ? 
2 3 'Structure model' repository Remediation       'Carbohydrate remediation' ? 
# 
loop_
_pdbx_audit_revision_group.ordinal 
_pdbx_audit_revision_group.revision_ordinal 
_pdbx_audit_revision_group.data_content_type 
_pdbx_audit_revision_group.group 
1  2 'Structure model' Advisory                 
2  2 'Structure model' 'Atomic model'           
3  2 'Structure model' 'Data collection'        
4  2 'Structure model' 'Derived calculations'   
5  2 'Structure model' Other                    
6  2 'Structure model' 'Refinement description' 
7  2 'Structure model' 'Source and taxonomy'    
8  2 'Structure model' 'Structure summary'      
9  3 'Structure model' 'Atomic model'           
10 3 'Structure model' 'Data collection'        
11 3 'Structure model' 'Derived calculations'   
12 3 'Structure model' 'Refinement description' 
13 3 'Structure model' 'Structure summary'      
14 4 'Structure model' 'Data collection'        
15 4 'Structure model' 'Database references'    
16 4 'Structure model' 'Derived calculations'   
17 4 'Structure model' 'Structure summary'      
18 5 'Structure model' 'Structure summary'      
# 
loop_
_pdbx_audit_revision_category.ordinal 
_pdbx_audit_revision_category.revision_ordinal 
_pdbx_audit_revision_category.data_content_type 
_pdbx_audit_revision_category.category 
1  2 'Structure model' atom_site                     
2  2 'Structure model' diffrn_source                 
3  2 'Structure model' entity                        
4  2 'Structure model' entity_src_nat                
5  2 'Structure model' pdbx_database_status          
6  2 'Structure model' pdbx_struct_assembly          
7  2 'Structure model' pdbx_struct_assembly_gen      
8  2 'Structure model' pdbx_struct_oper_list         
9  2 'Structure model' pdbx_validate_symm_contact    
10 2 'Structure model' software                      
11 2 'Structure model' struct_conn                   
12 2 'Structure model' struct_keywords               
13 2 'Structure model' struct_site_gen               
14 3 'Structure model' atom_site                     
15 3 'Structure model' chem_comp                     
16 3 'Structure model' entity                        
17 3 'Structure model' pdbx_branch_scheme            
18 3 'Structure model' pdbx_chem_comp_identifier     
19 3 'Structure model' pdbx_entity_branch            
20 3 'Structure model' pdbx_entity_branch_descriptor 
21 3 'Structure model' pdbx_entity_branch_link       
22 3 'Structure model' pdbx_entity_branch_list       
23 3 'Structure model' pdbx_entity_nonpoly           
24 3 'Structure model' pdbx_nonpoly_scheme           
25 3 'Structure model' pdbx_struct_assembly_gen      
26 3 'Structure model' pdbx_struct_special_symmetry  
27 3 'Structure model' refine_hist                   
28 3 'Structure model' struct_asym                   
29 3 'Structure model' struct_conn                   
30 3 'Structure model' struct_site                   
31 3 'Structure model' struct_site_gen               
32 4 'Structure model' chem_comp                     
33 4 'Structure model' chem_comp_atom                
34 4 'Structure model' chem_comp_bond                
35 4 'Structure model' database_2                    
36 4 'Structure model' struct_conn                   
37 5 'Structure model' pdbx_entry_details            
38 5 'Structure model' pdbx_modification_feature     
# 
loop_
_pdbx_audit_revision_item.ordinal 
_pdbx_audit_revision_item.revision_ordinal 
_pdbx_audit_revision_item.data_content_type 
_pdbx_audit_revision_item.item 
1  2 'Structure model' '_atom_site.label_asym_id'                    
2  2 'Structure model' '_diffrn_source.pdbx_synchrotron_site'        
3  2 'Structure model' '_entity.formula_weight'                      
4  2 'Structure model' '_entity.pdbx_description'                    
5  2 'Structure model' '_entity.pdbx_number_of_molecules'            
6  2 'Structure model' '_entity.src_method'                          
7  2 'Structure model' '_entity.type'                                
8  2 'Structure model' '_entity_src_nat.pdbx_alt_source_flag'        
9  2 'Structure model' '_pdbx_database_status.pdb_format_compatible' 
10 2 'Structure model' '_pdbx_struct_assembly.oligomeric_details'    
11 2 'Structure model' '_pdbx_struct_assembly_gen.asym_id_list'      
12 2 'Structure model' '_pdbx_struct_oper_list.symmetry_operation'   
13 2 'Structure model' '_pdbx_validate_symm_contact.auth_seq_id_1'   
14 2 'Structure model' '_pdbx_validate_symm_contact.auth_seq_id_2'   
15 2 'Structure model' '_pdbx_validate_symm_contact.dist'            
16 2 'Structure model' '_pdbx_validate_symm_contact.site_symmetry_2' 
17 2 'Structure model' '_software.classification'                    
18 2 'Structure model' '_struct_conn.ptnr1_label_asym_id'            
19 2 'Structure model' '_struct_conn.ptnr2_label_asym_id'            
20 2 'Structure model' '_struct_keywords.text'                       
21 2 'Structure model' '_struct_site_gen.label_asym_id'              
22 3 'Structure model' '_atom_site.auth_asym_id'                     
23 3 'Structure model' '_atom_site.auth_seq_id'                      
24 3 'Structure model' '_atom_site.label_asym_id'                    
25 3 'Structure model' '_chem_comp.name'                             
26 3 'Structure model' '_chem_comp.type'                             
27 3 'Structure model' '_entity.formula_weight'                      
28 3 'Structure model' '_entity.pdbx_description'                    
29 3 'Structure model' '_entity.pdbx_number_of_molecules'            
30 3 'Structure model' '_entity.type'                                
31 3 'Structure model' '_pdbx_struct_assembly_gen.asym_id_list'      
32 3 'Structure model' '_pdbx_struct_special_symmetry.label_asym_id' 
33 3 'Structure model' '_refine_hist.d_res_high'                     
34 3 'Structure model' '_refine_hist.pdbx_number_atoms_nucleic_acid' 
35 3 'Structure model' '_refine_hist.pdbx_number_atoms_protein'      
36 3 'Structure model' '_struct_conn.ptnr1_auth_asym_id'             
37 3 'Structure model' '_struct_conn.ptnr1_auth_seq_id'              
38 3 'Structure model' '_struct_conn.ptnr1_label_asym_id'            
39 3 'Structure model' '_struct_conn.ptnr2_auth_asym_id'             
40 3 'Structure model' '_struct_conn.ptnr2_auth_seq_id'              
41 3 'Structure model' '_struct_conn.ptnr2_label_asym_id'            
42 4 'Structure model' '_chem_comp.pdbx_synonyms'                    
43 4 'Structure model' '_database_2.pdbx_DOI'                        
44 4 'Structure model' '_database_2.pdbx_database_accession'         
45 4 'Structure model' '_struct_conn.pdbx_leaving_atom_flag'         
# 
_pdbx_database_PDB_obs_spr.date             2015-03-04 
_pdbx_database_PDB_obs_spr.details          ? 
_pdbx_database_PDB_obs_spr.id               SPRSDE 
_pdbx_database_PDB_obs_spr.pdb_id           4P6A 
_pdbx_database_PDB_obs_spr.replace_pdb_id   4G1S 
# 
_pdbx_database_status.status_code                     REL 
_pdbx_database_status.status_code_sf                  REL 
_pdbx_database_status.status_code_mr                  . 
_pdbx_database_status.entry_id                        4P6A 
_pdbx_database_status.recvd_initial_deposition_date   2014-03-23 
_pdbx_database_status.SG_entry                        N 
_pdbx_database_status.deposit_site                    RCSB 
_pdbx_database_status.process_site                    RCSB 
_pdbx_database_status.status_code_cs                  . 
_pdbx_database_status.methods_development_category    . 
_pdbx_database_status.pdb_format_compatible           Y 
_pdbx_database_status.status_code_nmr_data            ? 
# 
loop_
_audit_author.name 
_audit_author.pdbx_ordinal 
'Zhang, F.'    1 
'Hoque, M.M.'  2 
'Suzuki, K.'   3 
'Tsunoda, M.'  4 
'Naomi, O.'    5 
'Tanaka, H.'   6 
'Takenaka, A.' 7 
# 
_citation.abstract                  . 
_citation.abstract_id_CAS           . 
_citation.book_id_ISBN              . 
_citation.book_publisher            ? 
_citation.book_publisher_city       . 
_citation.book_title                . 
_citation.coordinate_linkage        . 
_citation.country                   GE 
_citation.database_id_Medline       . 
_citation.details                   . 
_citation.id                        primary 
_citation.journal_abbrev            Chembiochem 
_citation.journal_id_ASTM           ? 
_citation.journal_id_CSD            ? 
_citation.journal_id_ISSN           1439-7633 
_citation.journal_full              . 
_citation.journal_issue             . 
_citation.journal_volume            15 
_citation.language                  . 
_citation.page_first                2766 
_citation.page_last                 2773 
_citation.title                     
'The characteristic structure of anti-HIV actinohivin in complex with three HMTG D1 chains of HIV-gp120.' 
_citation.year                      2014 
_citation.database_id_CSD           . 
_citation.pdbx_database_id_DOI      10.1002/cbic.201402352 
_citation.pdbx_database_id_PubMed   25403811 
_citation.unpublished_flag          . 
# 
loop_
_citation_author.citation_id 
_citation_author.name 
_citation_author.ordinal 
_citation_author.identifier_ORCID 
primary 'Zhang, F.'    1  ? 
primary 'Hoque, M.M.'  2  ? 
primary 'Jiang, J.'    3  ? 
primary 'Suzuki, K.'   4  ? 
primary 'Tsunoda, M.'  5  ? 
primary 'Takeda, Y.'   6  ? 
primary 'Ito, Y.'      7  ? 
primary 'Kawai, G.'    8  ? 
primary 'Tanaka, H.'   9  ? 
primary 'Takenaka, A.' 10 ? 
# 
loop_
_entity.id 
_entity.type 
_entity.src_method 
_entity.pdbx_description 
_entity.formula_weight 
_entity.pdbx_number_of_molecules 
_entity.pdbx_ec 
_entity.pdbx_mutation 
_entity.pdbx_fragment 
_entity.details 
1 polymer  nat Actinohivin                                                                     12532.492 1   ? ? 
'UNP residues 47-160' ? 
2 branched man 'alpha-D-mannopyranose-(1-2)-alpha-D-mannopyranose-(1-2)-alpha-D-mannopyranose' 504.438   3   ? ? ? ? 
3 water    nat water                                                                           18.015    174 ? ? ? ? 
# 
_entity_poly.entity_id                      1 
_entity_poly.type                           'polypeptide(L)' 
_entity_poly.nstd_linkage                   no 
_entity_poly.nstd_monomer                   no 
_entity_poly.pdbx_seq_one_letter_code       
;ASVTIRNAQTGRLLDSNYNGNVYTLPANGGNYQRWTGPGDGTVRNAQTGRCLDSNYDGAVYTLPCNGGSYQKWLFYSNGY
IQNVETGRVLDSNYNGNVYTLPANGGNYQKWYTG
;
_entity_poly.pdbx_seq_one_letter_code_can   
;ASVTIRNAQTGRLLDSNYNGNVYTLPANGGNYQRWTGPGDGTVRNAQTGRCLDSNYDGAVYTLPCNGGSYQKWLFYSNGY
IQNVETGRVLDSNYNGNVYTLPANGGNYQKWYTG
;
_entity_poly.pdbx_strand_id                 A 
_entity_poly.pdbx_target_identifier         ? 
# 
_pdbx_entity_nonpoly.entity_id   3 
_pdbx_entity_nonpoly.name        water 
_pdbx_entity_nonpoly.comp_id     HOH 
# 
loop_
_entity_poly_seq.entity_id 
_entity_poly_seq.num 
_entity_poly_seq.mon_id 
_entity_poly_seq.hetero 
1 1   ALA n 
1 2   SER n 
1 3   VAL n 
1 4   THR n 
1 5   ILE n 
1 6   ARG n 
1 7   ASN n 
1 8   ALA n 
1 9   GLN n 
1 10  THR n 
1 11  GLY n 
1 12  ARG n 
1 13  LEU n 
1 14  LEU n 
1 15  ASP n 
1 16  SER n 
1 17  ASN n 
1 18  TYR n 
1 19  ASN n 
1 20  GLY n 
1 21  ASN n 
1 22  VAL n 
1 23  TYR n 
1 24  THR n 
1 25  LEU n 
1 26  PRO n 
1 27  ALA n 
1 28  ASN n 
1 29  GLY n 
1 30  GLY n 
1 31  ASN n 
1 32  TYR n 
1 33  GLN n 
1 34  ARG n 
1 35  TRP n 
1 36  THR n 
1 37  GLY n 
1 38  PRO n 
1 39  GLY n 
1 40  ASP n 
1 41  GLY n 
1 42  THR n 
1 43  VAL n 
1 44  ARG n 
1 45  ASN n 
1 46  ALA n 
1 47  GLN n 
1 48  THR n 
1 49  GLY n 
1 50  ARG n 
1 51  CYS n 
1 52  LEU n 
1 53  ASP n 
1 54  SER n 
1 55  ASN n 
1 56  TYR n 
1 57  ASP n 
1 58  GLY n 
1 59  ALA n 
1 60  VAL n 
1 61  TYR n 
1 62  THR n 
1 63  LEU n 
1 64  PRO n 
1 65  CYS n 
1 66  ASN n 
1 67  GLY n 
1 68  GLY n 
1 69  SER n 
1 70  TYR n 
1 71  GLN n 
1 72  LYS n 
1 73  TRP n 
1 74  LEU n 
1 75  PHE n 
1 76  TYR n 
1 77  SER n 
1 78  ASN n 
1 79  GLY n 
1 80  TYR n 
1 81  ILE n 
1 82  GLN n 
1 83  ASN n 
1 84  VAL n 
1 85  GLU n 
1 86  THR n 
1 87  GLY n 
1 88  ARG n 
1 89  VAL n 
1 90  LEU n 
1 91  ASP n 
1 92  SER n 
1 93  ASN n 
1 94  TYR n 
1 95  ASN n 
1 96  GLY n 
1 97  ASN n 
1 98  VAL n 
1 99  TYR n 
1 100 THR n 
1 101 LEU n 
1 102 PRO n 
1 103 ALA n 
1 104 ASN n 
1 105 GLY n 
1 106 GLY n 
1 107 ASN n 
1 108 TYR n 
1 109 GLN n 
1 110 LYS n 
1 111 TRP n 
1 112 TYR n 
1 113 THR n 
1 114 GLY n 
# 
_entity_src_nat.entity_id                  1 
_entity_src_nat.pdbx_src_id                1 
_entity_src_nat.pdbx_alt_source_flag       sample 
_entity_src_nat.pdbx_beg_seq_num           1 
_entity_src_nat.pdbx_end_seq_num           114 
_entity_src_nat.common_name                ? 
_entity_src_nat.pdbx_organism_scientific   'Actinomycete sp.' 
_entity_src_nat.pdbx_ncbi_taxonomy_id      237531 
_entity_src_nat.genus                      ? 
_entity_src_nat.species                    ? 
_entity_src_nat.strain                     K97-0003 
_entity_src_nat.tissue                     ? 
_entity_src_nat.tissue_fraction            ? 
_entity_src_nat.pdbx_secretion             ? 
_entity_src_nat.pdbx_fragment              ? 
_entity_src_nat.pdbx_variant               ? 
_entity_src_nat.pdbx_cell_line             ? 
_entity_src_nat.pdbx_atcc                  ? 
_entity_src_nat.pdbx_cellular_location     ? 
_entity_src_nat.pdbx_organ                 ? 
_entity_src_nat.pdbx_organelle             ? 
_entity_src_nat.pdbx_cell                  ? 
_entity_src_nat.pdbx_plasmid_name          ? 
_entity_src_nat.pdbx_plasmid_details       ? 
_entity_src_nat.details                    ? 
# 
_pdbx_entity_branch.entity_id   2 
_pdbx_entity_branch.type        oligosaccharide 
# 
loop_
_pdbx_entity_branch_descriptor.ordinal 
_pdbx_entity_branch_descriptor.entity_id 
_pdbx_entity_branch_descriptor.descriptor 
_pdbx_entity_branch_descriptor.type 
_pdbx_entity_branch_descriptor.program 
_pdbx_entity_branch_descriptor.program_version 
1 2 DManpa1-2DManpa1-2DManpa1-ROH                          'Glycam Condensed Sequence' GMML       1.0   
2 2 'WURCS=2.0/1,3,2/[a1122h-1a_1-5]/1-1-1/a2-b1_b2-c1'    WURCS                       PDB2Glycan 1.1.0 
3 2 '[][a-D-Manp]{[(2+1)][a-D-Manp]{[(2+1)][a-D-Manp]{}}}' LINUCS                      PDB-CARE   ?     
# 
loop_
_pdbx_entity_branch_link.link_id 
_pdbx_entity_branch_link.entity_id 
_pdbx_entity_branch_link.entity_branch_list_num_1 
_pdbx_entity_branch_link.comp_id_1 
_pdbx_entity_branch_link.atom_id_1 
_pdbx_entity_branch_link.leaving_atom_id_1 
_pdbx_entity_branch_link.entity_branch_list_num_2 
_pdbx_entity_branch_link.comp_id_2 
_pdbx_entity_branch_link.atom_id_2 
_pdbx_entity_branch_link.leaving_atom_id_2 
_pdbx_entity_branch_link.value_order 
_pdbx_entity_branch_link.details 
1 2 2 MAN C1 O1 1 MAN O2 HO2 sing ? 
2 2 3 MAN C1 O1 2 MAN O2 HO2 sing ? 
# 
loop_
_chem_comp.id 
_chem_comp.type 
_chem_comp.mon_nstd_flag 
_chem_comp.name 
_chem_comp.pdbx_synonyms 
_chem_comp.formula 
_chem_comp.formula_weight 
ALA 'L-peptide linking'           y ALANINE               ?                                     'C3 H7 N O2'     89.093  
ARG 'L-peptide linking'           y ARGININE              ?                                     'C6 H15 N4 O2 1' 175.209 
ASN 'L-peptide linking'           y ASPARAGINE            ?                                     'C4 H8 N2 O3'    132.118 
ASP 'L-peptide linking'           y 'ASPARTIC ACID'       ?                                     'C4 H7 N O4'     133.103 
CYS 'L-peptide linking'           y CYSTEINE              ?                                     'C3 H7 N O2 S'   121.158 
GLN 'L-peptide linking'           y GLUTAMINE             ?                                     'C5 H10 N2 O3'   146.144 
GLU 'L-peptide linking'           y 'GLUTAMIC ACID'       ?                                     'C5 H9 N O4'     147.129 
GLY 'peptide linking'             y GLYCINE               ?                                     'C2 H5 N O2'     75.067  
HOH non-polymer                   . WATER                 ?                                     'H2 O'           18.015  
ILE 'L-peptide linking'           y ISOLEUCINE            ?                                     'C6 H13 N O2'    131.173 
LEU 'L-peptide linking'           y LEUCINE               ?                                     'C6 H13 N O2'    131.173 
LYS 'L-peptide linking'           y LYSINE                ?                                     'C6 H15 N2 O2 1' 147.195 
MAN 'D-saccharide, alpha linking' . alpha-D-mannopyranose 'alpha-D-mannose; D-mannose; mannose' 'C6 H12 O6'      180.156 
PHE 'L-peptide linking'           y PHENYLALANINE         ?                                     'C9 H11 N O2'    165.189 
PRO 'L-peptide linking'           y PROLINE               ?                                     'C5 H9 N O2'     115.130 
SER 'L-peptide linking'           y SERINE                ?                                     'C3 H7 N O3'     105.093 
THR 'L-peptide linking'           y THREONINE             ?                                     'C4 H9 N O3'     119.119 
TRP 'L-peptide linking'           y TRYPTOPHAN            ?                                     'C11 H12 N2 O2'  204.225 
TYR 'L-peptide linking'           y TYROSINE              ?                                     'C9 H11 N O3'    181.189 
VAL 'L-peptide linking'           y VALINE                ?                                     'C5 H11 N O2'    117.146 
# 
loop_
_pdbx_chem_comp_identifier.comp_id 
_pdbx_chem_comp_identifier.type 
_pdbx_chem_comp_identifier.program 
_pdbx_chem_comp_identifier.program_version 
_pdbx_chem_comp_identifier.identifier 
MAN 'CONDENSED IUPAC CARBOHYDRATE SYMBOL' GMML     1.0 DManpa            
MAN 'COMMON NAME'                         GMML     1.0 a-D-mannopyranose 
MAN 'IUPAC CARBOHYDRATE SYMBOL'           PDB-CARE 1.0 a-D-Manp          
MAN 'SNFG CARBOHYDRATE SYMBOL'            GMML     1.0 Man               
# 
loop_
_pdbx_poly_seq_scheme.asym_id 
_pdbx_poly_seq_scheme.entity_id 
_pdbx_poly_seq_scheme.seq_id 
_pdbx_poly_seq_scheme.mon_id 
_pdbx_poly_seq_scheme.ndb_seq_num 
_pdbx_poly_seq_scheme.pdb_seq_num 
_pdbx_poly_seq_scheme.auth_seq_num 
_pdbx_poly_seq_scheme.pdb_mon_id 
_pdbx_poly_seq_scheme.auth_mon_id 
_pdbx_poly_seq_scheme.pdb_strand_id 
_pdbx_poly_seq_scheme.pdb_ins_code 
_pdbx_poly_seq_scheme.hetero 
A 1 1   ALA 1   1   1   ALA ALA A . n 
A 1 2   SER 2   2   2   SER SER A . n 
A 1 3   VAL 3   3   3   VAL VAL A . n 
A 1 4   THR 4   4   4   THR THR A . n 
A 1 5   ILE 5   5   5   ILE ILE A . n 
A 1 6   ARG 6   6   6   ARG ARG A . n 
A 1 7   ASN 7   7   7   ASN ASN A . n 
A 1 8   ALA 8   8   8   ALA ALA A . n 
A 1 9   GLN 9   9   9   GLN GLN A . n 
A 1 10  THR 10  10  10  THR THR A . n 
A 1 11  GLY 11  11  11  GLY GLY A . n 
A 1 12  ARG 12  12  12  ARG ARG A . n 
A 1 13  LEU 13  13  13  LEU LEU A . n 
A 1 14  LEU 14  14  14  LEU LEU A . n 
A 1 15  ASP 15  15  15  ASP ASP A . n 
A 1 16  SER 16  16  16  SER SER A . n 
A 1 17  ASN 17  17  17  ASN ASN A . n 
A 1 18  TYR 18  18  18  TYR TYR A . n 
A 1 19  ASN 19  19  19  ASN ASN A . n 
A 1 20  GLY 20  20  20  GLY GLY A . n 
A 1 21  ASN 21  21  21  ASN ASN A . n 
A 1 22  VAL 22  22  22  VAL VAL A . n 
A 1 23  TYR 23  23  23  TYR TYR A . n 
A 1 24  THR 24  24  24  THR THR A . n 
A 1 25  LEU 25  25  25  LEU LEU A . n 
A 1 26  PRO 26  26  26  PRO PRO A . n 
A 1 27  ALA 27  27  27  ALA ALA A . n 
A 1 28  ASN 28  28  28  ASN ASN A . n 
A 1 29  GLY 29  29  29  GLY GLY A . n 
A 1 30  GLY 30  30  30  GLY GLY A . n 
A 1 31  ASN 31  31  31  ASN ASN A . n 
A 1 32  TYR 32  32  32  TYR TYR A . n 
A 1 33  GLN 33  33  33  GLN GLN A . n 
A 1 34  ARG 34  34  34  ARG ARG A . n 
A 1 35  TRP 35  35  35  TRP TRP A . n 
A 1 36  THR 36  36  36  THR THR A . n 
A 1 37  GLY 37  37  37  GLY GLY A . n 
A 1 38  PRO 38  38  38  PRO PRO A . n 
A 1 39  GLY 39  39  39  GLY GLY A . n 
A 1 40  ASP 40  40  40  ASP ASP A . n 
A 1 41  GLY 41  41  41  GLY GLY A . n 
A 1 42  THR 42  42  42  THR THR A . n 
A 1 43  VAL 43  43  43  VAL VAL A . n 
A 1 44  ARG 44  44  44  ARG ARG A . n 
A 1 45  ASN 45  45  45  ASN ASN A . n 
A 1 46  ALA 46  46  46  ALA ALA A . n 
A 1 47  GLN 47  47  47  GLN GLN A . n 
A 1 48  THR 48  48  48  THR THR A . n 
A 1 49  GLY 49  49  49  GLY GLY A . n 
A 1 50  ARG 50  50  50  ARG ARG A . n 
A 1 51  CYS 51  51  51  CYS CYS A . n 
A 1 52  LEU 52  52  52  LEU LEU A . n 
A 1 53  ASP 53  53  53  ASP ASP A . n 
A 1 54  SER 54  54  54  SER SER A . n 
A 1 55  ASN 55  55  55  ASN ASN A . n 
A 1 56  TYR 56  56  56  TYR TYR A . n 
A 1 57  ASP 57  57  57  ASP ASP A . n 
A 1 58  GLY 58  58  58  GLY GLY A . n 
A 1 59  ALA 59  59  59  ALA ALA A . n 
A 1 60  VAL 60  60  60  VAL VAL A . n 
A 1 61  TYR 61  61  61  TYR TYR A . n 
A 1 62  THR 62  62  62  THR THR A . n 
A 1 63  LEU 63  63  63  LEU LEU A . n 
A 1 64  PRO 64  64  64  PRO PRO A . n 
A 1 65  CYS 65  65  65  CYS CYS A . n 
A 1 66  ASN 66  66  66  ASN ASN A . n 
A 1 67  GLY 67  67  67  GLY GLY A . n 
A 1 68  GLY 68  68  68  GLY GLY A . n 
A 1 69  SER 69  69  69  SER SER A . n 
A 1 70  TYR 70  70  70  TYR TYR A . n 
A 1 71  GLN 71  71  71  GLN GLN A . n 
A 1 72  LYS 72  72  72  LYS LYS A . n 
A 1 73  TRP 73  73  73  TRP TRP A . n 
A 1 74  LEU 74  74  74  LEU LEU A . n 
A 1 75  PHE 75  75  75  PHE PHE A . n 
A 1 76  TYR 76  76  76  TYR TYR A . n 
A 1 77  SER 77  77  77  SER SER A . n 
A 1 78  ASN 78  78  78  ASN ASN A . n 
A 1 79  GLY 79  79  79  GLY GLY A . n 
A 1 80  TYR 80  80  80  TYR TYR A . n 
A 1 81  ILE 81  81  81  ILE ILE A . n 
A 1 82  GLN 82  82  82  GLN GLN A . n 
A 1 83  ASN 83  83  83  ASN ASN A . n 
A 1 84  VAL 84  84  84  VAL VAL A . n 
A 1 85  GLU 85  85  85  GLU GLU A . n 
A 1 86  THR 86  86  86  THR THR A . n 
A 1 87  GLY 87  87  87  GLY GLY A . n 
A 1 88  ARG 88  88  88  ARG ARG A . n 
A 1 89  VAL 89  89  89  VAL VAL A . n 
A 1 90  LEU 90  90  90  LEU LEU A . n 
A 1 91  ASP 91  91  91  ASP ASP A . n 
A 1 92  SER 92  92  92  SER SER A . n 
A 1 93  ASN 93  93  93  ASN ASN A . n 
A 1 94  TYR 94  94  94  TYR TYR A . n 
A 1 95  ASN 95  95  95  ASN ASN A . n 
A 1 96  GLY 96  96  96  GLY GLY A . n 
A 1 97  ASN 97  97  97  ASN ASN A . n 
A 1 98  VAL 98  98  98  VAL VAL A . n 
A 1 99  TYR 99  99  99  TYR TYR A . n 
A 1 100 THR 100 100 100 THR THR A . n 
A 1 101 LEU 101 101 101 LEU LEU A . n 
A 1 102 PRO 102 102 102 PRO PRO A . n 
A 1 103 ALA 103 103 103 ALA ALA A . n 
A 1 104 ASN 104 104 104 ASN ASN A . n 
A 1 105 GLY 105 105 105 GLY GLY A . n 
A 1 106 GLY 106 106 106 GLY GLY A . n 
A 1 107 ASN 107 107 107 ASN ASN A . n 
A 1 108 TYR 108 108 108 TYR TYR A . n 
A 1 109 GLN 109 109 109 GLN GLN A . n 
A 1 110 LYS 110 110 110 LYS LYS A . n 
A 1 111 TRP 111 111 111 TRP TRP A . n 
A 1 112 TYR 112 112 112 TYR TYR A . n 
A 1 113 THR 113 113 113 THR THR A . n 
A 1 114 GLY 114 114 114 GLY GLY A . n 
# 
loop_
_pdbx_branch_scheme.asym_id 
_pdbx_branch_scheme.entity_id 
_pdbx_branch_scheme.mon_id 
_pdbx_branch_scheme.num 
_pdbx_branch_scheme.pdb_asym_id 
_pdbx_branch_scheme.pdb_mon_id 
_pdbx_branch_scheme.pdb_seq_num 
_pdbx_branch_scheme.auth_asym_id 
_pdbx_branch_scheme.auth_mon_id 
_pdbx_branch_scheme.auth_seq_num 
_pdbx_branch_scheme.hetero 
B 2 MAN 1 B MAN 1 P MT 1 n 
B 2 MAN 2 B MAN 2 P MT 1 n 
B 2 MAN 3 B MAN 3 P MT 1 n 
C 2 MAN 1 C MAN 1 Q MT 2 n 
C 2 MAN 2 C MAN 2 Q MT 2 n 
C 2 MAN 3 C MAN 3 Q MT 2 n 
D 2 MAN 1 D MAN 1 R MT 3 n 
D 2 MAN 2 D MAN 2 R MT 3 n 
D 2 MAN 3 D MAN 3 R MT 3 n 
# 
loop_
_pdbx_nonpoly_scheme.asym_id 
_pdbx_nonpoly_scheme.entity_id 
_pdbx_nonpoly_scheme.mon_id 
_pdbx_nonpoly_scheme.ndb_seq_num 
_pdbx_nonpoly_scheme.pdb_seq_num 
_pdbx_nonpoly_scheme.auth_seq_num 
_pdbx_nonpoly_scheme.pdb_mon_id 
_pdbx_nonpoly_scheme.auth_mon_id 
_pdbx_nonpoly_scheme.pdb_strand_id 
_pdbx_nonpoly_scheme.pdb_ins_code 
E 3 HOH 1   301 382 HOH HOH A . 
E 3 HOH 2   302 334 HOH HOH A . 
E 3 HOH 3   303 371 HOH HOH A . 
E 3 HOH 4   304 307 HOH HOH A . 
E 3 HOH 5   305 378 HOH HOH A . 
E 3 HOH 6   306 335 HOH HOH A . 
E 3 HOH 7   307 258 HOH HOH A . 
E 3 HOH 8   308 287 HOH HOH A . 
E 3 HOH 9   309 317 HOH HOH A . 
E 3 HOH 10  310 348 HOH HOH A . 
E 3 HOH 11  311 389 HOH HOH A . 
E 3 HOH 12  312 262 HOH HOH A . 
E 3 HOH 13  313 204 HOH HOH A . 
E 3 HOH 14  314 59  HOH HOH A . 
E 3 HOH 15  315 337 HOH HOH A . 
E 3 HOH 16  316 134 HOH HOH A . 
E 3 HOH 17  317 336 HOH HOH A . 
E 3 HOH 18  318 350 HOH HOH A . 
E 3 HOH 19  319 328 HOH HOH A . 
E 3 HOH 20  320 180 HOH HOH A . 
E 3 HOH 21  321 349 HOH HOH A . 
E 3 HOH 22  322 340 HOH HOH A . 
E 3 HOH 23  323 52  HOH HOH A . 
E 3 HOH 24  324 339 HOH HOH A . 
E 3 HOH 25  325 66  HOH HOH A . 
E 3 HOH 26  326 260 HOH HOH A . 
E 3 HOH 27  327 323 HOH HOH A . 
E 3 HOH 28  328 54  HOH HOH A . 
E 3 HOH 29  329 352 HOH HOH A . 
E 3 HOH 30  330 129 HOH HOH A . 
E 3 HOH 31  331 321 HOH HOH A . 
E 3 HOH 32  332 333 HOH HOH A . 
E 3 HOH 33  333 267 HOH HOH A . 
E 3 HOH 34  334 354 HOH HOH A . 
E 3 HOH 35  335 322 HOH HOH A . 
E 3 HOH 36  336 338 HOH HOH A . 
E 3 HOH 37  337 331 HOH HOH A . 
E 3 HOH 38  338 191 HOH HOH A . 
E 3 HOH 39  339 320 HOH HOH A . 
E 3 HOH 40  340 194 HOH HOH A . 
E 3 HOH 41  341 388 HOH HOH A . 
E 3 HOH 42  342 381 HOH HOH A . 
E 3 HOH 43  343 214 HOH HOH A . 
E 3 HOH 44  344 251 HOH HOH A . 
E 3 HOH 45  345 225 HOH HOH A . 
E 3 HOH 46  346 265 HOH HOH A . 
E 3 HOH 47  347 130 HOH HOH A . 
E 3 HOH 48  348 4   HOH HOH A . 
E 3 HOH 49  349 250 HOH HOH A . 
E 3 HOH 50  350 345 HOH HOH A . 
E 3 HOH 51  351 57  HOH HOH A . 
E 3 HOH 52  352 170 HOH HOH A . 
E 3 HOH 53  353 155 HOH HOH A . 
E 3 HOH 54  354 355 HOH HOH A . 
E 3 HOH 55  355 216 HOH HOH A . 
E 3 HOH 56  356 210 HOH HOH A . 
E 3 HOH 57  357 366 HOH HOH A . 
E 3 HOH 58  358 326 HOH HOH A . 
E 3 HOH 59  359 353 HOH HOH A . 
E 3 HOH 60  360 179 HOH HOH A . 
E 3 HOH 61  361 261 HOH HOH A . 
E 3 HOH 62  362 383 HOH HOH A . 
E 3 HOH 63  363 303 HOH HOH A . 
E 3 HOH 64  364 327 HOH HOH A . 
E 3 HOH 65  365 3   HOH HOH A . 
E 3 HOH 66  366 164 HOH HOH A . 
E 3 HOH 67  367 160 HOH HOH A . 
E 3 HOH 68  368 131 HOH HOH A . 
E 3 HOH 69  369 379 HOH HOH A . 
E 3 HOH 70  370 351 HOH HOH A . 
E 3 HOH 71  371 228 HOH HOH A . 
E 3 HOH 72  372 363 HOH HOH A . 
E 3 HOH 73  373 89  HOH HOH A . 
E 3 HOH 74  374 313 HOH HOH A . 
E 3 HOH 75  375 325 HOH HOH A . 
E 3 HOH 76  376 368 HOH HOH A . 
E 3 HOH 77  377 387 HOH HOH A . 
E 3 HOH 78  378 263 HOH HOH A . 
E 3 HOH 79  379 356 HOH HOH A . 
E 3 HOH 80  380 198 HOH HOH A . 
E 3 HOH 81  381 62  HOH HOH A . 
E 3 HOH 82  382 343 HOH HOH A . 
E 3 HOH 83  383 376 HOH HOH A . 
E 3 HOH 84  384 392 HOH HOH A . 
E 3 HOH 85  385 292 HOH HOH A . 
E 3 HOH 86  386 362 HOH HOH A . 
E 3 HOH 87  387 295 HOH HOH A . 
E 3 HOH 88  388 61  HOH HOH A . 
E 3 HOH 89  389 375 HOH HOH A . 
E 3 HOH 90  390 156 HOH HOH A . 
E 3 HOH 91  391 341 HOH HOH A . 
E 3 HOH 92  392 311 HOH HOH A . 
E 3 HOH 93  393 324 HOH HOH A . 
E 3 HOH 94  394 316 HOH HOH A . 
E 3 HOH 95  395 347 HOH HOH A . 
E 3 HOH 96  396 300 HOH HOH A . 
E 3 HOH 97  397 283 HOH HOH A . 
E 3 HOH 98  398 268 HOH HOH A . 
E 3 HOH 99  399 266 HOH HOH A . 
E 3 HOH 100 400 157 HOH HOH A . 
E 3 HOH 101 401 384 HOH HOH A . 
E 3 HOH 102 402 1   HOH HOH A . 
E 3 HOH 103 403 2   HOH HOH A . 
E 3 HOH 104 404 5   HOH HOH A . 
E 3 HOH 105 405 47  HOH HOH A . 
E 3 HOH 106 406 48  HOH HOH A . 
E 3 HOH 107 407 49  HOH HOH A . 
E 3 HOH 108 408 50  HOH HOH A . 
E 3 HOH 109 409 55  HOH HOH A . 
E 3 HOH 110 410 56  HOH HOH A . 
E 3 HOH 111 411 60  HOH HOH A . 
E 3 HOH 112 412 63  HOH HOH A . 
E 3 HOH 113 413 71  HOH HOH A . 
E 3 HOH 114 414 133 HOH HOH A . 
E 3 HOH 115 415 161 HOH HOH A . 
E 3 HOH 116 416 162 HOH HOH A . 
E 3 HOH 117 417 165 HOH HOH A . 
E 3 HOH 118 418 177 HOH HOH A . 
E 3 HOH 119 419 178 HOH HOH A . 
E 3 HOH 120 420 185 HOH HOH A . 
E 3 HOH 121 421 186 HOH HOH A . 
E 3 HOH 122 422 187 HOH HOH A . 
E 3 HOH 123 423 188 HOH HOH A . 
E 3 HOH 124 424 189 HOH HOH A . 
E 3 HOH 125 425 192 HOH HOH A . 
E 3 HOH 126 426 193 HOH HOH A . 
E 3 HOH 127 427 195 HOH HOH A . 
E 3 HOH 128 428 196 HOH HOH A . 
E 3 HOH 129 429 197 HOH HOH A . 
E 3 HOH 130 430 199 HOH HOH A . 
E 3 HOH 131 431 200 HOH HOH A . 
E 3 HOH 132 432 201 HOH HOH A . 
E 3 HOH 133 433 202 HOH HOH A . 
E 3 HOH 134 434 205 HOH HOH A . 
E 3 HOH 135 435 206 HOH HOH A . 
E 3 HOH 136 436 211 HOH HOH A . 
E 3 HOH 137 437 212 HOH HOH A . 
E 3 HOH 138 438 215 HOH HOH A . 
E 3 HOH 139 439 217 HOH HOH A . 
E 3 HOH 140 440 218 HOH HOH A . 
E 3 HOH 141 441 219 HOH HOH A . 
E 3 HOH 142 442 220 HOH HOH A . 
E 3 HOH 143 443 227 HOH HOH A . 
E 3 HOH 144 444 231 HOH HOH A . 
E 3 HOH 145 445 232 HOH HOH A . 
E 3 HOH 146 446 233 HOH HOH A . 
E 3 HOH 147 447 234 HOH HOH A . 
E 3 HOH 148 448 235 HOH HOH A . 
E 3 HOH 149 449 244 HOH HOH A . 
E 3 HOH 150 450 246 HOH HOH A . 
E 3 HOH 151 451 259 HOH HOH A . 
E 3 HOH 152 452 264 HOH HOH A . 
E 3 HOH 153 453 286 HOH HOH A . 
E 3 HOH 154 454 290 HOH HOH A . 
E 3 HOH 155 455 304 HOH HOH A . 
E 3 HOH 156 456 329 HOH HOH A . 
E 3 HOH 157 457 332 HOH HOH A . 
E 3 HOH 158 458 344 HOH HOH A . 
E 3 HOH 159 459 346 HOH HOH A . 
E 3 HOH 160 460 357 HOH HOH A . 
E 3 HOH 161 461 358 HOH HOH A . 
E 3 HOH 162 462 359 HOH HOH A . 
E 3 HOH 163 463 361 HOH HOH A . 
E 3 HOH 164 464 365 HOH HOH A . 
E 3 HOH 165 465 369 HOH HOH A . 
E 3 HOH 166 466 370 HOH HOH A . 
E 3 HOH 167 467 377 HOH HOH A . 
E 3 HOH 168 468 380 HOH HOH A . 
E 3 HOH 169 469 385 HOH HOH A . 
E 3 HOH 170 470 386 HOH HOH A . 
E 3 HOH 171 471 390 HOH HOH A . 
E 3 HOH 172 472 391 HOH HOH A . 
E 3 HOH 173 473 393 HOH HOH A . 
E 3 HOH 174 474 394 HOH HOH A . 
# 
loop_
_software.citation_id 
_software.classification 
_software.compiler_name 
_software.compiler_version 
_software.contact_author 
_software.contact_author_email 
_software.date 
_software.description 
_software.dependencies 
_software.hardware 
_software.language 
_software.location 
_software.mods 
_software.name 
_software.os 
_software.os_version 
_software.type 
_software.version 
_software.pdbx_ordinal 
? 'data scaling'    . . 'Phil R. Evans'      pre@mrc-lmb.cam.ac.uk    2011/05/18      . . . Fortran_77 
http://www.ccp4.ac.uk/dist/html/scala.html   . SCALA       . . other   3.3.20   1 
? refinement        . . 'Garib N. Murshudov' garib@ysbl.york.ac.uk    .               . . . Fortran_77 
http://www.ccp4.ac.uk/dist/html/refmac5.html . REFMAC      . . program 5.7.0029 2 
? 'data extraction' . . PDB                  deposit@deposit.rcsb.org 'Dec. 10, 2013' . . . C++        
http://sw-tools.pdb.org/apps/PDB_EXTRACT/    . PDB_EXTRACT . . package 3.14     3 
# 
_cell.length_a           98.970 
_cell.length_b           27.230 
_cell.length_c           56.910 
_cell.angle_alpha        90.000 
_cell.angle_beta         119.790 
_cell.angle_gamma        90.000 
_cell.entry_id           4P6A 
_cell.Z_PDB              4 
_cell.pdbx_unique_axis   ? 
# 
_symmetry.entry_id                         4P6A 
_symmetry.cell_setting                     . 
_symmetry.Int_Tables_number                5 
_symmetry.space_group_name_Hall            . 
_symmetry.space_group_name_H-M             'C 1 2 1' 
_symmetry.pdbx_full_space_group_name_H-M   . 
# 
_exptl.absorpt_coefficient_mu     . 
_exptl.absorpt_correction_T_max   . 
_exptl.absorpt_correction_T_min   . 
_exptl.absorpt_correction_type    . 
_exptl.absorpt_process_details    . 
_exptl.entry_id                   4P6A 
_exptl.crystals_number            1 
_exptl.details                    . 
_exptl.method                     'X-RAY DIFFRACTION' 
_exptl.method_details             . 
# 
_exptl_crystal.colour                      . 
_exptl_crystal.density_diffrn              . 
_exptl_crystal.density_Matthews            2.66 
_exptl_crystal.density_method              . 
_exptl_crystal.density_percent_sol         53.67 
_exptl_crystal.description                 . 
_exptl_crystal.F_000                       . 
_exptl_crystal.id                          1 
_exptl_crystal.preparation                 . 
_exptl_crystal.size_max                    . 
_exptl_crystal.size_mid                    . 
_exptl_crystal.size_min                    . 
_exptl_crystal.size_rad                    . 
_exptl_crystal.colour_lustre               . 
_exptl_crystal.colour_modifier             . 
_exptl_crystal.colour_primary              . 
_exptl_crystal.density_meas                . 
_exptl_crystal.density_meas_esd            . 
_exptl_crystal.density_meas_gt             . 
_exptl_crystal.density_meas_lt             . 
_exptl_crystal.density_meas_temp           . 
_exptl_crystal.density_meas_temp_esd       . 
_exptl_crystal.density_meas_temp_gt        . 
_exptl_crystal.density_meas_temp_lt        . 
_exptl_crystal.pdbx_crystal_image_url      . 
_exptl_crystal.pdbx_crystal_image_format   . 
_exptl_crystal.pdbx_mosaicity              . 
_exptl_crystal.pdbx_mosaicity_esd          . 
# 
_exptl_crystal_grow.apparatus       . 
_exptl_crystal_grow.atmosphere      . 
_exptl_crystal_grow.crystal_id      1 
_exptl_crystal_grow.details         . 
_exptl_crystal_grow.method          'VAPOR DIFFUSION, HANGING DROP' 
_exptl_crystal_grow.method_ref      . 
_exptl_crystal_grow.pH              6.2 
_exptl_crystal_grow.pressure        . 
_exptl_crystal_grow.pressure_esd    . 
_exptl_crystal_grow.seeding         . 
_exptl_crystal_grow.seeding_ref     . 
_exptl_crystal_grow.temp            298 
_exptl_crystal_grow.temp_details    . 
_exptl_crystal_grow.temp_esd        . 
_exptl_crystal_grow.time            . 
_exptl_crystal_grow.pdbx_details    '3% PEG400, 0.1 M sodium/potassium phosphate, pH 6.2, 0.8 M ammonium sulfate' 
_exptl_crystal_grow.pdbx_pH_range   . 
# 
_diffrn.ambient_environment    . 
_diffrn.ambient_temp           100 
_diffrn.ambient_temp_details   . 
_diffrn.ambient_temp_esd       . 
_diffrn.crystal_id             1 
_diffrn.crystal_support        . 
_diffrn.crystal_treatment      . 
_diffrn.details                . 
_diffrn.id                     1 
_diffrn.ambient_pressure       . 
_diffrn.ambient_pressure_esd   . 
_diffrn.ambient_pressure_gt    . 
_diffrn.ambient_pressure_lt    . 
_diffrn.ambient_temp_gt        . 
_diffrn.ambient_temp_lt        . 
# 
_diffrn_detector.details                      . 
_diffrn_detector.detector                     CCD 
_diffrn_detector.diffrn_id                    1 
_diffrn_detector.type                         'ADSC QUANTUM 210r' 
_diffrn_detector.area_resol_mean              . 
_diffrn_detector.dtime                        . 
_diffrn_detector.pdbx_frames_total            . 
_diffrn_detector.pdbx_collection_time_total   . 
_diffrn_detector.pdbx_collection_date         2012-05-26 
# 
_diffrn_radiation.collimation                      . 
_diffrn_radiation.diffrn_id                        1 
_diffrn_radiation.filter_edge                      . 
_diffrn_radiation.inhomogeneity                    . 
_diffrn_radiation.monochromator                    'double crystal Si(111)' 
_diffrn_radiation.polarisn_norm                    . 
_diffrn_radiation.polarisn_ratio                   . 
_diffrn_radiation.probe                            . 
_diffrn_radiation.type                             . 
_diffrn_radiation.xray_symbol                      . 
_diffrn_radiation.wavelength_id                    1 
_diffrn_radiation.pdbx_monochromatic_or_laue_m_l   M 
_diffrn_radiation.pdbx_wavelength_list             . 
_diffrn_radiation.pdbx_wavelength                  . 
_diffrn_radiation.pdbx_diffrn_protocol             'SINGLE WAVELENGTH' 
_diffrn_radiation.pdbx_analyzer                    . 
_diffrn_radiation.pdbx_scattering_type             x-ray 
# 
_diffrn_radiation_wavelength.id           1 
_diffrn_radiation_wavelength.wavelength   1.00 
_diffrn_radiation_wavelength.wt           1.0 
# 
_diffrn_source.current                     . 
_diffrn_source.details                     . 
_diffrn_source.diffrn_id                   1 
_diffrn_source.power                       . 
_diffrn_source.size                        . 
_diffrn_source.source                      SYNCHROTRON 
_diffrn_source.target                      . 
_diffrn_source.type                        'PHOTON FACTORY BEAMLINE AR-NW12A' 
_diffrn_source.voltage                     . 
_diffrn_source.take-off_angle              . 
_diffrn_source.pdbx_wavelength_list        1.00 
_diffrn_source.pdbx_wavelength             . 
_diffrn_source.pdbx_synchrotron_beamline   AR-NW12A 
_diffrn_source.pdbx_synchrotron_site       'Photon Factory' 
# 
_reflns.B_iso_Wilson_estimate            . 
_reflns.entry_id                         4P6A 
_reflns.data_reduction_details           . 
_reflns.data_reduction_method            . 
_reflns.d_resolution_high                1.398 
_reflns.d_resolution_low                 49.389 
_reflns.details                          . 
_reflns.limit_h_max                      . 
_reflns.limit_h_min                      . 
_reflns.limit_k_max                      . 
_reflns.limit_k_min                      . 
_reflns.limit_l_max                      . 
_reflns.limit_l_min                      . 
_reflns.number_all                       25397 
_reflns.number_obs                       25397 
_reflns.observed_criterion               . 
_reflns.observed_criterion_F_max         . 
_reflns.observed_criterion_F_min         . 
_reflns.observed_criterion_I_max         . 
_reflns.observed_criterion_I_min         . 
_reflns.observed_criterion_sigma_F       . 
_reflns.observed_criterion_sigma_I       . 
_reflns.percent_possible_obs             96.300 
_reflns.R_free_details                   . 
_reflns.Rmerge_F_all                     . 
_reflns.Rmerge_F_obs                     . 
_reflns.Friedel_coverage                 . 
_reflns.number_gt                        . 
_reflns.threshold_expression             . 
_reflns.pdbx_redundancy                  3.700 
_reflns.pdbx_Rmerge_I_obs                . 
_reflns.pdbx_Rmerge_I_all                . 
_reflns.pdbx_Rsym_value                  0.086 
_reflns.pdbx_netI_over_av_sigmaI         4.312 
_reflns.pdbx_netI_over_sigmaI            10.700 
_reflns.pdbx_res_netI_over_av_sigmaI_2   . 
_reflns.pdbx_res_netI_over_sigmaI_2      . 
_reflns.pdbx_chi_squared                 . 
_reflns.pdbx_scaling_rejects             . 
_reflns.pdbx_d_res_high_opt              . 
_reflns.pdbx_d_res_low_opt               . 
_reflns.pdbx_d_res_opt_method            . 
_reflns.phase_calculation_details        . 
_reflns.pdbx_Rrim_I_all                  0.100 
_reflns.pdbx_Rpim_I_all                  0.052 
_reflns.pdbx_d_opt                       . 
_reflns.pdbx_number_measured_all         95140 
_reflns.pdbx_diffrn_id                   1 
_reflns.pdbx_ordinal                     1 
# 
loop_
_reflns_shell.d_res_high 
_reflns_shell.d_res_low 
_reflns_shell.meanI_over_sigI_all 
_reflns_shell.meanI_over_sigI_obs 
_reflns_shell.number_measured_all 
_reflns_shell.number_measured_obs 
_reflns_shell.number_possible 
_reflns_shell.number_unique_all 
_reflns_shell.number_unique_obs 
_reflns_shell.percent_possible_all 
_reflns_shell.percent_possible_obs 
_reflns_shell.Rmerge_F_all 
_reflns_shell.Rmerge_F_obs 
_reflns_shell.Rmerge_I_all 
_reflns_shell.Rmerge_I_obs 
_reflns_shell.meanI_over_sigI_gt 
_reflns_shell.meanI_over_uI_all 
_reflns_shell.meanI_over_uI_gt 
_reflns_shell.number_measured_gt 
_reflns_shell.number_unique_gt 
_reflns_shell.percent_possible_gt 
_reflns_shell.Rmerge_F_gt 
_reflns_shell.Rmerge_I_gt 
_reflns_shell.pdbx_redundancy 
_reflns_shell.pdbx_Rsym_value 
_reflns_shell.pdbx_chi_squared 
_reflns_shell.pdbx_netI_over_sigmaI_all 
_reflns_shell.pdbx_netI_over_sigmaI_obs 
_reflns_shell.pdbx_Rrim_I_all 
_reflns_shell.pdbx_Rpim_I_all 
_reflns_shell.pdbx_rejects 
_reflns_shell.pdbx_ordinal 
_reflns_shell.pdbx_diffrn_id 
1.398 1.470  . 4.000 13417 . . 3571 . 94.100 . . . . 0.181 . . . . . . . . 3.800 0.181 . . 5.900  . 0.108 0 1  1 
1.470 1.560  . 4.500 13197 . . 3485 . 95.700 . . . . 0.154 . . . . . . . . 3.800 0.154 . . 7.100  . 0.091 0 2  1 
1.560 1.670  . 5.100 12302 . . 3262 . 96.100 . . . . 0.126 . . . . . . . . 3.800 0.126 . . 8.700  . 0.075 0 3  1 
1.670 1.800  . 5.600 11554 . . 3071 . 96.300 . . . . 0.108 . . . . . . . . 3.800 0.108 . . 10.300 . 0.065 0 4  1 
1.800 1.980  . 6.200 10727 . . 2866 . 97.400 . . . . 0.093 . . . . . . . . 3.700 0.093 . . 11.900 . 0.056 0 5  1 
1.980 2.210  . 6.400 9653  . . 2594 . 98.200 . . . . 0.085 . . . . . . . . 3.700 0.085 . . 13.300 . 0.051 0 6  1 
2.210 2.550  . 6.700 8584  . . 2299 . 97.700 . . . . 0.083 . . . . . . . . 3.700 0.083 . . 14.000 . 0.050 0 7  1 
2.550 3.130  . 5.800 7368  . . 1958 . 98.400 . . . . 0.083 . . . . . . . . 3.800 0.083 . . 15.000 . 0.050 0 8  1 
3.130 4.420  . 7.600 5541  . . 1511 . 97.100 . . . . 0.074 . . . . . . . . 3.700 0.074 . . 15.700 . 0.045 0 9  1 
4.420 21.676 . 7.700 2797  . . 780  . 90.000 . . . . 0.072 . . . . . . . . 3.600 0.072 . . 15.200 . 0.044 0 10 1 
# 
_refine.aniso_B[1][1]                            -0.2700 
_refine.aniso_B[1][2]                            -0.0000 
_refine.aniso_B[1][3]                            -0.1100 
_refine.aniso_B[2][2]                            0.6400 
_refine.aniso_B[2][3]                            0.0000 
_refine.aniso_B[3][3]                            -0.1900 
_refine.B_iso_max                                60.630 
_refine.B_iso_mean                               12.8750 
_refine.B_iso_min                                4.640 
_refine.correlation_coeff_Fo_to_Fc               0.9700 
_refine.correlation_coeff_Fo_to_Fc_free          0.9620 
_refine.details                                  'HYDROGENS HAVE BEEN ADDED IN THE RIDING POSITIONS' 
_refine.diff_density_max                         . 
_refine.diff_density_max_esd                     . 
_refine.diff_density_min                         . 
_refine.diff_density_min_esd                     . 
_refine.diff_density_rms                         . 
_refine.diff_density_rms_esd                     . 
_refine.entry_id                                 4P6A 
_refine.pdbx_refine_id                           'X-RAY DIFFRACTION' 
_refine.ls_abs_structure_details                 . 
_refine.ls_abs_structure_Flack                   . 
_refine.ls_abs_structure_Flack_esd               . 
_refine.ls_abs_structure_Rogers                  . 
_refine.ls_abs_structure_Rogers_esd              . 
_refine.ls_d_res_high                            1.398 
_refine.ls_d_res_low                             21.6900 
_refine.ls_extinction_coef                       . 
_refine.ls_extinction_coef_esd                   . 
_refine.ls_extinction_expression                 . 
_refine.ls_extinction_method                     . 
_refine.ls_goodness_of_fit_all                   . 
_refine.ls_goodness_of_fit_all_esd               . 
_refine.ls_goodness_of_fit_obs                   . 
_refine.ls_goodness_of_fit_obs_esd               . 
_refine.ls_hydrogen_treatment                    . 
_refine.ls_matrix_type                           . 
_refine.ls_number_constraints                    . 
_refine.ls_number_parameters                     . 
_refine.ls_number_reflns_all                     . 
_refine.ls_number_reflns_obs                     25396 
_refine.ls_number_reflns_R_free                  2556 
_refine.ls_number_reflns_R_work                  22840 
_refine.ls_number_restraints                     . 
_refine.ls_percent_reflns_obs                    95.8400 
_refine.ls_percent_reflns_R_free                 10.1000 
_refine.ls_R_factor_all                          . 
_refine.ls_R_factor_obs                          0.1437 
_refine.ls_R_factor_R_free                       0.1692 
_refine.ls_R_factor_R_free_error                 . 
_refine.ls_R_factor_R_free_error_details         . 
_refine.ls_R_factor_R_work                       0.1408 
_refine.ls_R_Fsqd_factor_obs                     . 
_refine.ls_R_I_factor_obs                        . 
_refine.ls_redundancy_reflns_all                 . 
_refine.ls_redundancy_reflns_obs                 . 
_refine.ls_restrained_S_all                      . 
_refine.ls_restrained_S_obs                      . 
_refine.ls_shift_over_esd_max                    . 
_refine.ls_shift_over_esd_mean                   . 
_refine.ls_structure_factor_coef                 . 
_refine.ls_weighting_details                     . 
_refine.ls_weighting_scheme                      . 
_refine.ls_wR_factor_all                         . 
_refine.ls_wR_factor_obs                         . 
_refine.ls_wR_factor_R_free                      . 
_refine.ls_wR_factor_R_work                      . 
_refine.occupancy_max                            . 
_refine.occupancy_min                            . 
_refine.solvent_model_details                    MASK 
_refine.solvent_model_param_bsol                 . 
_refine.solvent_model_param_ksol                 . 
_refine.ls_R_factor_gt                           . 
_refine.ls_goodness_of_fit_gt                    . 
_refine.ls_goodness_of_fit_ref                   . 
_refine.ls_shift_over_su_max                     . 
_refine.ls_shift_over_su_max_lt                  . 
_refine.ls_shift_over_su_mean                    . 
_refine.ls_shift_over_su_mean_lt                 . 
_refine.pdbx_ls_sigma_I                          . 
_refine.pdbx_ls_sigma_F                          0.000 
_refine.pdbx_ls_sigma_Fsqd                       . 
_refine.pdbx_data_cutoff_high_absF               . 
_refine.pdbx_data_cutoff_high_rms_absF           . 
_refine.pdbx_data_cutoff_low_absF                . 
_refine.pdbx_isotropic_thermal_model             . 
_refine.pdbx_ls_cross_valid_method               THROUGHOUT 
_refine.pdbx_method_to_determine_struct          . 
_refine.pdbx_starting_model                      . 
_refine.pdbx_stereochemistry_target_values       'MAXIMUM LIKELIHOOD' 
_refine.pdbx_R_Free_selection_details            RANDOM 
_refine.pdbx_stereochem_target_val_spec_case     . 
_refine.pdbx_overall_ESU_R                       0.0550 
_refine.pdbx_overall_ESU_R_Free                  0.0580 
_refine.pdbx_solvent_vdw_probe_radii             1.2000 
_refine.pdbx_solvent_ion_probe_radii             0.8000 
_refine.pdbx_solvent_shrinkage_radii             0.8000 
_refine.pdbx_real_space_R                        . 
_refine.pdbx_density_correlation                 . 
_refine.pdbx_pd_number_of_powder_patterns        . 
_refine.pdbx_pd_number_of_points                 . 
_refine.pdbx_pd_meas_number_of_points            . 
_refine.pdbx_pd_proc_ls_prof_R_factor            . 
_refine.pdbx_pd_proc_ls_prof_wR_factor           . 
_refine.pdbx_pd_Marquardt_correlation_coeff      . 
_refine.pdbx_pd_Fsqrd_R_factor                   . 
_refine.pdbx_pd_ls_matrix_band_width             . 
_refine.pdbx_overall_phase_error                 . 
_refine.pdbx_overall_SU_R_free_Cruickshank_DPI   . 
_refine.pdbx_overall_SU_R_free_Blow_DPI          . 
_refine.pdbx_overall_SU_R_Blow_DPI               . 
_refine.pdbx_TLS_residual_ADP_flag               . 
_refine.pdbx_diffrn_id                           1 
_refine.overall_SU_B                             0.6790 
_refine.overall_SU_ML                            0.0280 
_refine.overall_SU_R_Cruickshank_DPI             . 
_refine.overall_SU_R_free                        . 
_refine.overall_FOM_free_R_set                   . 
_refine.overall_FOM_work_R_set                   . 
# 
_refine_hist.cycle_id                         final 
_refine_hist.pdbx_refine_id                   'X-RAY DIFFRACTION' 
_refine_hist.d_res_high                       1.398 
_refine_hist.d_res_low                        21.6900 
_refine_hist.pdbx_number_atoms_ligand         204 
_refine_hist.number_atoms_solvent             174 
_refine_hist.number_atoms_total               1264 
_refine_hist.pdbx_number_residues_total       114 
_refine_hist.pdbx_B_iso_mean_ligand           19.64 
_refine_hist.pdbx_B_iso_mean_solvent          29.82 
_refine_hist.pdbx_number_atoms_protein        886 
_refine_hist.pdbx_number_atoms_nucleic_acid   0 
# 
loop_
_refine_ls_restr.pdbx_refine_id 
_refine_ls_restr.criterion 
_refine_ls_restr.dev_ideal 
_refine_ls_restr.dev_ideal_target 
_refine_ls_restr.number 
_refine_ls_restr.rejects 
_refine_ls_restr.type 
_refine_ls_restr.weight 
_refine_ls_restr.pdbx_restraint_function 
'X-RAY DIFFRACTION' . 0.019  0.020  1125 . r_bond_refined_d       . . 
'X-RAY DIFFRACTION' . 0.001  0.020  919  . r_bond_other_d         . . 
'X-RAY DIFFRACTION' . 2.235  2.138  1560 . r_angle_refined_deg    . . 
'X-RAY DIFFRACTION' . 0.909  3.002  2152 . r_angle_other_deg      . . 
'X-RAY DIFFRACTION' . 6.274  5.000  113  . r_dihedral_angle_1_deg . . 
'X-RAY DIFFRACTION' . 33.020 24.400 50   . r_dihedral_angle_2_deg . . 
'X-RAY DIFFRACTION' . 10.787 15.000 122  . r_dihedral_angle_3_deg . . 
'X-RAY DIFFRACTION' . 12.797 15.000 6    . r_dihedral_angle_4_deg . . 
'X-RAY DIFFRACTION' . 0.113  0.200  214  . r_chiral_restr         . . 
'X-RAY DIFFRACTION' . 0.011  0.020  1118 . r_gen_planes_refined   . . 
'X-RAY DIFFRACTION' . 0.001  0.020  248  . r_gen_planes_other     . . 
# 
_refine_ls_shell.pdbx_refine_id                   'X-RAY DIFFRACTION' 
_refine_ls_shell.d_res_high                       1.3980 
_refine_ls_shell.d_res_low                        1.4340 
_refine_ls_shell.number_reflns_all                1801 
_refine_ls_shell.number_reflns_obs                . 
_refine_ls_shell.number_reflns_R_free             182 
_refine_ls_shell.number_reflns_R_work             1619 
_refine_ls_shell.percent_reflns_obs               91.7000 
_refine_ls_shell.percent_reflns_R_free            . 
_refine_ls_shell.R_factor_all                     . 
_refine_ls_shell.R_factor_obs                     . 
_refine_ls_shell.R_factor_R_free                  0.2160 
_refine_ls_shell.R_factor_R_free_error            . 
_refine_ls_shell.R_factor_R_work                  0.1800 
_refine_ls_shell.redundancy_reflns_all            . 
_refine_ls_shell.redundancy_reflns_obs            . 
_refine_ls_shell.wR_factor_all                    . 
_refine_ls_shell.wR_factor_obs                    . 
_refine_ls_shell.wR_factor_R_free                 . 
_refine_ls_shell.wR_factor_R_work                 . 
_refine_ls_shell.pdbx_total_number_of_bins_used   20 
_refine_ls_shell.pdbx_phase_error                 . 
# 
_struct.entry_id                     4P6A 
_struct.title                        
'Crystal structure of a potent anti-HIV lectin actinohivin in complex with alpha-1,2-mannotriose' 
_struct.pdbx_model_details           . 
_struct.pdbx_formula_weight          . 
_struct.pdbx_formula_weight_method   . 
_struct.pdbx_model_type_details      . 
_struct.pdbx_CASP_flag               . 
# 
_struct_keywords.entry_id        4P6A 
_struct_keywords.text            'Actinohivin, anti-HIV lectin, high-mannose type glycan, SUGAR BINDING PROTEIN' 
_struct_keywords.pdbx_keywords   'SUGAR BINDING PROTEIN' 
# 
loop_
_struct_asym.id 
_struct_asym.pdbx_blank_PDB_chainid_flag 
_struct_asym.pdbx_modified 
_struct_asym.entity_id 
_struct_asym.details 
A N N 1 ? 
B N N 2 ? 
C N N 2 ? 
D N N 2 ? 
E N N 3 ? 
# 
_struct_ref.id                         1 
_struct_ref.db_name                    UNP 
_struct_ref.db_code                    AHV_ACTSK 
_struct_ref.pdbx_db_accession          Q9KWN0 
_struct_ref.entity_id                  1 
_struct_ref.pdbx_seq_one_letter_code   
;ASVTIRNAQTGRLLDSNYNGNVYTLPANGGNYQRWTGPGDGTVRNAQTGRCLDSNYDGAVYTLPCNGGSYQKWLFYSNGY
IQNVETGRVLDSNYNGNVYTLPANGGNYQKWYTG
;
_struct_ref.pdbx_align_begin           47 
_struct_ref.pdbx_db_isoform            ? 
# 
_struct_ref_seq.align_id                      1 
_struct_ref_seq.ref_id                        1 
_struct_ref_seq.pdbx_PDB_id_code              4P6A 
_struct_ref_seq.pdbx_strand_id                A 
_struct_ref_seq.seq_align_beg                 1 
_struct_ref_seq.pdbx_seq_align_beg_ins_code   ? 
_struct_ref_seq.seq_align_end                 114 
_struct_ref_seq.pdbx_seq_align_end_ins_code   ? 
_struct_ref_seq.pdbx_db_accession             Q9KWN0 
_struct_ref_seq.db_align_beg                  47 
_struct_ref_seq.pdbx_db_align_beg_ins_code    ? 
_struct_ref_seq.db_align_end                  160 
_struct_ref_seq.pdbx_db_align_end_ins_code    ? 
_struct_ref_seq.pdbx_auth_seq_align_beg       1 
_struct_ref_seq.pdbx_auth_seq_align_end       114 
# 
_pdbx_struct_assembly.id                   1 
_pdbx_struct_assembly.details              author_and_software_defined_assembly 
_pdbx_struct_assembly.method_details       PISA 
_pdbx_struct_assembly.oligomeric_details   monomeric 
_pdbx_struct_assembly.oligomeric_count     1 
# 
loop_
_pdbx_struct_assembly_prop.biol_id 
_pdbx_struct_assembly_prop.type 
_pdbx_struct_assembly_prop.value 
_pdbx_struct_assembly_prop.details 
1 'ABSA (A^2)' 2760 ? 
1 MORE         28   ? 
1 'SSA (A^2)'  5370 ? 
# 
_pdbx_struct_assembly_gen.assembly_id       1 
_pdbx_struct_assembly_gen.oper_expression   1 
_pdbx_struct_assembly_gen.asym_id_list      A,B,C,D,E 
# 
_pdbx_struct_oper_list.id                   1 
_pdbx_struct_oper_list.type                 'identity operation' 
_pdbx_struct_oper_list.name                 1_555 
_pdbx_struct_oper_list.symmetry_operation   x,y,z 
_pdbx_struct_oper_list.matrix[1][1]         1.0000000000 
_pdbx_struct_oper_list.matrix[1][2]         0.0000000000 
_pdbx_struct_oper_list.matrix[1][3]         0.0000000000 
_pdbx_struct_oper_list.vector[1]            0.0000000000 
_pdbx_struct_oper_list.matrix[2][1]         0.0000000000 
_pdbx_struct_oper_list.matrix[2][2]         1.0000000000 
_pdbx_struct_oper_list.matrix[2][3]         0.0000000000 
_pdbx_struct_oper_list.vector[2]            0.0000000000 
_pdbx_struct_oper_list.matrix[3][1]         0.0000000000 
_pdbx_struct_oper_list.matrix[3][2]         0.0000000000 
_pdbx_struct_oper_list.matrix[3][3]         1.0000000000 
_pdbx_struct_oper_list.vector[3]            0.0000000000 
# 
_struct_biol.details                      Monomer 
_struct_biol.id                           1 
_struct_biol.pdbx_parent_biol_id          . 
_struct_biol.pdbx_formula_weight          . 
_struct_biol.pdbx_formula_weight_method   . 
_struct_biol.pdbx_aggregation_state       . 
_struct_biol.pdbx_assembly_method         . 
# 
loop_
_struct_conf.conf_type_id 
_struct_conf.id 
_struct_conf.pdbx_PDB_helix_id 
_struct_conf.beg_label_comp_id 
_struct_conf.beg_label_asym_id 
_struct_conf.beg_label_seq_id 
_struct_conf.pdbx_beg_PDB_ins_code 
_struct_conf.end_label_comp_id 
_struct_conf.end_label_asym_id 
_struct_conf.end_label_seq_id 
_struct_conf.pdbx_end_PDB_ins_code 
_struct_conf.beg_auth_comp_id 
_struct_conf.beg_auth_asym_id 
_struct_conf.beg_auth_seq_id 
_struct_conf.end_auth_comp_id 
_struct_conf.end_auth_asym_id 
_struct_conf.end_auth_seq_id 
_struct_conf.pdbx_PDB_helix_class 
_struct_conf.details 
_struct_conf.pdbx_PDB_helix_length 
HELX_P HELX_P1 AA1 GLY A 30  ? GLN A 33  ? GLY A 30  GLN A 33  5 ? 4 
HELX_P HELX_P2 AA2 GLY A 68  ? GLN A 71  ? GLY A 68  GLN A 71  5 ? 4 
HELX_P HELX_P3 AA3 GLY A 106 ? GLN A 109 ? GLY A 106 GLN A 109 5 ? 4 
# 
_struct_conf_type.id          HELX_P 
_struct_conf_type.criteria    ? 
_struct_conf_type.reference   ? 
# 
loop_
_struct_conn.id 
_struct_conn.conn_type_id 
_struct_conn.pdbx_leaving_atom_flag 
_struct_conn.pdbx_PDB_id 
_struct_conn.ptnr1_label_asym_id 
_struct_conn.ptnr1_label_comp_id 
_struct_conn.ptnr1_label_seq_id 
_struct_conn.ptnr1_label_atom_id 
_struct_conn.pdbx_ptnr1_label_alt_id 
_struct_conn.pdbx_ptnr1_PDB_ins_code 
_struct_conn.pdbx_ptnr1_standard_comp_id 
_struct_conn.ptnr1_symmetry 
_struct_conn.ptnr2_label_asym_id 
_struct_conn.ptnr2_label_comp_id 
_struct_conn.ptnr2_label_seq_id 
_struct_conn.ptnr2_label_atom_id 
_struct_conn.pdbx_ptnr2_label_alt_id 
_struct_conn.pdbx_ptnr2_PDB_ins_code 
_struct_conn.ptnr1_auth_asym_id 
_struct_conn.ptnr1_auth_comp_id 
_struct_conn.ptnr1_auth_seq_id 
_struct_conn.ptnr2_auth_asym_id 
_struct_conn.ptnr2_auth_comp_id 
_struct_conn.ptnr2_auth_seq_id 
_struct_conn.ptnr2_symmetry 
_struct_conn.pdbx_ptnr3_label_atom_id 
_struct_conn.pdbx_ptnr3_label_seq_id 
_struct_conn.pdbx_ptnr3_label_comp_id 
_struct_conn.pdbx_ptnr3_label_asym_id 
_struct_conn.pdbx_ptnr3_label_alt_id 
_struct_conn.pdbx_ptnr3_PDB_ins_code 
_struct_conn.details 
_struct_conn.pdbx_dist_value 
_struct_conn.pdbx_value_order 
_struct_conn.pdbx_role 
disulf1  disulf ?    ? A CYS 51 SG ? ? ? 1_555 A CYS 65 SG ? ? A CYS 51 A CYS 65 1_555 ? ? ? ? ? ? ? 1.947 ? ? 
covale1  covale both ? B MAN .  O2 A ? ? 1_555 B MAN .  C1 A ? B MAN 1  B MAN 2  1_555 ? ? ? ? ? ? ? 1.426 ? ? 
covale2  covale both ? B MAN .  O2 B ? ? 1_555 B MAN .  C1 B ? B MAN 1  B MAN 2  1_555 ? ? ? ? ? ? ? 1.457 ? ? 
covale3  covale both ? B MAN .  O2 A ? ? 1_555 B MAN .  C1 A ? B MAN 2  B MAN 3  1_555 ? ? ? ? ? ? ? 1.450 ? ? 
covale4  covale both ? B MAN .  O2 B ? ? 1_555 B MAN .  C1 B ? B MAN 2  B MAN 3  1_555 ? ? ? ? ? ? ? 1.436 ? ? 
covale5  covale both ? C MAN .  O2 A ? ? 1_555 C MAN .  C1 A ? C MAN 1  C MAN 2  1_555 ? ? ? ? ? ? ? 1.425 ? ? 
covale6  covale both ? C MAN .  O2 B ? ? 1_555 C MAN .  C1 B ? C MAN 1  C MAN 2  1_555 ? ? ? ? ? ? ? 1.448 ? ? 
covale7  covale both ? C MAN .  O2 A ? ? 1_555 C MAN .  C1 A ? C MAN 2  C MAN 3  1_555 ? ? ? ? ? ? ? 1.436 ? ? 
covale8  covale both ? C MAN .  O2 B ? ? 1_555 C MAN .  C1 B ? C MAN 2  C MAN 3  1_555 ? ? ? ? ? ? ? 1.438 ? ? 
covale9  covale both ? D MAN .  O2 A ? ? 1_555 D MAN .  C1 A ? D MAN 1  D MAN 2  1_555 ? ? ? ? ? ? ? 1.450 ? ? 
covale10 covale both ? D MAN .  O2 B ? ? 1_555 D MAN .  C1 B ? D MAN 1  D MAN 2  1_555 ? ? ? ? ? ? ? 1.427 ? ? 
covale11 covale both ? D MAN .  O2 A ? ? 1_555 D MAN .  C1 A ? D MAN 2  D MAN 3  1_555 ? ? ? ? ? ? ? 1.416 ? ? 
covale12 covale both ? D MAN .  O2 B ? ? 1_555 D MAN .  C1 B ? D MAN 2  D MAN 3  1_555 ? ? ? ? ? ? ? 1.430 ? ? 
# 
loop_
_struct_conn_type.id 
_struct_conn_type.criteria 
_struct_conn_type.reference 
disulf ? ? 
covale ? ? 
# 
_pdbx_modification_feature.ordinal                            1 
_pdbx_modification_feature.label_comp_id                      CYS 
_pdbx_modification_feature.label_asym_id                      A 
_pdbx_modification_feature.label_seq_id                       51 
_pdbx_modification_feature.label_alt_id                       ? 
_pdbx_modification_feature.modified_residue_label_comp_id     CYS 
_pdbx_modification_feature.modified_residue_label_asym_id     A 
_pdbx_modification_feature.modified_residue_label_seq_id      65 
_pdbx_modification_feature.modified_residue_label_alt_id      ? 
_pdbx_modification_feature.auth_comp_id                       CYS 
_pdbx_modification_feature.auth_asym_id                       A 
_pdbx_modification_feature.auth_seq_id                        51 
_pdbx_modification_feature.PDB_ins_code                       ? 
_pdbx_modification_feature.symmetry                           1_555 
_pdbx_modification_feature.modified_residue_auth_comp_id      CYS 
_pdbx_modification_feature.modified_residue_auth_asym_id      A 
_pdbx_modification_feature.modified_residue_auth_seq_id       65 
_pdbx_modification_feature.modified_residue_PDB_ins_code      ? 
_pdbx_modification_feature.modified_residue_symmetry          1_555 
_pdbx_modification_feature.comp_id_linking_atom               SG 
_pdbx_modification_feature.modified_residue_id_linking_atom   SG 
_pdbx_modification_feature.modified_residue_id                . 
_pdbx_modification_feature.ref_pcm_id                         . 
_pdbx_modification_feature.ref_comp_id                        . 
_pdbx_modification_feature.type                               None 
_pdbx_modification_feature.category                           'Disulfide bridge' 
# 
loop_
_struct_sheet.id 
_struct_sheet.type 
_struct_sheet.number_strands 
_struct_sheet.details 
AA1 ? 2 ? 
AA2 ? 2 ? 
AA3 ? 2 ? 
AA4 ? 2 ? 
AA5 ? 2 ? 
AA6 ? 2 ? 
# 
loop_
_struct_sheet_order.sheet_id 
_struct_sheet_order.range_id_1 
_struct_sheet_order.range_id_2 
_struct_sheet_order.offset 
_struct_sheet_order.sense 
AA1 1 2 ? anti-parallel 
AA2 1 2 ? anti-parallel 
AA3 1 2 ? anti-parallel 
AA4 1 2 ? anti-parallel 
AA5 1 2 ? anti-parallel 
AA6 1 2 ? anti-parallel 
# 
loop_
_struct_sheet_range.sheet_id 
_struct_sheet_range.id 
_struct_sheet_range.beg_label_comp_id 
_struct_sheet_range.beg_label_asym_id 
_struct_sheet_range.beg_label_seq_id 
_struct_sheet_range.pdbx_beg_PDB_ins_code 
_struct_sheet_range.end_label_comp_id 
_struct_sheet_range.end_label_asym_id 
_struct_sheet_range.end_label_seq_id 
_struct_sheet_range.pdbx_end_PDB_ins_code 
_struct_sheet_range.beg_auth_comp_id 
_struct_sheet_range.beg_auth_asym_id 
_struct_sheet_range.beg_auth_seq_id 
_struct_sheet_range.end_auth_comp_id 
_struct_sheet_range.end_auth_asym_id 
_struct_sheet_range.end_auth_seq_id 
AA1 1 ILE A 5   ? ASN A 7   ? ILE A 5   ASN A 7   
AA1 2 TRP A 111 ? THR A 113 ? TRP A 111 THR A 113 
AA2 1 LEU A 13  ? SER A 16  ? LEU A 13  SER A 16  
AA2 2 VAL A 22  ? LEU A 25  ? VAL A 22  LEU A 25  
AA3 1 TRP A 35  ? THR A 36  ? TRP A 35  THR A 36  
AA3 2 ARG A 44  ? ASN A 45  ? ARG A 44  ASN A 45  
AA4 1 CYS A 51  ? SER A 54  ? CYS A 51  SER A 54  
AA4 2 VAL A 60  ? LEU A 63  ? VAL A 60  LEU A 63  
AA5 1 TRP A 73  ? PHE A 75  ? TRP A 73  PHE A 75  
AA5 2 ILE A 81  ? ASN A 83  ? ILE A 81  ASN A 83  
AA6 1 VAL A 89  ? SER A 92  ? VAL A 89  SER A 92  
AA6 2 VAL A 98  ? LEU A 101 ? VAL A 98  LEU A 101 
# 
loop_
_pdbx_struct_sheet_hbond.sheet_id 
_pdbx_struct_sheet_hbond.range_id_1 
_pdbx_struct_sheet_hbond.range_id_2 
_pdbx_struct_sheet_hbond.range_1_label_atom_id 
_pdbx_struct_sheet_hbond.range_1_label_comp_id 
_pdbx_struct_sheet_hbond.range_1_label_asym_id 
_pdbx_struct_sheet_hbond.range_1_label_seq_id 
_pdbx_struct_sheet_hbond.range_1_PDB_ins_code 
_pdbx_struct_sheet_hbond.range_1_auth_atom_id 
_pdbx_struct_sheet_hbond.range_1_auth_comp_id 
_pdbx_struct_sheet_hbond.range_1_auth_asym_id 
_pdbx_struct_sheet_hbond.range_1_auth_seq_id 
_pdbx_struct_sheet_hbond.range_2_label_atom_id 
_pdbx_struct_sheet_hbond.range_2_label_comp_id 
_pdbx_struct_sheet_hbond.range_2_label_asym_id 
_pdbx_struct_sheet_hbond.range_2_label_seq_id 
_pdbx_struct_sheet_hbond.range_2_PDB_ins_code 
_pdbx_struct_sheet_hbond.range_2_auth_atom_id 
_pdbx_struct_sheet_hbond.range_2_auth_comp_id 
_pdbx_struct_sheet_hbond.range_2_auth_asym_id 
_pdbx_struct_sheet_hbond.range_2_auth_seq_id 
AA1 1 2 N ARG A 6  ? N ARG A 6  O TYR A 112 ? O TYR A 112 
AA2 1 2 N LEU A 13 ? N LEU A 13 O LEU A 25  ? O LEU A 25  
AA3 1 2 N THR A 36 ? N THR A 36 O ARG A 44  ? O ARG A 44  
AA4 1 2 N CYS A 51 ? N CYS A 51 O LEU A 63  ? O LEU A 63  
AA5 1 2 N LEU A 74 ? N LEU A 74 O GLN A 82  ? O GLN A 82  
AA6 1 2 N VAL A 89 ? N VAL A 89 O LEU A 101 ? O LEU A 101 
# 
_pdbx_entry_details.entry_id                   4P6A 
_pdbx_entry_details.compound_details           ? 
_pdbx_entry_details.source_details             ? 
_pdbx_entry_details.nonpolymer_details         ? 
_pdbx_entry_details.sequence_details           ? 
_pdbx_entry_details.has_ligand_of_interest     ? 
_pdbx_entry_details.has_protein_modification   Y 
# 
loop_
_pdbx_validate_close_contact.id 
_pdbx_validate_close_contact.PDB_model_num 
_pdbx_validate_close_contact.auth_atom_id_1 
_pdbx_validate_close_contact.auth_asym_id_1 
_pdbx_validate_close_contact.auth_comp_id_1 
_pdbx_validate_close_contact.auth_seq_id_1 
_pdbx_validate_close_contact.PDB_ins_code_1 
_pdbx_validate_close_contact.label_alt_id_1 
_pdbx_validate_close_contact.auth_atom_id_2 
_pdbx_validate_close_contact.auth_asym_id_2 
_pdbx_validate_close_contact.auth_comp_id_2 
_pdbx_validate_close_contact.auth_seq_id_2 
_pdbx_validate_close_contact.PDB_ins_code_2 
_pdbx_validate_close_contact.label_alt_id_2 
_pdbx_validate_close_contact.dist 
1 1 O A HOH 473 ? ? O A HOH 474 ? ? 1.51 
2 1 O A HOH 355 ? ? O A HOH 364 ? ? 1.97 
3 1 O A HOH 341 ? ? O A HOH 454 ? ? 2.02 
4 1 O A HOH 322 ? ? O A HOH 345 ? ? 2.04 
5 1 O A HOH 325 ? ? O A HOH 367 ? ? 2.07 
6 1 O A HOH 471 ? ? O A HOH 472 ? ? 2.08 
7 1 O A HOH 415 ? ? O A HOH 469 ? ? 2.12 
8 1 O A HOH 322 ? ? O A HOH 387 ? ? 2.17 
# 
loop_
_pdbx_validate_symm_contact.id 
_pdbx_validate_symm_contact.PDB_model_num 
_pdbx_validate_symm_contact.auth_atom_id_1 
_pdbx_validate_symm_contact.auth_asym_id_1 
_pdbx_validate_symm_contact.auth_comp_id_1 
_pdbx_validate_symm_contact.auth_seq_id_1 
_pdbx_validate_symm_contact.PDB_ins_code_1 
_pdbx_validate_symm_contact.label_alt_id_1 
_pdbx_validate_symm_contact.site_symmetry_1 
_pdbx_validate_symm_contact.auth_atom_id_2 
_pdbx_validate_symm_contact.auth_asym_id_2 
_pdbx_validate_symm_contact.auth_comp_id_2 
_pdbx_validate_symm_contact.auth_seq_id_2 
_pdbx_validate_symm_contact.PDB_ins_code_2 
_pdbx_validate_symm_contact.label_alt_id_2 
_pdbx_validate_symm_contact.site_symmetry_2 
_pdbx_validate_symm_contact.dist 
1 1 O A HOH 352 ? ? 1_555 O A HOH 369 ? ? 1_565 1.90 
2 1 O A HOH 401 ? ? 1_555 O A HOH 453 ? ? 1_565 2.18 
3 1 O A HOH 377 ? ? 1_555 O A HOH 391 ? ? 1_545 2.19 
# 
_pdbx_validate_rmsd_angle.id                         1 
_pdbx_validate_rmsd_angle.PDB_model_num              1 
_pdbx_validate_rmsd_angle.auth_atom_id_1             NE 
_pdbx_validate_rmsd_angle.auth_asym_id_1             A 
_pdbx_validate_rmsd_angle.auth_comp_id_1             ARG 
_pdbx_validate_rmsd_angle.auth_seq_id_1              12 
_pdbx_validate_rmsd_angle.PDB_ins_code_1             ? 
_pdbx_validate_rmsd_angle.label_alt_id_1             ? 
_pdbx_validate_rmsd_angle.auth_atom_id_2             CZ 
_pdbx_validate_rmsd_angle.auth_asym_id_2             A 
_pdbx_validate_rmsd_angle.auth_comp_id_2             ARG 
_pdbx_validate_rmsd_angle.auth_seq_id_2              12 
_pdbx_validate_rmsd_angle.PDB_ins_code_2             ? 
_pdbx_validate_rmsd_angle.label_alt_id_2             ? 
_pdbx_validate_rmsd_angle.auth_atom_id_3             NH1 
_pdbx_validate_rmsd_angle.auth_asym_id_3             A 
_pdbx_validate_rmsd_angle.auth_comp_id_3             ARG 
_pdbx_validate_rmsd_angle.auth_seq_id_3              12 
_pdbx_validate_rmsd_angle.PDB_ins_code_3             ? 
_pdbx_validate_rmsd_angle.label_alt_id_3             ? 
_pdbx_validate_rmsd_angle.angle_value                116.38 
_pdbx_validate_rmsd_angle.angle_target_value         120.30 
_pdbx_validate_rmsd_angle.angle_deviation            -3.92 
_pdbx_validate_rmsd_angle.angle_standard_deviation   0.50 
_pdbx_validate_rmsd_angle.linker_flag                N 
# 
loop_
_pdbx_struct_special_symmetry.id 
_pdbx_struct_special_symmetry.PDB_model_num 
_pdbx_struct_special_symmetry.auth_asym_id 
_pdbx_struct_special_symmetry.auth_comp_id 
_pdbx_struct_special_symmetry.auth_seq_id 
_pdbx_struct_special_symmetry.PDB_ins_code 
_pdbx_struct_special_symmetry.label_asym_id 
_pdbx_struct_special_symmetry.label_comp_id 
_pdbx_struct_special_symmetry.label_seq_id 
1 1 A HOH 312 ? E HOH . 
2 1 A HOH 358 ? E HOH . 
3 1 A HOH 368 ? E HOH . 
# 
loop_
_chem_comp_atom.comp_id 
_chem_comp_atom.atom_id 
_chem_comp_atom.type_symbol 
_chem_comp_atom.pdbx_aromatic_flag 
_chem_comp_atom.pdbx_stereo_config 
_chem_comp_atom.pdbx_ordinal 
ALA N    N N N 1   
ALA CA   C N S 2   
ALA C    C N N 3   
ALA O    O N N 4   
ALA CB   C N N 5   
ALA OXT  O N N 6   
ALA H    H N N 7   
ALA H2   H N N 8   
ALA HA   H N N 9   
ALA HB1  H N N 10  
ALA HB2  H N N 11  
ALA HB3  H N N 12  
ALA HXT  H N N 13  
ARG N    N N N 14  
ARG CA   C N S 15  
ARG C    C N N 16  
ARG O    O N N 17  
ARG CB   C N N 18  
ARG CG   C N N 19  
ARG CD   C N N 20  
ARG NE   N N N 21  
ARG CZ   C N N 22  
ARG NH1  N N N 23  
ARG NH2  N N N 24  
ARG OXT  O N N 25  
ARG H    H N N 26  
ARG H2   H N N 27  
ARG HA   H N N 28  
ARG HB2  H N N 29  
ARG HB3  H N N 30  
ARG HG2  H N N 31  
ARG HG3  H N N 32  
ARG HD2  H N N 33  
ARG HD3  H N N 34  
ARG HE   H N N 35  
ARG HH11 H N N 36  
ARG HH12 H N N 37  
ARG HH21 H N N 38  
ARG HH22 H N N 39  
ARG HXT  H N N 40  
ASN N    N N N 41  
ASN CA   C N S 42  
ASN C    C N N 43  
ASN O    O N N 44  
ASN CB   C N N 45  
ASN CG   C N N 46  
ASN OD1  O N N 47  
ASN ND2  N N N 48  
ASN OXT  O N N 49  
ASN H    H N N 50  
ASN H2   H N N 51  
ASN HA   H N N 52  
ASN HB2  H N N 53  
ASN HB3  H N N 54  
ASN HD21 H N N 55  
ASN HD22 H N N 56  
ASN HXT  H N N 57  
ASP N    N N N 58  
ASP CA   C N S 59  
ASP C    C N N 60  
ASP O    O N N 61  
ASP CB   C N N 62  
ASP CG   C N N 63  
ASP OD1  O N N 64  
ASP OD2  O N N 65  
ASP OXT  O N N 66  
ASP H    H N N 67  
ASP H2   H N N 68  
ASP HA   H N N 69  
ASP HB2  H N N 70  
ASP HB3  H N N 71  
ASP HD2  H N N 72  
ASP HXT  H N N 73  
CYS N    N N N 74  
CYS CA   C N R 75  
CYS C    C N N 76  
CYS O    O N N 77  
CYS CB   C N N 78  
CYS SG   S N N 79  
CYS OXT  O N N 80  
CYS H    H N N 81  
CYS H2   H N N 82  
CYS HA   H N N 83  
CYS HB2  H N N 84  
CYS HB3  H N N 85  
CYS HG   H N N 86  
CYS HXT  H N N 87  
GLN N    N N N 88  
GLN CA   C N S 89  
GLN C    C N N 90  
GLN O    O N N 91  
GLN CB   C N N 92  
GLN CG   C N N 93  
GLN CD   C N N 94  
GLN OE1  O N N 95  
GLN NE2  N N N 96  
GLN OXT  O N N 97  
GLN H    H N N 98  
GLN H2   H N N 99  
GLN HA   H N N 100 
GLN HB2  H N N 101 
GLN HB3  H N N 102 
GLN HG2  H N N 103 
GLN HG3  H N N 104 
GLN HE21 H N N 105 
GLN HE22 H N N 106 
GLN HXT  H N N 107 
GLU N    N N N 108 
GLU CA   C N S 109 
GLU C    C N N 110 
GLU O    O N N 111 
GLU CB   C N N 112 
GLU CG   C N N 113 
GLU CD   C N N 114 
GLU OE1  O N N 115 
GLU OE2  O N N 116 
GLU OXT  O N N 117 
GLU H    H N N 118 
GLU H2   H N N 119 
GLU HA   H N N 120 
GLU HB2  H N N 121 
GLU HB3  H N N 122 
GLU HG2  H N N 123 
GLU HG3  H N N 124 
GLU HE2  H N N 125 
GLU HXT  H N N 126 
GLY N    N N N 127 
GLY CA   C N N 128 
GLY C    C N N 129 
GLY O    O N N 130 
GLY OXT  O N N 131 
GLY H    H N N 132 
GLY H2   H N N 133 
GLY HA2  H N N 134 
GLY HA3  H N N 135 
GLY HXT  H N N 136 
HOH O    O N N 137 
HOH H1   H N N 138 
HOH H2   H N N 139 
ILE N    N N N 140 
ILE CA   C N S 141 
ILE C    C N N 142 
ILE O    O N N 143 
ILE CB   C N S 144 
ILE CG1  C N N 145 
ILE CG2  C N N 146 
ILE CD1  C N N 147 
ILE OXT  O N N 148 
ILE H    H N N 149 
ILE H2   H N N 150 
ILE HA   H N N 151 
ILE HB   H N N 152 
ILE HG12 H N N 153 
ILE HG13 H N N 154 
ILE HG21 H N N 155 
ILE HG22 H N N 156 
ILE HG23 H N N 157 
ILE HD11 H N N 158 
ILE HD12 H N N 159 
ILE HD13 H N N 160 
ILE HXT  H N N 161 
LEU N    N N N 162 
LEU CA   C N S 163 
LEU C    C N N 164 
LEU O    O N N 165 
LEU CB   C N N 166 
LEU CG   C N N 167 
LEU CD1  C N N 168 
LEU CD2  C N N 169 
LEU OXT  O N N 170 
LEU H    H N N 171 
LEU H2   H N N 172 
LEU HA   H N N 173 
LEU HB2  H N N 174 
LEU HB3  H N N 175 
LEU HG   H N N 176 
LEU HD11 H N N 177 
LEU HD12 H N N 178 
LEU HD13 H N N 179 
LEU HD21 H N N 180 
LEU HD22 H N N 181 
LEU HD23 H N N 182 
LEU HXT  H N N 183 
LYS N    N N N 184 
LYS CA   C N S 185 
LYS C    C N N 186 
LYS O    O N N 187 
LYS CB   C N N 188 
LYS CG   C N N 189 
LYS CD   C N N 190 
LYS CE   C N N 191 
LYS NZ   N N N 192 
LYS OXT  O N N 193 
LYS H    H N N 194 
LYS H2   H N N 195 
LYS HA   H N N 196 
LYS HB2  H N N 197 
LYS HB3  H N N 198 
LYS HG2  H N N 199 
LYS HG3  H N N 200 
LYS HD2  H N N 201 
LYS HD3  H N N 202 
LYS HE2  H N N 203 
LYS HE3  H N N 204 
LYS HZ1  H N N 205 
LYS HZ2  H N N 206 
LYS HZ3  H N N 207 
LYS HXT  H N N 208 
MAN C1   C N S 209 
MAN C2   C N S 210 
MAN C3   C N S 211 
MAN C4   C N S 212 
MAN C5   C N R 213 
MAN C6   C N N 214 
MAN O1   O N N 215 
MAN O2   O N N 216 
MAN O3   O N N 217 
MAN O4   O N N 218 
MAN O5   O N N 219 
MAN O6   O N N 220 
MAN H1   H N N 221 
MAN H2   H N N 222 
MAN H3   H N N 223 
MAN H4   H N N 224 
MAN H5   H N N 225 
MAN H61  H N N 226 
MAN H62  H N N 227 
MAN HO1  H N N 228 
MAN HO2  H N N 229 
MAN HO3  H N N 230 
MAN HO4  H N N 231 
MAN HO6  H N N 232 
PHE N    N N N 233 
PHE CA   C N S 234 
PHE C    C N N 235 
PHE O    O N N 236 
PHE CB   C N N 237 
PHE CG   C Y N 238 
PHE CD1  C Y N 239 
PHE CD2  C Y N 240 
PHE CE1  C Y N 241 
PHE CE2  C Y N 242 
PHE CZ   C Y N 243 
PHE OXT  O N N 244 
PHE H    H N N 245 
PHE H2   H N N 246 
PHE HA   H N N 247 
PHE HB2  H N N 248 
PHE HB3  H N N 249 
PHE HD1  H N N 250 
PHE HD2  H N N 251 
PHE HE1  H N N 252 
PHE HE2  H N N 253 
PHE HZ   H N N 254 
PHE HXT  H N N 255 
PRO N    N N N 256 
PRO CA   C N S 257 
PRO C    C N N 258 
PRO O    O N N 259 
PRO CB   C N N 260 
PRO CG   C N N 261 
PRO CD   C N N 262 
PRO OXT  O N N 263 
PRO H    H N N 264 
PRO HA   H N N 265 
PRO HB2  H N N 266 
PRO HB3  H N N 267 
PRO HG2  H N N 268 
PRO HG3  H N N 269 
PRO HD2  H N N 270 
PRO HD3  H N N 271 
PRO HXT  H N N 272 
SER N    N N N 273 
SER CA   C N S 274 
SER C    C N N 275 
SER O    O N N 276 
SER CB   C N N 277 
SER OG   O N N 278 
SER OXT  O N N 279 
SER H    H N N 280 
SER H2   H N N 281 
SER HA   H N N 282 
SER HB2  H N N 283 
SER HB3  H N N 284 
SER HG   H N N 285 
SER HXT  H N N 286 
THR N    N N N 287 
THR CA   C N S 288 
THR C    C N N 289 
THR O    O N N 290 
THR CB   C N R 291 
THR OG1  O N N 292 
THR CG2  C N N 293 
THR OXT  O N N 294 
THR H    H N N 295 
THR H2   H N N 296 
THR HA   H N N 297 
THR HB   H N N 298 
THR HG1  H N N 299 
THR HG21 H N N 300 
THR HG22 H N N 301 
THR HG23 H N N 302 
THR HXT  H N N 303 
TRP N    N N N 304 
TRP CA   C N S 305 
TRP C    C N N 306 
TRP O    O N N 307 
TRP CB   C N N 308 
TRP CG   C Y N 309 
TRP CD1  C Y N 310 
TRP CD2  C Y N 311 
TRP NE1  N Y N 312 
TRP CE2  C Y N 313 
TRP CE3  C Y N 314 
TRP CZ2  C Y N 315 
TRP CZ3  C Y N 316 
TRP CH2  C Y N 317 
TRP OXT  O N N 318 
TRP H    H N N 319 
TRP H2   H N N 320 
TRP HA   H N N 321 
TRP HB2  H N N 322 
TRP HB3  H N N 323 
TRP HD1  H N N 324 
TRP HE1  H N N 325 
TRP HE3  H N N 326 
TRP HZ2  H N N 327 
TRP HZ3  H N N 328 
TRP HH2  H N N 329 
TRP HXT  H N N 330 
TYR N    N N N 331 
TYR CA   C N S 332 
TYR C    C N N 333 
TYR O    O N N 334 
TYR CB   C N N 335 
TYR CG   C Y N 336 
TYR CD1  C Y N 337 
TYR CD2  C Y N 338 
TYR CE1  C Y N 339 
TYR CE2  C Y N 340 
TYR CZ   C Y N 341 
TYR OH   O N N 342 
TYR OXT  O N N 343 
TYR H    H N N 344 
TYR H2   H N N 345 
TYR HA   H N N 346 
TYR HB2  H N N 347 
TYR HB3  H N N 348 
TYR HD1  H N N 349 
TYR HD2  H N N 350 
TYR HE1  H N N 351 
TYR HE2  H N N 352 
TYR HH   H N N 353 
TYR HXT  H N N 354 
VAL N    N N N 355 
VAL CA   C N S 356 
VAL C    C N N 357 
VAL O    O N N 358 
VAL CB   C N N 359 
VAL CG1  C N N 360 
VAL CG2  C N N 361 
VAL OXT  O N N 362 
VAL H    H N N 363 
VAL H2   H N N 364 
VAL HA   H N N 365 
VAL HB   H N N 366 
VAL HG11 H N N 367 
VAL HG12 H N N 368 
VAL HG13 H N N 369 
VAL HG21 H N N 370 
VAL HG22 H N N 371 
VAL HG23 H N N 372 
VAL HXT  H N N 373 
# 
loop_
_chem_comp_bond.comp_id 
_chem_comp_bond.atom_id_1 
_chem_comp_bond.atom_id_2 
_chem_comp_bond.value_order 
_chem_comp_bond.pdbx_aromatic_flag 
_chem_comp_bond.pdbx_stereo_config 
_chem_comp_bond.pdbx_ordinal 
ALA N   CA   sing N N 1   
ALA N   H    sing N N 2   
ALA N   H2   sing N N 3   
ALA CA  C    sing N N 4   
ALA CA  CB   sing N N 5   
ALA CA  HA   sing N N 6   
ALA C   O    doub N N 7   
ALA C   OXT  sing N N 8   
ALA CB  HB1  sing N N 9   
ALA CB  HB2  sing N N 10  
ALA CB  HB3  sing N N 11  
ALA OXT HXT  sing N N 12  
ARG N   CA   sing N N 13  
ARG N   H    sing N N 14  
ARG N   H2   sing N N 15  
ARG CA  C    sing N N 16  
ARG CA  CB   sing N N 17  
ARG CA  HA   sing N N 18  
ARG C   O    doub N N 19  
ARG C   OXT  sing N N 20  
ARG CB  CG   sing N N 21  
ARG CB  HB2  sing N N 22  
ARG CB  HB3  sing N N 23  
ARG CG  CD   sing N N 24  
ARG CG  HG2  sing N N 25  
ARG CG  HG3  sing N N 26  
ARG CD  NE   sing N N 27  
ARG CD  HD2  sing N N 28  
ARG CD  HD3  sing N N 29  
ARG NE  CZ   sing N N 30  
ARG NE  HE   sing N N 31  
ARG CZ  NH1  sing N N 32  
ARG CZ  NH2  doub N N 33  
ARG NH1 HH11 sing N N 34  
ARG NH1 HH12 sing N N 35  
ARG NH2 HH21 sing N N 36  
ARG NH2 HH22 sing N N 37  
ARG OXT HXT  sing N N 38  
ASN N   CA   sing N N 39  
ASN N   H    sing N N 40  
ASN N   H2   sing N N 41  
ASN CA  C    sing N N 42  
ASN CA  CB   sing N N 43  
ASN CA  HA   sing N N 44  
ASN C   O    doub N N 45  
ASN C   OXT  sing N N 46  
ASN CB  CG   sing N N 47  
ASN CB  HB2  sing N N 48  
ASN CB  HB3  sing N N 49  
ASN CG  OD1  doub N N 50  
ASN CG  ND2  sing N N 51  
ASN ND2 HD21 sing N N 52  
ASN ND2 HD22 sing N N 53  
ASN OXT HXT  sing N N 54  
ASP N   CA   sing N N 55  
ASP N   H    sing N N 56  
ASP N   H2   sing N N 57  
ASP CA  C    sing N N 58  
ASP CA  CB   sing N N 59  
ASP CA  HA   sing N N 60  
ASP C   O    doub N N 61  
ASP C   OXT  sing N N 62  
ASP CB  CG   sing N N 63  
ASP CB  HB2  sing N N 64  
ASP CB  HB3  sing N N 65  
ASP CG  OD1  doub N N 66  
ASP CG  OD2  sing N N 67  
ASP OD2 HD2  sing N N 68  
ASP OXT HXT  sing N N 69  
CYS N   CA   sing N N 70  
CYS N   H    sing N N 71  
CYS N   H2   sing N N 72  
CYS CA  C    sing N N 73  
CYS CA  CB   sing N N 74  
CYS CA  HA   sing N N 75  
CYS C   O    doub N N 76  
CYS C   OXT  sing N N 77  
CYS CB  SG   sing N N 78  
CYS CB  HB2  sing N N 79  
CYS CB  HB3  sing N N 80  
CYS SG  HG   sing N N 81  
CYS OXT HXT  sing N N 82  
GLN N   CA   sing N N 83  
GLN N   H    sing N N 84  
GLN N   H2   sing N N 85  
GLN CA  C    sing N N 86  
GLN CA  CB   sing N N 87  
GLN CA  HA   sing N N 88  
GLN C   O    doub N N 89  
GLN C   OXT  sing N N 90  
GLN CB  CG   sing N N 91  
GLN CB  HB2  sing N N 92  
GLN CB  HB3  sing N N 93  
GLN CG  CD   sing N N 94  
GLN CG  HG2  sing N N 95  
GLN CG  HG3  sing N N 96  
GLN CD  OE1  doub N N 97  
GLN CD  NE2  sing N N 98  
GLN NE2 HE21 sing N N 99  
GLN NE2 HE22 sing N N 100 
GLN OXT HXT  sing N N 101 
GLU N   CA   sing N N 102 
GLU N   H    sing N N 103 
GLU N   H2   sing N N 104 
GLU CA  C    sing N N 105 
GLU CA  CB   sing N N 106 
GLU CA  HA   sing N N 107 
GLU C   O    doub N N 108 
GLU C   OXT  sing N N 109 
GLU CB  CG   sing N N 110 
GLU CB  HB2  sing N N 111 
GLU CB  HB3  sing N N 112 
GLU CG  CD   sing N N 113 
GLU CG  HG2  sing N N 114 
GLU CG  HG3  sing N N 115 
GLU CD  OE1  doub N N 116 
GLU CD  OE2  sing N N 117 
GLU OE2 HE2  sing N N 118 
GLU OXT HXT  sing N N 119 
GLY N   CA   sing N N 120 
GLY N   H    sing N N 121 
GLY N   H2   sing N N 122 
GLY CA  C    sing N N 123 
GLY CA  HA2  sing N N 124 
GLY CA  HA3  sing N N 125 
GLY C   O    doub N N 126 
GLY C   OXT  sing N N 127 
GLY OXT HXT  sing N N 128 
HOH O   H1   sing N N 129 
HOH O   H2   sing N N 130 
ILE N   CA   sing N N 131 
ILE N   H    sing N N 132 
ILE N   H2   sing N N 133 
ILE CA  C    sing N N 134 
ILE CA  CB   sing N N 135 
ILE CA  HA   sing N N 136 
ILE C   O    doub N N 137 
ILE C   OXT  sing N N 138 
ILE CB  CG1  sing N N 139 
ILE CB  CG2  sing N N 140 
ILE CB  HB   sing N N 141 
ILE CG1 CD1  sing N N 142 
ILE CG1 HG12 sing N N 143 
ILE CG1 HG13 sing N N 144 
ILE CG2 HG21 sing N N 145 
ILE CG2 HG22 sing N N 146 
ILE CG2 HG23 sing N N 147 
ILE CD1 HD11 sing N N 148 
ILE CD1 HD12 sing N N 149 
ILE CD1 HD13 sing N N 150 
ILE OXT HXT  sing N N 151 
LEU N   CA   sing N N 152 
LEU N   H    sing N N 153 
LEU N   H2   sing N N 154 
LEU CA  C    sing N N 155 
LEU CA  CB   sing N N 156 
LEU CA  HA   sing N N 157 
LEU C   O    doub N N 158 
LEU C   OXT  sing N N 159 
LEU CB  CG   sing N N 160 
LEU CB  HB2  sing N N 161 
LEU CB  HB3  sing N N 162 
LEU CG  CD1  sing N N 163 
LEU CG  CD2  sing N N 164 
LEU CG  HG   sing N N 165 
LEU CD1 HD11 sing N N 166 
LEU CD1 HD12 sing N N 167 
LEU CD1 HD13 sing N N 168 
LEU CD2 HD21 sing N N 169 
LEU CD2 HD22 sing N N 170 
LEU CD2 HD23 sing N N 171 
LEU OXT HXT  sing N N 172 
LYS N   CA   sing N N 173 
LYS N   H    sing N N 174 
LYS N   H2   sing N N 175 
LYS CA  C    sing N N 176 
LYS CA  CB   sing N N 177 
LYS CA  HA   sing N N 178 
LYS C   O    doub N N 179 
LYS C   OXT  sing N N 180 
LYS CB  CG   sing N N 181 
LYS CB  HB2  sing N N 182 
LYS CB  HB3  sing N N 183 
LYS CG  CD   sing N N 184 
LYS CG  HG2  sing N N 185 
LYS CG  HG3  sing N N 186 
LYS CD  CE   sing N N 187 
LYS CD  HD2  sing N N 188 
LYS CD  HD3  sing N N 189 
LYS CE  NZ   sing N N 190 
LYS CE  HE2  sing N N 191 
LYS CE  HE3  sing N N 192 
LYS NZ  HZ1  sing N N 193 
LYS NZ  HZ2  sing N N 194 
LYS NZ  HZ3  sing N N 195 
LYS OXT HXT  sing N N 196 
MAN C1  C2   sing N N 197 
MAN C1  O1   sing N N 198 
MAN C1  O5   sing N N 199 
MAN C1  H1   sing N N 200 
MAN C2  C3   sing N N 201 
MAN C2  O2   sing N N 202 
MAN C2  H2   sing N N 203 
MAN C3  C4   sing N N 204 
MAN C3  O3   sing N N 205 
MAN C3  H3   sing N N 206 
MAN C4  C5   sing N N 207 
MAN C4  O4   sing N N 208 
MAN C4  H4   sing N N 209 
MAN C5  C6   sing N N 210 
MAN C5  O5   sing N N 211 
MAN C5  H5   sing N N 212 
MAN C6  O6   sing N N 213 
MAN C6  H61  sing N N 214 
MAN C6  H62  sing N N 215 
MAN O1  HO1  sing N N 216 
MAN O2  HO2  sing N N 217 
MAN O3  HO3  sing N N 218 
MAN O4  HO4  sing N N 219 
MAN O6  HO6  sing N N 220 
PHE N   CA   sing N N 221 
PHE N   H    sing N N 222 
PHE N   H2   sing N N 223 
PHE CA  C    sing N N 224 
PHE CA  CB   sing N N 225 
PHE CA  HA   sing N N 226 
PHE C   O    doub N N 227 
PHE C   OXT  sing N N 228 
PHE CB  CG   sing N N 229 
PHE CB  HB2  sing N N 230 
PHE CB  HB3  sing N N 231 
PHE CG  CD1  doub Y N 232 
PHE CG  CD2  sing Y N 233 
PHE CD1 CE1  sing Y N 234 
PHE CD1 HD1  sing N N 235 
PHE CD2 CE2  doub Y N 236 
PHE CD2 HD2  sing N N 237 
PHE CE1 CZ   doub Y N 238 
PHE CE1 HE1  sing N N 239 
PHE CE2 CZ   sing Y N 240 
PHE CE2 HE2  sing N N 241 
PHE CZ  HZ   sing N N 242 
PHE OXT HXT  sing N N 243 
PRO N   CA   sing N N 244 
PRO N   CD   sing N N 245 
PRO N   H    sing N N 246 
PRO CA  C    sing N N 247 
PRO CA  CB   sing N N 248 
PRO CA  HA   sing N N 249 
PRO C   O    doub N N 250 
PRO C   OXT  sing N N 251 
PRO CB  CG   sing N N 252 
PRO CB  HB2  sing N N 253 
PRO CB  HB3  sing N N 254 
PRO CG  CD   sing N N 255 
PRO CG  HG2  sing N N 256 
PRO CG  HG3  sing N N 257 
PRO CD  HD2  sing N N 258 
PRO CD  HD3  sing N N 259 
PRO OXT HXT  sing N N 260 
SER N   CA   sing N N 261 
SER N   H    sing N N 262 
SER N   H2   sing N N 263 
SER CA  C    sing N N 264 
SER CA  CB   sing N N 265 
SER CA  HA   sing N N 266 
SER C   O    doub N N 267 
SER C   OXT  sing N N 268 
SER CB  OG   sing N N 269 
SER CB  HB2  sing N N 270 
SER CB  HB3  sing N N 271 
SER OG  HG   sing N N 272 
SER OXT HXT  sing N N 273 
THR N   CA   sing N N 274 
THR N   H    sing N N 275 
THR N   H2   sing N N 276 
THR CA  C    sing N N 277 
THR CA  CB   sing N N 278 
THR CA  HA   sing N N 279 
THR C   O    doub N N 280 
THR C   OXT  sing N N 281 
THR CB  OG1  sing N N 282 
THR CB  CG2  sing N N 283 
THR CB  HB   sing N N 284 
THR OG1 HG1  sing N N 285 
THR CG2 HG21 sing N N 286 
THR CG2 HG22 sing N N 287 
THR CG2 HG23 sing N N 288 
THR OXT HXT  sing N N 289 
TRP N   CA   sing N N 290 
TRP N   H    sing N N 291 
TRP N   H2   sing N N 292 
TRP CA  C    sing N N 293 
TRP CA  CB   sing N N 294 
TRP CA  HA   sing N N 295 
TRP C   O    doub N N 296 
TRP C   OXT  sing N N 297 
TRP CB  CG   sing N N 298 
TRP CB  HB2  sing N N 299 
TRP CB  HB3  sing N N 300 
TRP CG  CD1  doub Y N 301 
TRP CG  CD2  sing Y N 302 
TRP CD1 NE1  sing Y N 303 
TRP CD1 HD1  sing N N 304 
TRP CD2 CE2  doub Y N 305 
TRP CD2 CE3  sing Y N 306 
TRP NE1 CE2  sing Y N 307 
TRP NE1 HE1  sing N N 308 
TRP CE2 CZ2  sing Y N 309 
TRP CE3 CZ3  doub Y N 310 
TRP CE3 HE3  sing N N 311 
TRP CZ2 CH2  doub Y N 312 
TRP CZ2 HZ2  sing N N 313 
TRP CZ3 CH2  sing Y N 314 
TRP CZ3 HZ3  sing N N 315 
TRP CH2 HH2  sing N N 316 
TRP OXT HXT  sing N N 317 
TYR N   CA   sing N N 318 
TYR N   H    sing N N 319 
TYR N   H2   sing N N 320 
TYR CA  C    sing N N 321 
TYR CA  CB   sing N N 322 
TYR CA  HA   sing N N 323 
TYR C   O    doub N N 324 
TYR C   OXT  sing N N 325 
TYR CB  CG   sing N N 326 
TYR CB  HB2  sing N N 327 
TYR CB  HB3  sing N N 328 
TYR CG  CD1  doub Y N 329 
TYR CG  CD2  sing Y N 330 
TYR CD1 CE1  sing Y N 331 
TYR CD1 HD1  sing N N 332 
TYR CD2 CE2  doub Y N 333 
TYR CD2 HD2  sing N N 334 
TYR CE1 CZ   doub Y N 335 
TYR CE1 HE1  sing N N 336 
TYR CE2 CZ   sing Y N 337 
TYR CE2 HE2  sing N N 338 
TYR CZ  OH   sing N N 339 
TYR OH  HH   sing N N 340 
TYR OXT HXT  sing N N 341 
VAL N   CA   sing N N 342 
VAL N   H    sing N N 343 
VAL N   H2   sing N N 344 
VAL CA  C    sing N N 345 
VAL CA  CB   sing N N 346 
VAL CA  HA   sing N N 347 
VAL C   O    doub N N 348 
VAL C   OXT  sing N N 349 
VAL CB  CG1  sing N N 350 
VAL CB  CG2  sing N N 351 
VAL CB  HB   sing N N 352 
VAL CG1 HG11 sing N N 353 
VAL CG1 HG12 sing N N 354 
VAL CG1 HG13 sing N N 355 
VAL CG2 HG21 sing N N 356 
VAL CG2 HG22 sing N N 357 
VAL CG2 HG23 sing N N 358 
VAL OXT HXT  sing N N 359 
# 
loop_
_pdbx_entity_branch_list.entity_id 
_pdbx_entity_branch_list.comp_id 
_pdbx_entity_branch_list.num 
_pdbx_entity_branch_list.hetero 
2 MAN 1 n 
2 MAN 2 n 
2 MAN 3 n 
# 
_atom_sites.entry_id                    4P6A 
_atom_sites.fract_transf_matrix[1][1]   -0.00186897 
_atom_sites.fract_transf_matrix[1][2]   0.00930360 
_atom_sites.fract_transf_matrix[1][3]   0.00674503 
_atom_sites.fract_transf_matrix[2][1]   0.03571849 
_atom_sites.fract_transf_matrix[2][2]   0.00103329 
_atom_sites.fract_transf_matrix[2][3]   0.00847194 
_atom_sites.fract_transf_matrix[3][1]   0.00133812 
_atom_sites.fract_transf_matrix[3][2]   0.01859025 
_atom_sites.fract_transf_matrix[3][3]   -0.00790904 
_atom_sites.fract_transf_vector[1]      -0.086243 
_atom_sites.fract_transf_vector[2]      -0.055717 
_atom_sites.fract_transf_vector[3]      -0.311302 
# 
loop_
_atom_type.symbol 
C 
N 
O 
S 
# 
loop_
_atom_site.group_PDB 
_atom_site.id 
_atom_site.type_symbol 
_atom_site.label_atom_id 
_atom_site.label_alt_id 
_atom_site.label_comp_id 
_atom_site.label_asym_id 
_atom_site.label_entity_id 
_atom_site.label_seq_id 
_atom_site.pdbx_PDB_ins_code 
_atom_site.Cartn_x 
_atom_site.Cartn_y 
_atom_site.Cartn_z 
_atom_site.occupancy 
_atom_site.B_iso_or_equiv 
_atom_site.pdbx_formal_charge 
_atom_site.auth_seq_id 
_atom_site.auth_comp_id 
_atom_site.auth_asym_id 
_atom_site.auth_atom_id 
_atom_site.pdbx_PDB_model_num 
ATOM   1    N N   . ALA A 1 1   ? -10.915 13.179  -3.628  1.00 38.10 ? 1   ALA A N   1 
ATOM   2    C CA  . ALA A 1 1   ? -10.215 12.339  -4.642  1.00 35.61 ? 1   ALA A CA  1 
ATOM   3    C C   . ALA A 1 1   ? -9.193  11.390  -3.988  1.00 32.26 ? 1   ALA A C   1 
ATOM   4    O O   . ALA A 1 1   ? -8.444  10.713  -4.714  1.00 37.32 ? 1   ALA A O   1 
ATOM   5    C CB  . ALA A 1 1   ? -9.525  13.221  -5.675  1.00 40.28 ? 1   ALA A CB  1 
ATOM   6    N N   . SER A 1 2   ? -9.165  11.329  -2.648  1.00 25.60 ? 2   SER A N   1 
ATOM   7    C CA  . SER A 1 2   ? -8.164  10.463  -1.932  1.00 20.04 ? 2   SER A CA  1 
ATOM   8    C C   . SER A 1 2   ? -8.826  9.612   -0.855  1.00 19.49 ? 2   SER A C   1 
ATOM   9    O O   . SER A 1 2   ? -9.875  9.924   -0.306  1.00 20.07 ? 2   SER A O   1 
ATOM   10   C CB  . SER A 1 2   ? -7.010  11.272  -1.351  1.00 19.23 ? 2   SER A CB  1 
ATOM   11   O OG  . SER A 1 2   ? -7.351  12.072  -0.233  1.00 22.17 ? 2   SER A OG  1 
ATOM   12   N N   . VAL A 1 3   ? -8.172  8.505   -0.534  1.00 14.58 ? 3   VAL A N   1 
ATOM   13   C CA  . VAL A 1 3   ? -8.720  7.527   0.426   1.00 13.47 ? 3   VAL A CA  1 
ATOM   14   C C   . VAL A 1 3   ? -7.621  7.163   1.437   1.00 11.92 ? 3   VAL A C   1 
ATOM   15   O O   . VAL A 1 3   ? -6.420  7.335   1.189   1.00 11.28 ? 3   VAL A O   1 
ATOM   16   C CB  . VAL A 1 3   ? -9.166  6.230   -0.274  1.00 14.57 ? 3   VAL A CB  1 
ATOM   17   C CG1 . VAL A 1 3   ? -10.365 6.473   -1.229  1.00 17.07 ? 3   VAL A CG1 1 
ATOM   18   C CG2 . VAL A 1 3   ? -8.065  5.545   -0.991  1.00 14.82 ? 3   VAL A CG2 1 
ATOM   19   N N   . THR A 1 4   ? -8.052  6.623   2.559   1.00 11.01 ? 4   THR A N   1 
ATOM   20   C CA  . THR A 1 4   ? -7.131  5.916   3.471   1.00 10.26 ? 4   THR A CA  1 
ATOM   21   C C   . THR A 1 4   ? -7.212  4.432   3.203   1.00 9.23  ? 4   THR A C   1 
ATOM   22   O O   . THR A 1 4   ? -8.134  3.909   2.598   1.00 9.80  ? 4   THR A O   1 
ATOM   23   C CB  . THR A 1 4   ? -7.356  6.193   4.920   1.00 11.74 ? 4   THR A CB  1 
ATOM   24   O OG1 . THR A 1 4   ? -8.670  5.709   5.303   1.00 13.16 ? 4   THR A OG1 1 
ATOM   25   C CG2 . THR A 1 4   ? -7.210  7.709   5.244   1.00 12.22 ? 4   THR A CG2 1 
ATOM   26   N N   . ILE A 1 5   ? -6.130  3.745   3.570   1.00 8.04  ? 5   ILE A N   1 
ATOM   27   C CA  . ILE A 1 5   ? -5.956  2.332   3.393   1.00 7.79  ? 5   ILE A CA  1 
ATOM   28   C C   . ILE A 1 5   ? -5.584  1.732   4.751   1.00 7.18  ? 5   ILE A C   1 
ATOM   29   O O   . ILE A 1 5   ? -4.465  1.911   5.256   1.00 7.98  ? 5   ILE A O   1 
ATOM   30   C CB  . ILE A 1 5   ? -4.901  2.008   2.310   1.00 7.49  ? 5   ILE A CB  1 
ATOM   31   C CG1 . ILE A 1 5   ? -5.318  2.657   1.009   1.00 8.71  ? 5   ILE A CG1 1 
ATOM   32   C CG2 . ILE A 1 5   ? -4.740  0.510   2.184   1.00 7.88  ? 5   ILE A CG2 1 
ATOM   33   C CD1 . ILE A 1 5   ? -4.377  2.496   -0.183  1.00 8.90  ? 5   ILE A CD1 1 
ATOM   34   N N   . ARG A 1 6   ? -6.596  1.103   5.399   1.00 7.50  ? 6   ARG A N   1 
ATOM   35   C CA  . ARG A 1 6   ? -6.479  0.714   6.779   1.00 8.53  ? 6   ARG A CA  1 
ATOM   36   C C   . ARG A 1 6   ? -6.352  -0.805  6.909   1.00 7.35  ? 6   ARG A C   1 
ATOM   37   O O   . ARG A 1 6   ? -7.079  -1.550  6.330   1.00 7.95  ? 6   ARG A O   1 
ATOM   38   C CB  . ARG A 1 6   ? -7.754  1.199   7.499   1.00 10.40 ? 6   ARG A CB  1 
ATOM   39   C CG  . ARG A 1 6   ? -7.875  0.703   8.906   1.00 13.25 ? 6   ARG A CG  1 
ATOM   40   C CD  . ARG A 1 6   ? -9.208  1.079   9.615   1.00 18.14 ? 6   ARG A CD  1 
ATOM   41   N NE  . ARG A 1 6   ? -9.425  2.520   9.636   1.00 22.86 ? 6   ARG A NE  1 
ATOM   42   C CZ  . ARG A 1 6   ? -9.159  3.335   10.666  1.00 25.85 ? 6   ARG A CZ  1 
ATOM   43   N NH1 . ARG A 1 6   ? -8.682  2.843   11.810  1.00 28.18 ? 6   ARG A NH1 1 
ATOM   44   N NH2 . ARG A 1 6   ? -9.394  4.657   10.554  1.00 27.67 ? 6   ARG A NH2 1 
ATOM   45   N N   . ASN A 1 7   ? -5.385  -1.246  7.688   1.00 7.36  ? 7   ASN A N   1 
ATOM   46   C CA  . ASN A 1 7   ? -5.148  -2.686  7.894   1.00 7.81  ? 7   ASN A CA  1 
ATOM   47   C C   . ASN A 1 7   ? -6.271  -3.291  8.731   1.00 8.52  ? 7   ASN A C   1 
ATOM   48   O O   . ASN A 1 7   ? -6.625  -2.760  9.818   1.00 9.01  ? 7   ASN A O   1 
ATOM   49   C CB  . ASN A 1 7   ? -3.802  -2.908  8.528   1.00 7.02  ? 7   ASN A CB  1 
ATOM   50   C CG  . ASN A 1 7   ? -3.443  -4.348  8.552   1.00 7.55  ? 7   ASN A CG  1 
ATOM   51   O OD1 . ASN A 1 7   ? -3.685  -5.114  9.481   1.00 7.13  ? 7   ASN A OD1 1 
ATOM   52   N ND2 . ASN A 1 7   ? -2.861  -4.775  7.414   1.00 7.42  ? 7   ASN A ND2 1 
ATOM   53   N N   . ALA A 1 8   ? -6.830  -4.402  8.287   1.00 7.73  ? 8   ALA A N   1 
ATOM   54   C CA  . ALA A 1 8   ? -7.973  -4.999  9.030   1.00 8.56  ? 8   ALA A CA  1 
ATOM   55   C C   . ALA A 1 8   ? -7.543  -5.576  10.307  1.00 9.85  ? 8   ALA A C   1 
ATOM   56   O O   . ALA A 1 8   ? -8.368  -5.639  11.242  1.00 12.16 ? 8   ALA A O   1 
ATOM   57   C CB  . ALA A 1 8   ? -8.617  -6.068  8.193   1.00 9.56  ? 8   ALA A CB  1 
ATOM   58   N N   . GLN A 1 9   ? -6.340  -6.122  10.446  1.00 8.72  ? 9   GLN A N   1 
ATOM   59   C CA  . GLN A 1 9   ? -5.874  -6.669  11.709  1.00 8.73  ? 9   GLN A CA  1 
ATOM   60   C C   . GLN A 1 9   ? -5.500  -5.592  12.662  1.00 9.77  ? 9   GLN A C   1 
ATOM   61   O O   . GLN A 1 9   ? -5.924  -5.614  13.846  1.00 11.37 ? 9   GLN A O   1 
ATOM   62   C CB  . GLN A 1 9   ? -4.689  -7.632  11.511  1.00 9.82  ? 9   GLN A CB  1 
ATOM   63   C CG  . GLN A 1 9   ? -4.126  -8.245  12.789  1.00 11.47 ? 9   GLN A CG  1 
ATOM   64   C CD  . GLN A 1 9   ? -5.065  -9.193  13.497  1.00 14.65 ? 9   GLN A CD  1 
ATOM   65   O OE1 . GLN A 1 9   ? -5.816  -9.932  12.870  1.00 16.57 ? 9   GLN A OE1 1 
ATOM   66   N NE2 . GLN A 1 9   ? -5.107  -9.074  14.848  1.00 16.64 ? 9   GLN A NE2 1 
ATOM   67   N N   . THR A 1 10  ? -4.617  -4.680  12.302  1.00 8.41  ? 10  THR A N   1 
ATOM   68   C CA  . THR A 1 10  ? -4.011  -3.758  13.237  1.00 8.58  ? 10  THR A CA  1 
ATOM   69   C C   . THR A 1 10  ? -4.760  -2.456  13.398  1.00 8.80  ? 10  THR A C   1 
ATOM   70   O O   . THR A 1 10  ? -4.480  -1.743  14.385  1.00 10.72 ? 10  THR A O   1 
ATOM   71   C CB  . THR A 1 10  ? -2.540  -3.486  12.870  1.00 8.49  ? 10  THR A CB  1 
ATOM   72   O OG1 . THR A 1 10  ? -2.551  -2.610  11.717  1.00 8.00  ? 10  THR A OG1 1 
ATOM   73   C CG2 . THR A 1 10  ? -1.767  -4.735  12.655  1.00 8.36  ? 10  THR A CG2 1 
ATOM   74   N N   . GLY A 1 11  ? -5.566  -2.086  12.439  1.00 8.65  ? 11  GLY A N   1 
ATOM   75   C CA  . GLY A 1 11  ? -6.202  -0.764  12.404  1.00 9.19  ? 11  GLY A CA  1 
ATOM   76   C C   . GLY A 1 11  ? -5.320  0.359   12.026  1.00 9.51  ? 11  GLY A C   1 
ATOM   77   O O   . GLY A 1 11  ? -5.808  1.502   11.940  1.00 11.87 ? 11  GLY A O   1 
ATOM   78   N N   . ARG A 1 12  ? -4.047  0.112   11.743  1.00 7.81  ? 12  ARG A N   1 
ATOM   79   C CA  . ARG A 1 12  ? -3.137  1.183   11.351  1.00 8.04  ? 12  ARG A CA  1 
ATOM   80   C C   . ARG A 1 12  ? -3.310  1.510   9.848   1.00 7.68  ? 12  ARG A C   1 
ATOM   81   O O   . ARG A 1 12  ? -3.803  0.698   9.086   1.00 8.77  ? 12  ARG A O   1 
ATOM   82   C CB  . ARG A 1 12  ? -1.704  0.765   11.648  1.00 7.08  ? 12  ARG A CB  1 
ATOM   83   C CG  . ARG A 1 12  ? -1.444  0.389   13.121  1.00 8.31  ? 12  ARG A CG  1 
ATOM   84   C CD  . ARG A 1 12  ? -0.121  -0.290  13.334  1.00 8.36  ? 12  ARG A CD  1 
ATOM   85   N NE  . ARG A 1 12  ? 1.054   0.570   13.093  1.00 9.08  ? 12  ARG A NE  1 
ATOM   86   C CZ  . ARG A 1 12  ? 1.771   1.203   13.996  1.00 9.32  ? 12  ARG A CZ  1 
ATOM   87   N NH1 . ARG A 1 12  ? 1.366   1.074   15.290  1.00 12.39 ? 12  ARG A NH1 1 
ATOM   88   N NH2 . ARG A 1 12  ? 2.819   1.915   13.701  1.00 9.53  ? 12  ARG A NH2 1 
ATOM   89   N N   . LEU A 1 13  ? -2.926  2.722   9.507   1.00 7.18  ? 13  LEU A N   1 
ATOM   90   C CA  . LEU A 1 13  ? -3.094  3.207   8.146   1.00 7.21  ? 13  LEU A CA  1 
ATOM   91   C C   . LEU A 1 13  ? -1.774  3.198   7.391   1.00 6.49  ? 13  LEU A C   1 
ATOM   92   O O   . LEU A 1 13  ? -0.756  3.611   7.871   1.00 6.58  ? 13  LEU A O   1 
ATOM   93   C CB  . LEU A 1 13  ? -3.595  4.649   8.137   1.00 8.67  ? 13  LEU A CB  1 
ATOM   94   C CG  . LEU A 1 13  ? -5.068  4.843   8.500   1.00 11.29 ? 13  LEU A CG  1 
ATOM   95   C CD1 . LEU A 1 13  ? -5.637  4.212   9.772   1.00 15.35 ? 13  LEU A CD1 1 
ATOM   96   C CD2 . LEU A 1 13  ? -5.484  6.326   8.377   1.00 11.24 ? 13  LEU A CD2 1 
ATOM   97   N N   . LEU A 1 14  ? -1.891  2.832   6.126   1.00 6.23  ? 14  LEU A N   1 
ATOM   98   C CA  . LEU A 1 14  ? -0.768  2.883   5.177   1.00 6.00  ? 14  LEU A CA  1 
ATOM   99   C C   . LEU A 1 14  ? -0.311  4.319   5.041   1.00 6.38  ? 14  LEU A C   1 
ATOM   100  O O   . LEU A 1 14  ? -1.110  5.229   4.835   1.00 7.35  ? 14  LEU A O   1 
ATOM   101  C CB  . LEU A 1 14  ? -1.193  2.343   3.811   1.00 6.41  ? 14  LEU A CB  1 
ATOM   102  C CG  . LEU A 1 14  ? -0.053  2.020   2.816   1.00 6.60  ? 14  LEU A CG  1 
ATOM   103  C CD1 . LEU A 1 14  ? 0.763   0.829   3.300   1.00 7.05  ? 14  LEU A CD1 1 
ATOM   104  C CD2 . LEU A 1 14  ? -0.647  1.731   1.476   1.00 7.04  ? 14  LEU A CD2 1 
ATOM   105  N N   . ASP A 1 15  ? 0.990   4.525   5.078   1.00 7.04  ? 15  ASP A N   1 
ATOM   106  C CA  . ASP A 1 15  ? 1.571   5.870   5.194   1.00 7.38  ? 15  ASP A CA  1 
ATOM   107  C C   . ASP A 1 15  ? 2.929   5.808   4.503   1.00 7.00  ? 15  ASP A C   1 
ATOM   108  O O   . ASP A 1 15  ? 3.530   4.728   4.330   1.00 6.81  ? 15  ASP A O   1 
ATOM   109  C CB  . ASP A 1 15  ? 1.670   6.136   6.718   1.00 8.51  ? 15  ASP A CB  1 
ATOM   110  C CG  . ASP A 1 15  ? 1.868   7.547   7.125   1.00 10.48 ? 15  ASP A CG  1 
ATOM   111  O OD1 . ASP A 1 15  ? 2.150   8.369   6.279   1.00 10.88 ? 15  ASP A OD1 1 
ATOM   112  O OD2 . ASP A 1 15  ? 1.729   7.825   8.354   1.00 11.35 ? 15  ASP A OD2 1 
ATOM   113  N N   . SER A 1 16  ? 3.449   6.955   4.066   1.00 7.36  ? 16  SER A N   1 
ATOM   114  C CA  . SER A 1 16  ? 4.783   6.986   3.456   1.00 7.08  ? 16  SER A CA  1 
ATOM   115  C C   . SER A 1 16  ? 5.321   8.402   3.452   1.00 8.19  ? 16  SER A C   1 
ATOM   116  O O   . SER A 1 16  ? 4.600   9.334   3.791   1.00 9.31  ? 16  SER A O   1 
ATOM   117  C CB  . SER A 1 16  ? 4.734   6.484   2.015   1.00 8.11  ? 16  SER A CB  1 
ATOM   118  O OG  . SER A 1 16  ? 4.045   7.388   1.142   1.00 9.23  ? 16  SER A OG  1 
ATOM   119  N N   . ASN A 1 17  ? 6.600   8.519   3.141   1.00 8.20  ? 17  ASN A N   1 
ATOM   120  C CA  . ASN A 1 17  ? 7.282   9.815   3.255   1.00 8.55  ? 17  ASN A CA  1 
ATOM   121  C C   . ASN A 1 17  ? 8.033   10.141  1.994   1.00 9.28  ? 17  ASN A C   1 
ATOM   122  O O   . ASN A 1 17  ? 8.044   9.434   0.964   1.00 9.70  ? 17  ASN A O   1 
ATOM   123  C CB  . ASN A 1 17  ? 8.127   9.865   4.526   1.00 8.76  ? 17  ASN A CB  1 
ATOM   124  C CG  . ASN A 1 17  ? 9.329   8.954   4.484   1.00 8.84  ? 17  ASN A CG  1 
ATOM   125  O OD1 . ASN A 1 17  ? 9.705   8.424   3.437   1.00 9.63  ? 17  ASN A OD1 1 
ATOM   126  N ND2 . ASN A 1 17  ? 9.899   8.706   5.678   1.00 11.72 ? 17  ASN A ND2 1 
ATOM   127  N N   . TYR A 1 18  ? 8.727   11.304  2.019   1.00 11.33 ? 18  TYR A N   1 
ATOM   128  C CA  . TYR A 1 18  ? 9.429   11.754  0.808   1.00 12.13 ? 18  TYR A CA  1 
ATOM   129  C C   . TYR A 1 18  ? 10.649  10.923  0.462   1.00 13.70 ? 18  TYR A C   1 
ATOM   130  O O   . TYR A 1 18  ? 11.041  10.901  -0.716  1.00 16.70 ? 18  TYR A O   1 
ATOM   131  C CB  . TYR A 1 18  ? 9.798   13.264  0.894   1.00 13.40 ? 18  TYR A CB  1 
ATOM   132  C CG  . TYR A 1 18  ? 8.621   14.136  0.621   1.00 13.15 ? 18  TYR A CG  1 
ATOM   133  C CD1 . TYR A 1 18  ? 8.172   14.446  -0.680  1.00 15.74 ? 18  TYR A CD1 1 
ATOM   134  C CD2 . TYR A 1 18  ? 7.950   14.677  1.675   1.00 15.49 ? 18  TYR A CD2 1 
ATOM   135  C CE1 . TYR A 1 18  ? 7.055   15.292  -0.870  1.00 16.25 ? 18  TYR A CE1 1 
ATOM   136  C CE2 . TYR A 1 18  ? 6.841   15.526  1.472   1.00 16.55 ? 18  TYR A CE2 1 
ATOM   137  C CZ  . TYR A 1 18  ? 6.417   15.795  0.228   1.00 16.55 ? 18  TYR A CZ  1 
ATOM   138  O OH  . TYR A 1 18  ? 5.303   16.642  0.045   1.00 21.83 ? 18  TYR A OH  1 
ATOM   139  N N   . ASN A 1 19  ? 11.199  10.196  1.415   1.00 13.48 ? 19  ASN A N   1 
ATOM   140  C CA  . ASN A 1 19  ? 12.324  9.311   1.152   1.00 13.42 ? 19  ASN A CA  1 
ATOM   141  C C   . ASN A 1 19  ? 11.888  8.033   0.491   1.00 13.63 ? 19  ASN A C   1 
ATOM   142  O O   . ASN A 1 19  ? 12.727  7.301   0.027   1.00 14.95 ? 19  ASN A O   1 
ATOM   143  C CB  . ASN A 1 19  ? 12.988  8.909   2.441   1.00 15.38 ? 19  ASN A CB  1 
ATOM   144  C CG  . ASN A 1 19  ? 13.793  10.015  3.046   1.00 21.18 ? 19  ASN A CG  1 
ATOM   145  O OD1 . ASN A 1 19  ? 14.335  10.829  2.305   1.00 25.54 ? 19  ASN A OD1 1 
ATOM   146  N ND2 . ASN A 1 19  ? 13.823  10.082  4.357   1.00 21.97 ? 19  ASN A ND2 1 
ATOM   147  N N   . GLY A 1 20  ? 10.595  7.777   0.430   1.00 10.01 ? 20  GLY A N   1 
ATOM   148  C CA  . GLY A 1 20  ? 10.095  6.517   -0.151  1.00 10.05 ? 20  GLY A CA  1 
ATOM   149  C C   . GLY A 1 20  ? 9.846   5.416   0.846   1.00 7.53  ? 20  GLY A C   1 
ATOM   150  O O   . GLY A 1 20  ? 9.500   4.290   0.438   1.00 8.23  ? 20  GLY A O   1 
ATOM   151  N N   . ASN A 1 21  ? 10.070  5.632   2.136   1.00 7.08  ? 21  ASN A N   1 
ATOM   152  C CA  . ASN A 1 21  ? 9.701   4.632   3.168   1.00 8.01  ? 21  ASN A CA  1 
ATOM   153  C C   . ASN A 1 21  ? 8.199   4.514   3.173   1.00 6.63  ? 21  ASN A C   1 
ATOM   154  O O   . ASN A 1 21  ? 7.463   5.507   3.079   1.00 6.96  ? 21  ASN A O   1 
ATOM   155  C CB  . ASN A 1 21  ? 10.230  4.989   4.560   1.00 8.90  ? 21  ASN A CB  1 
ATOM   156  C CG  . ASN A 1 21  ? 11.694  4.662   4.747   1.00 11.28 ? 21  ASN A CG  1 
ATOM   157  O OD1 . ASN A 1 21  ? 12.576  5.437   4.363   1.00 13.23 ? 21  ASN A OD1 1 
ATOM   158  N ND2 . ASN A 1 21  ? 11.971  3.582   5.440   1.00 12.04 ? 21  ASN A ND2 1 
ATOM   159  N N   . VAL A 1 22  ? 7.722   3.264   3.351   1.00 6.13  ? 22  VAL A N   1 
ATOM   160  C CA  . VAL A 1 22  ? 6.319   2.921   3.537   1.00 5.85  ? 22  VAL A CA  1 
ATOM   161  C C   . VAL A 1 22  ? 6.207   2.215   4.884   1.00 6.14  ? 22  VAL A C   1 
ATOM   162  O O   . VAL A 1 22  ? 7.051   1.391   5.246   1.00 7.19  ? 22  VAL A O   1 
ATOM   163  C CB  . VAL A 1 22  ? 5.788   2.095   2.375   1.00 5.66  ? 22  VAL A CB  1 
ATOM   164  C CG1 . VAL A 1 22  ? 4.366   1.613   2.649   1.00 5.99  ? 22  VAL A CG1 1 
ATOM   165  C CG2 . VAL A 1 22  ? 5.859   2.904   1.109   1.00 5.77  ? 22  VAL A CG2 1 
ATOM   166  N N   . TYR A 1 23  ? 5.131   2.457   5.593   1.00 6.00  ? 23  TYR A N   1 
ATOM   167  C CA  . TYR A 1 23  ? 4.924   1.951   6.943   1.00 6.03  ? 23  TYR A CA  1 
ATOM   168  C C   . TYR A 1 23  ? 3.438   2.130   7.250   1.00 6.34  ? 23  TYR A C   1 
ATOM   169  O O   . TYR A 1 23  ? 2.682   2.627   6.435   1.00 6.77  ? 23  TYR A O   1 
ATOM   170  C CB  . TYR A 1 23  ? 5.816   2.696   7.982   1.00 7.08  ? 23  TYR A CB  1 
ATOM   171  C CG  . TYR A 1 23  ? 5.913   4.200   7.693   1.00 7.94  ? 23  TYR A CG  1 
ATOM   172  C CD1 . TYR A 1 23  ? 4.943   5.073   8.165   1.00 8.54  ? 23  TYR A CD1 1 
ATOM   173  C CD2 . TYR A 1 23  ? 6.914   4.710   6.890   1.00 7.99  ? 23  TYR A CD2 1 
ATOM   174  C CE1 . TYR A 1 23  ? 5.038   6.444   7.920   1.00 8.83  ? 23  TYR A CE1 1 
ATOM   175  C CE2 . TYR A 1 23  ? 6.935   6.064   6.578   1.00 9.12  ? 23  TYR A CE2 1 
ATOM   176  C CZ  . TYR A 1 23  ? 6.014   6.915   7.116   1.00 9.04  ? 23  TYR A CZ  1 
ATOM   177  O OH  . TYR A 1 23  ? 6.128   8.258   6.752   1.00 11.54 ? 23  TYR A OH  1 
ATOM   178  N N   . THR A 1 24  ? 3.015   1.620   8.402   1.00 6.82  ? 24  THR A N   1 
ATOM   179  C CA  . THR A 1 24  ? 1.696   1.958   8.897   1.00 7.15  ? 24  THR A CA  1 
ATOM   180  C C   . THR A 1 24  ? 1.834   2.720   10.184  1.00 7.86  ? 24  THR A C   1 
ATOM   181  O O   . THR A 1 24  ? 2.768   2.503   10.932  1.00 8.38  ? 24  THR A O   1 
ATOM   182  C CB  . THR A 1 24  ? 0.782   0.766   9.089   1.00 8.24  ? 24  THR A CB  1 
ATOM   183  O OG1 . THR A 1 24  ? 1.238   -0.008  10.194  1.00 7.45  ? 24  THR A OG1 1 
ATOM   184  C CG2 . THR A 1 24  ? 0.545   -0.009  7.857   1.00 8.41  ? 24  THR A CG2 1 
ATOM   185  N N   . LEU A 1 25  ? 0.834   3.594   10.439  1.00 7.77  ? 25  LEU A N   1 
ATOM   186  C CA  . LEU A 1 25  ? 0.786   4.352   11.705  1.00 8.79  ? 25  LEU A CA  1 
ATOM   187  C C   . LEU A 1 25  ? -0.656  4.496   12.059  1.00 8.73  ? 25  LEU A C   1 
ATOM   188  O O   . LEU A 1 25  ? -1.549  4.465   11.236  1.00 7.97  ? 25  LEU A O   1 
ATOM   189  C CB  . LEU A 1 25  ? 1.334   5.764   11.533  1.00 10.11 ? 25  LEU A CB  1 
ATOM   190  C CG  . LEU A 1 25  ? 2.816   5.901   11.659  1.00 12.22 ? 25  LEU A CG  1 
ATOM   191  C CD1 . LEU A 1 25  ? 3.233   7.303   11.269  1.00 13.29 ? 25  LEU A CD1 1 
ATOM   192  C CD2 . LEU A 1 25  ? 3.344   5.651   13.076  1.00 12.57 ? 25  LEU A CD2 1 
ATOM   193  N N   . PRO A 1 26  ? -0.914  4.693   13.372  1.00 9.26  ? 26  PRO A N   1 
ATOM   194  C CA  . PRO A 1 26  ? -2.306  5.037   13.724  1.00 10.07 ? 26  PRO A CA  1 
ATOM   195  C C   . PRO A 1 26  ? -2.766  6.303   12.997  1.00 9.87  ? 26  PRO A C   1 
ATOM   196  O O   . PRO A 1 26  ? -1.946  7.187   12.689  1.00 10.43 ? 26  PRO A O   1 
ATOM   197  C CB  . PRO A 1 26  ? -2.201  5.313   15.208  1.00 11.03 ? 26  PRO A CB  1 
ATOM   198  C CG  . PRO A 1 26  ? -0.968  4.645   15.686  1.00 11.23 ? 26  PRO A CG  1 
ATOM   199  C CD  . PRO A 1 26  ? 0.007   4.700   14.536  1.00 9.98  ? 26  PRO A CD  1 
ATOM   200  N N   . ALA A 1 27  ? -4.063  6.391   12.770  1.00 11.19 ? 27  ALA A N   1 
ATOM   201  C CA  . ALA A 1 27  ? -4.651  7.490   12.019  1.00 12.93 ? 27  ALA A CA  1 
ATOM   202  C C   . ALA A 1 27  ? -4.272  8.827   12.650  1.00 14.34 ? 27  ALA A C   1 
ATOM   203  O O   . ALA A 1 27  ? -4.411  8.991   13.876  1.00 14.83 ? 27  ALA A O   1 
ATOM   204  C CB  . ALA A 1 27  ? -6.161  7.318   11.952  1.00 15.60 ? 27  ALA A CB  1 
ATOM   205  N N   . ASN A 1 28  ? -3.813  9.792   11.856  1.00 13.91 ? 28  ASN A N   1 
ATOM   206  C CA  . ASN A 1 28  ? -3.494  11.108  12.371  1.00 15.99 ? 28  ASN A CA  1 
ATOM   207  C C   . ASN A 1 28  ? -4.065  12.245  11.555  1.00 15.55 ? 28  ASN A C   1 
ATOM   208  O O   . ASN A 1 28  ? -3.775  13.413  11.943  1.00 18.68 ? 28  ASN A O   1 
ATOM   209  C CB  . ASN A 1 28  ? -1.984  11.314  12.524  1.00 14.39 ? 28  ASN A CB  1 
ATOM   210  C CG  . ASN A 1 28  ? -1.205  11.203  11.188  1.00 14.23 ? 28  ASN A CG  1 
ATOM   211  O OD1 . ASN A 1 28  ? -1.725  11.492  10.131  1.00 15.11 ? 28  ASN A OD1 1 
ATOM   212  N ND2 . ASN A 1 28  ? 0.031   10.747  11.277  1.00 14.79 ? 28  ASN A ND2 1 
ATOM   213  N N   . GLY A 1 29  ? -4.934  11.954  10.578  1.00 16.34 ? 29  GLY A N   1 
ATOM   214  C CA  . GLY A 1 29  ? -5.577  13.002  9.788   1.00 19.30 ? 29  GLY A CA  1 
ATOM   215  C C   . GLY A 1 29  ? -4.662  13.705  8.801   1.00 19.77 ? 29  GLY A C   1 
ATOM   216  O O   . GLY A 1 29  ? -5.118  14.661  8.129   1.00 21.76 ? 29  GLY A O   1 
ATOM   217  N N   . GLY A 1 30  ? -3.382  13.352  8.717   1.00 16.91 ? 30  GLY A N   1 
ATOM   218  C CA  . GLY A 1 30  ? -2.512  14.005  7.741   1.00 16.61 ? 30  GLY A CA  1 
ATOM   219  C C   . GLY A 1 30  ? -2.584  13.435  6.343   1.00 16.42 ? 30  GLY A C   1 
ATOM   220  O O   . GLY A 1 30  ? -3.147  12.394  6.117   1.00 14.99 ? 30  GLY A O   1 
ATOM   221  N N   . ASN A 1 31  ? -1.991  14.154  5.407   1.00 14.33 ? 31  ASN A N   1 
ATOM   222  C CA  . ASN A 1 31  ? -2.119  13.825  4.018   1.00 13.98 ? 31  ASN A CA  1 
ATOM   223  C C   . ASN A 1 31  ? -1.133  12.734  3.516   1.00 11.21 ? 31  ASN A C   1 
ATOM   224  O O   . ASN A 1 31  ? -1.362  12.146  2.467   1.00 11.86 ? 31  ASN A O   1 
ATOM   225  C CB  . ASN A 1 31  ? -1.996  15.090  3.143   1.00 16.94 ? 31  ASN A CB  1 
ATOM   226  C CG  . ASN A 1 31  ? -2.817  15.012  1.879   1.00 17.26 ? 31  ASN A CG  1 
ATOM   227  O OD1 . ASN A 1 31  ? -3.951  14.463  1.800   1.00 19.35 ? 31  ASN A OD1 1 
ATOM   228  N ND2 . ASN A 1 31  ? -2.215  15.614  0.800   1.00 21.34 ? 31  ASN A ND2 1 
ATOM   229  N N   . TYR A 1 32  ? -0.135  12.425  4.349   1.00 11.52 ? 32  TYR A N   1 
ATOM   230  C CA  . TYR A 1 32  ? 0.752   11.329  4.019   1.00 9.92  ? 32  TYR A CA  1 
ATOM   231  C C   . TYR A 1 32  ? 0.004   9.986   4.177   1.00 9.95  ? 32  TYR A C   1 
ATOM   232  O O   . TYR A 1 32  ? 0.498   8.971   3.651   1.00 9.01  ? 32  TYR A O   1 
ATOM   233  C CB  . TYR A 1 32  ? 1.907   11.311  4.927   1.00 9.92  ? 32  TYR A CB  1 
ATOM   234  C CG  . TYR A 1 32  ? 2.837   12.514  4.849   1.00 11.57 ? 32  TYR A CG  1 
ATOM   235  C CD1 . TYR A 1 32  ? 3.957   12.498  4.105   1.00 11.85 ? 32  TYR A CD1 1 
ATOM   236  C CD2 . TYR A 1 32  ? 2.616   13.605  5.682   1.00 13.44 ? 32  TYR A CD2 1 
ATOM   237  C CE1 . TYR A 1 32  ? 4.891   13.551  4.093   1.00 13.07 ? 32  TYR A CE1 1 
ATOM   238  C CE2 . TYR A 1 32  ? 3.544   14.663  5.710   1.00 14.01 ? 32  TYR A CE2 1 
ATOM   239  C CZ  . TYR A 1 32  ? 4.658   14.613  4.912   1.00 13.89 ? 32  TYR A CZ  1 
ATOM   240  O OH  . TYR A 1 32  ? 5.602   15.664  4.960   1.00 17.51 ? 32  TYR A OH  1 
ATOM   241  N N   . GLN A 1 33  ? -1.111  9.936   4.889   1.00 9.66  ? 33  GLN A N   1 
ATOM   242  C CA  . GLN A 1 33  ? -1.940  8.742   5.051   1.00 9.39  ? 33  GLN A CA  1 
ATOM   243  C C   . GLN A 1 33  ? -3.041  8.654   4.056   1.00 9.37  ? 33  GLN A C   1 
ATOM   244  O O   . GLN A 1 33  ? -3.961  7.837   4.160   1.00 10.41 ? 33  GLN A O   1 
ATOM   245  C CB  . GLN A 1 33  ? -2.517  8.718   6.452   1.00 10.04 ? 33  GLN A CB  1 
ATOM   246  C CG  . GLN A 1 33  ? -1.469  8.435   7.469   1.00 11.28 ? 33  GLN A CG  1 
ATOM   247  C CD  . GLN A 1 33  ? -1.979  8.323   8.894   1.00 12.75 ? 33  GLN A CD  1 
ATOM   248  O OE1 . GLN A 1 33  ? -3.123  8.675   9.214   1.00 13.58 ? 33  GLN A OE1 1 
ATOM   249  N NE2 . GLN A 1 33  ? -1.137  7.862   9.713   1.00 11.81 ? 33  GLN A NE2 1 
ATOM   250  N N   . ARG A 1 34  ? -3.018  9.505   3.012   1.00 9.27  ? 34  ARG A N   1 
ATOM   251  C CA  . ARG A 1 34  ? -3.983  9.452   1.974   1.00 9.51  ? 34  ARG A CA  1 
ATOM   252  C C   . ARG A 1 34  ? -3.410  9.093   0.617   1.00 7.89  ? 34  ARG A C   1 
ATOM   253  O O   . ARG A 1 34  ? -2.230  9.376   0.361   1.00 8.17  ? 34  ARG A O   1 
ATOM   254  C CB  . ARG A 1 34  ? -4.711  10.788  1.902   1.00 11.32 ? 34  ARG A CB  1 
ATOM   255  C CG  . ARG A 1 34  ? -5.261  11.191  3.291   1.00 14.84 ? 34  ARG A CG  1 
ATOM   256  C CD  . ARG A 1 34  ? -6.362  12.243  3.137   1.00 17.01 ? 34  ARG A CD  1 
ATOM   257  N NE  . ARG A 1 34  ? -7.653  11.699  2.684   1.00 20.92 ? 34  ARG A NE  1 
ATOM   258  C CZ  . ARG A 1 34  ? -8.553  11.123  3.485   1.00 20.49 ? 34  ARG A CZ  1 
ATOM   259  N NH1 . ARG A 1 34  ? -8.282  11.010  4.765   1.00 23.03 ? 34  ARG A NH1 1 
ATOM   260  N NH2 . ARG A 1 34  ? -9.671  10.635  2.968   1.00 23.57 ? 34  ARG A NH2 1 
ATOM   261  N N   . TRP A 1 35  ? -4.222  8.451   -0.220  1.00 7.66  ? 35  TRP A N   1 
ATOM   262  C CA  . TRP A 1 35  ? -3.778  7.815   -1.437  1.00 8.21  ? 35  TRP A CA  1 
ATOM   263  C C   . TRP A 1 35  ? -4.780  8.031   -2.548  1.00 10.24 ? 35  TRP A C   1 
ATOM   264  O O   . TRP A 1 35  ? -5.984  8.105   -2.277  1.00 10.61 ? 35  TRP A O   1 
ATOM   265  C CB  . TRP A 1 35  ? -3.572  6.300   -1.195  1.00 7.96  ? 35  TRP A CB  1 
ATOM   266  C CG  . TRP A 1 35  ? -2.578  5.992   -0.119  1.00 7.93  ? 35  TRP A CG  1 
ATOM   267  C CD1 . TRP A 1 35  ? -2.851  5.901   1.232   1.00 7.82  ? 35  TRP A CD1 1 
ATOM   268  C CD2 . TRP A 1 35  ? -1.170  5.788   -0.278  1.00 7.21  ? 35  TRP A CD2 1 
ATOM   269  N NE1 . TRP A 1 35  ? -1.678  5.702   1.905   1.00 8.05  ? 35  TRP A NE1 1 
ATOM   270  C CE2 . TRP A 1 35  ? -0.640  5.603   1.018   1.00 7.32  ? 35  TRP A CE2 1 
ATOM   271  C CE3 . TRP A 1 35  ? -0.282  5.750   -1.389  1.00 7.03  ? 35  TRP A CE3 1 
ATOM   272  C CZ2 . TRP A 1 35  ? 0.679   5.366   1.234   1.00 7.20  ? 35  TRP A CZ2 1 
ATOM   273  C CZ3 . TRP A 1 35  ? 1.022   5.491   -1.157  1.00 7.06  ? 35  TRP A CZ3 1 
ATOM   274  C CH2 . TRP A 1 35  ? 1.496   5.294   0.153   1.00 7.56  ? 35  TRP A CH2 1 
ATOM   275  N N   . THR A 1 36  ? -4.298  8.150   -3.751  1.00 10.93 ? 36  THR A N   1 
ATOM   276  C CA  . THR A 1 36  ? -5.125  8.300   -4.937  1.00 13.77 ? 36  THR A CA  1 
ATOM   277  C C   . THR A 1 36  ? -4.883  7.193   -5.906  1.00 16.37 ? 36  THR A C   1 
ATOM   278  O O   . THR A 1 36  ? -3.828  6.606   -5.911  1.00 15.12 ? 36  THR A O   1 
ATOM   279  C CB  . THR A 1 36  ? -4.859  9.668   -5.642  1.00 17.71 ? 36  THR A CB  1 
ATOM   280  O OG1 . THR A 1 36  ? -3.520  9.785   -6.120  1.00 20.28 ? 36  THR A OG1 1 
ATOM   281  C CG2 . THR A 1 36  ? -5.111  10.820  -4.726  1.00 19.26 ? 36  THR A CG2 1 
ATOM   282  N N   . GLY A 1 37  ? -5.868  6.898   -6.757  1.00 18.97 ? 37  GLY A N   1 
ATOM   283  C CA  . GLY A 1 37  ? -5.826  5.829   -7.780  1.00 20.94 ? 37  GLY A CA  1 
ATOM   284  C C   . GLY A 1 37  ? -6.306  6.473   -9.087  1.00 24.73 ? 37  GLY A C   1 
ATOM   285  O O   . GLY A 1 37  ? -7.518  6.546   -9.305  1.00 27.70 ? 37  GLY A O   1 
ATOM   286  N N   . PRO A 1 38  ? -5.390  6.961   -9.958  1.00 25.33 ? 38  PRO A N   1 
ATOM   287  C CA  . PRO A 1 38  ? -5.871  7.721   -11.159 1.00 27.52 ? 38  PRO A CA  1 
ATOM   288  C C   . PRO A 1 38  ? -6.397  6.892   -12.342 1.00 29.07 ? 38  PRO A C   1 
ATOM   289  O O   . PRO A 1 38  ? -6.755  7.493   -13.371 1.00 31.81 ? 38  PRO A O   1 
ATOM   290  C CB  . PRO A 1 38  ? -4.643  8.524   -11.586 1.00 28.53 ? 38  PRO A CB  1 
ATOM   291  C CG  . PRO A 1 38  ? -3.493  7.720   -11.076 1.00 26.08 ? 38  PRO A CG  1 
ATOM   292  C CD  . PRO A 1 38  ? -3.941  7.117   -9.780  1.00 25.87 ? 38  PRO A CD  1 
ATOM   293  N N   . GLY A 1 39  ? -6.453  5.563   -12.190 1.00 26.82 ? 39  GLY A N   1 
ATOM   294  C CA  . GLY A 1 39  ? -7.070  4.663   -13.164 1.00 24.33 ? 39  GLY A CA  1 
ATOM   295  C C   . GLY A 1 39  ? -6.147  3.803   -14.005 1.00 23.22 ? 39  GLY A C   1 
ATOM   296  O O   . GLY A 1 39  ? -6.617  3.030   -14.851 1.00 25.25 ? 39  GLY A O   1 
ATOM   297  N N   . ASP A 1 40  ? -4.836  3.918   -13.781 1.00 19.45 ? 40  ASP A N   1 
ATOM   298  C CA  . ASP A 1 40  ? -3.817  3.182   -14.490 1.00 16.96 ? 40  ASP A CA  1 
ATOM   299  C C   . ASP A 1 40  ? -3.248  2.090   -13.593 1.00 16.34 ? 40  ASP A C   1 
ATOM   300  O O   . ASP A 1 40  ? -2.231  1.538   -13.902 1.00 16.59 ? 40  ASP A O   1 
ATOM   301  C CB  . ASP A 1 40  ? -2.663  4.139   -14.871 1.00 17.72 ? 40  ASP A CB  1 
ATOM   302  C CG  . ASP A 1 40  ? -2.067  4.894   -13.658 1.00 17.74 ? 40  ASP A CG  1 
ATOM   303  O OD1 . ASP A 1 40  ? -2.579  4.654   -12.525 1.00 16.73 ? 40  ASP A OD1 1 
ATOM   304  O OD2 . ASP A 1 40  ? -1.142  5.710   -13.802 1.00 18.75 ? 40  ASP A OD2 1 
ATOM   305  N N   . GLY A 1 41  ? -3.923  1.811   -12.501 1.00 14.67 ? 41  GLY A N   1 
ATOM   306  C CA  . GLY A 1 41  ? -3.443  0.728   -11.595 1.00 13.14 ? 41  GLY A CA  1 
ATOM   307  C C   . GLY A 1 41  ? -2.536  1.231   -10.473 1.00 11.81 ? 41  GLY A C   1 
ATOM   308  O O   . GLY A 1 41  ? -2.253  0.477   -9.526  1.00 10.08 ? 41  GLY A O   1 
ATOM   309  N N   . THR A 1 42  ? -2.075  2.440   -10.521 1.00 9.79  ? 42  THR A N   1 
ATOM   310  C CA  . THR A 1 42  ? -1.173  2.995   -9.507  1.00 9.72  ? 42  THR A CA  1 
ATOM   311  C C   . THR A 1 42  ? -1.907  3.419   -8.256  1.00 8.98  ? 42  THR A C   1 
ATOM   312  O O   . THR A 1 42  ? -3.146  3.690   -8.242  1.00 10.70 ? 42  THR A O   1 
ATOM   313  C CB  . THR A 1 42  ? -0.301  4.140   -10.025 1.00 10.66 ? 42  THR A CB  1 
ATOM   314  O OG1 . THR A 1 42  ? -1.144  5.256   -10.385 1.00 11.51 ? 42  THR A OG1 1 
ATOM   315  C CG2 . THR A 1 42  ? 0.552   3.674   -11.219 1.00 11.85 ? 42  THR A CG2 1 
ATOM   316  N N   . VAL A 1 43  ? -1.144  3.494   -7.181  1.00 8.14  ? 43  VAL A N   1 
ATOM   317  C CA  . VAL A 1 43  ? -1.631  3.933   -5.883  1.00 8.37  ? 43  VAL A CA  1 
ATOM   318  C C   . VAL A 1 43  ? -0.648  4.984   -5.433  1.00 7.88  ? 43  VAL A C   1 
ATOM   319  O O   . VAL A 1 43  ? 0.511   4.699   -5.112  1.00 8.45  ? 43  VAL A O   1 
ATOM   320  C CB  . VAL A 1 43  ? -1.689  2.754   -4.879  1.00 7.89  ? 43  VAL A CB  1 
ATOM   321  C CG1 . VAL A 1 43  ? -2.119  3.228   -3.511  1.00 8.93  ? 43  VAL A CG1 1 
ATOM   322  C CG2 . VAL A 1 43  ? -2.596  1.673   -5.435  1.00 8.04  ? 43  VAL A CG2 1 
ATOM   323  N N   . ARG A 1 44  ? -1.074  6.231   -5.469  1.00 8.51  ? 44  ARG A N   1 
ATOM   324  C CA  . ARG A 1 44  ? -0.126  7.334   -5.359  1.00 8.49  ? 44  ARG A CA  1 
ATOM   325  C C   . ARG A 1 44  ? -0.324  8.072   -4.060  1.00 8.62  ? 44  ARG A C   1 
ATOM   326  O O   . ARG A 1 44  ? -1.472  8.337   -3.652  1.00 9.51  ? 44  ARG A O   1 
ATOM   327  C CB  . ARG A 1 44  ? -0.344  8.322   -6.539  1.00 9.75  ? 44  ARG A CB  1 
ATOM   328  C CG  . ARG A 1 44  ? -0.124  7.639   -7.841  1.00 12.16 ? 44  ARG A CG  1 
ATOM   329  C CD  . ARG A 1 44  ? 0.042   8.626   -8.989  1.00 12.90 ? 44  ARG A CD  1 
ATOM   330  N NE  . ARG A 1 44  ? 0.033   7.901   -10.247 1.00 14.19 ? 44  ARG A NE  1 
ATOM   331  C CZ  . ARG A 1 44  ? 0.631   8.345   -11.332 1.00 16.11 ? 44  ARG A CZ  1 
ATOM   332  N NH1 . ARG A 1 44  ? 0.545   7.603   -12.421 1.00 16.11 ? 44  ARG A NH1 1 
ATOM   333  N NH2 . ARG A 1 44  ? 1.332   9.493   -11.267 1.00 17.38 ? 44  ARG A NH2 1 
ATOM   334  N N   . ASN A 1 45  ? 0.713   8.423   -3.348  1.00 7.94  ? 45  ASN A N   1 
ATOM   335  C CA  . ASN A 1 45  ? 0.558   9.149   -2.085  1.00 8.13  ? 45  ASN A CA  1 
ATOM   336  C C   . ASN A 1 45  ? 0.044   10.536  -2.308  1.00 8.94  ? 45  ASN A C   1 
ATOM   337  O O   . ASN A 1 45  ? 0.587   11.236  -3.172  1.00 9.69  ? 45  ASN A O   1 
ATOM   338  C CB  . ASN A 1 45  ? 1.872   9.183   -1.325  1.00 7.97  ? 45  ASN A CB  1 
ATOM   339  C CG  . ASN A 1 45  ? 1.687   9.672   0.075   1.00 9.13  ? 45  ASN A CG  1 
ATOM   340  O OD1 . ASN A 1 45  ? 1.846   10.879  0.370   1.00 9.84  ? 45  ASN A OD1 1 
ATOM   341  N ND2 . ASN A 1 45  ? 1.342   8.777   0.985   1.00 8.33  ? 45  ASN A ND2 1 
ATOM   342  N N   . ALA A 1 46  ? -0.967  10.952  -1.549  1.00 9.70  ? 46  ALA A N   1 
ATOM   343  C CA  . ALA A 1 46  ? -1.576  12.252  -1.765  1.00 10.25 ? 46  ALA A CA  1 
ATOM   344  C C   . ALA A 1 46  ? -0.642  13.363  -1.469  1.00 10.47 ? 46  ALA A C   1 
ATOM   345  O O   . ALA A 1 46  ? -0.758  14.442  -2.122  1.00 13.22 ? 46  ALA A O   1 
ATOM   346  C CB  . ALA A 1 46  ? -2.834  12.374  -0.929  1.00 11.15 ? 46  ALA A CB  1 
ATOM   347  N N   . GLN A 1 47  ? 0.255   13.254  -0.506  1.00 9.41  ? 47  GLN A N   1 
ATOM   348  C CA  . GLN A 1 47  ? 1.187   14.255  -0.128  1.00 10.03 ? 47  GLN A CA  1 
ATOM   349  C C   . GLN A 1 47  ? 2.369   14.266  -1.039  1.00 10.36 ? 47  GLN A C   1 
ATOM   350  O O   . GLN A 1 47  ? 2.741   15.299  -1.605  1.00 12.56 ? 47  GLN A O   1 
ATOM   351  C CB  . GLN A 1 47  ? 1.646   14.142  1.349   1.00 11.28 ? 47  GLN A CB  1 
ATOM   352  C CG  . GLN A 1 47  ? 2.708   15.157  1.820   1.00 12.44 ? 47  GLN A CG  1 
ATOM   353  C CD  . GLN A 1 47  ? 2.191   16.605  1.855   1.00 14.15 ? 47  GLN A CD  1 
ATOM   354  O OE1 . GLN A 1 47  ? 1.001   16.833  1.899   1.00 15.58 ? 47  GLN A OE1 1 
ATOM   355  N NE2 . GLN A 1 47  ? 3.114   17.551  1.872   1.00 15.78 ? 47  GLN A NE2 1 
ATOM   356  N N   . THR A 1 48  ? 3.067   13.131  -1.193  1.00 9.99  ? 48  THR A N   1 
ATOM   357  C CA  . THR A 1 48  ? 4.345   13.082  -1.887  1.00 10.44 ? 48  THR A CA  1 
ATOM   358  C C   . THR A 1 48  ? 4.220   12.847  -3.381  1.00 10.13 ? 48  THR A C   1 
ATOM   359  O O   . THR A 1 48  ? 5.215   13.057  -4.111  1.00 11.71 ? 48  THR A O   1 
ATOM   360  C CB  . THR A 1 48  ? 5.261   11.981  -1.320  1.00 10.50 ? 48  THR A CB  1 
ATOM   361  O OG1 . THR A 1 48  ? 4.738   10.707  -1.797  1.00 9.17  ? 48  THR A OG1 1 
ATOM   362  C CG2 . THR A 1 48  ? 5.338   11.997  0.178   1.00 10.61 ? 48  THR A CG2 1 
ATOM   363  N N   . GLY A 1 49  ? 3.112   12.399  -3.913  1.00 9.17  ? 49  GLY A N   1 
ATOM   364  C CA  . GLY A 1 49  ? 2.991   12.105  -5.284  1.00 10.14 ? 49  GLY A CA  1 
ATOM   365  C C   . GLY A 1 49  ? 3.597   10.784  -5.743  1.00 9.80  ? 49  GLY A C   1 
ATOM   366  O O   . GLY A 1 49  ? 3.406   10.403  -6.891  1.00 10.18 ? 49  GLY A O   1 
ATOM   367  N N   . ARG A 1 50  ? 4.334   10.134  -4.867  1.00 8.80  ? 50  ARG A N   1 
ATOM   368  C CA  . ARG A 1 50  ? 5.096   8.948   -5.266  1.00 8.48  ? 50  ARG A CA  1 
ATOM   369  C C   . ARG A 1 50  ? 4.169   7.722   -5.335  1.00 9.03  ? 50  ARG A C   1 
ATOM   370  O O   . ARG A 1 50  ? 3.141   7.658   -4.656  1.00 8.86  ? 50  ARG A O   1 
ATOM   371  C CB  . ARG A 1 50  ? 6.217   8.732   -4.300  1.00 8.92  ? 50  ARG A CB  1 
ATOM   372  C CG  . ARG A 1 50  ? 7.226   9.867   -4.212  1.00 8.84  ? 50  ARG A CG  1 
ATOM   373  C CD  . ARG A 1 50  ? 8.164   9.742   -3.075  1.00 8.92  ? 50  ARG A CD  1 
ATOM   374  N NE  . ARG A 1 50  ? 9.091   8.638   -3.195  1.00 9.63  ? 50  ARG A NE  1 
ATOM   375  C CZ  . ARG A 1 50  ? 10.348  8.742   -3.611  1.00 10.68 ? 50  ARG A CZ  1 
ATOM   376  N NH1 . ARG A 1 50  ? 10.785  9.902   -4.085  1.00 12.99 ? 50  ARG A NH1 1 
ATOM   377  N NH2 . ARG A 1 50  ? 11.137  7.698   -3.603  1.00 11.13 ? 50  ARG A NH2 1 
ATOM   378  N N   . CYS A 1 51  ? 4.559   6.750   -6.130  1.00 8.98  ? 51  CYS A N   1 
ATOM   379  C CA  . CYS A 1 51  ? 3.779   5.560   -6.363  1.00 8.85  ? 51  CYS A CA  1 
ATOM   380  C C   . CYS A 1 51  ? 4.224   4.431   -5.464  1.00 7.09  ? 51  CYS A C   1 
ATOM   381  O O   . CYS A 1 51  ? 5.401   4.074   -5.350  1.00 6.95  ? 51  CYS A O   1 
ATOM   382  C CB  . CYS A 1 51  ? 3.995   5.089   -7.768  1.00 10.48 ? 51  CYS A CB  1 
ATOM   383  S SG  . CYS A 1 51  ? 3.030   5.862   -9.075  1.00 16.19 ? 51  CYS A SG  1 
ATOM   384  N N   . LEU A 1 52  ? 3.251   3.768   -4.865  1.00 6.07  ? 52  LEU A N   1 
ATOM   385  C CA  . LEU A 1 52  ? 3.458   2.542   -4.085  1.00 5.98  ? 52  LEU A CA  1 
ATOM   386  C C   . LEU A 1 52  ? 4.032   1.502   -5.043  1.00 6.01  ? 52  LEU A C   1 
ATOM   387  O O   . LEU A 1 52  ? 3.589   1.332   -6.174  1.00 5.72  ? 52  LEU A O   1 
ATOM   388  C CB  . LEU A 1 52  ? 2.137   2.051   -3.541  1.00 6.14  ? 52  LEU A CB  1 
ATOM   389  C CG  . LEU A 1 52  ? 2.176   0.881   -2.513  1.00 6.10  ? 52  LEU A CG  1 
ATOM   390  C CD1 . LEU A 1 52  ? 2.829   1.329   -1.242  1.00 6.86  ? 52  LEU A CD1 1 
ATOM   391  C CD2 . LEU A 1 52  ? 0.787   0.349   -2.299  1.00 6.56  ? 52  LEU A CD2 1 
ATOM   392  N N   . ASP A 1 53  ? 5.001   0.781   -4.546  1.00 5.73  ? 53  ASP A N   1 
ATOM   393  C CA  . ASP A 1 53  ? 5.879   -0.057  -5.345  1.00 6.61  ? 53  ASP A CA  1 
ATOM   394  C C   . ASP A 1 53  ? 6.397   -1.168  -4.492  1.00 6.21  ? 53  ASP A C   1 
ATOM   395  O O   . ASP A 1 53  ? 6.434   -1.061  -3.246  1.00 6.21  ? 53  ASP A O   1 
ATOM   396  C CB  . ASP A 1 53  ? 7.034   0.830   -5.925  1.00 7.40  ? 53  ASP A CB  1 
ATOM   397  C CG  . ASP A 1 53  ? 7.711   0.332   -7.142  1.00 9.59  ? 53  ASP A CG  1 
ATOM   398  O OD1 . ASP A 1 53  ? 7.612   -0.846  -7.508  1.00 9.45  ? 53  ASP A OD1 1 
ATOM   399  O OD2 . ASP A 1 53  ? 8.397   1.191   -7.773  1.00 9.79  ? 53  ASP A OD2 1 
ATOM   400  N N   . SER A 1 54  ? 6.778   -2.305  -5.095  1.00 6.79  ? 54  SER A N   1 
ATOM   401  C CA  . SER A 1 54  ? 7.310   -3.430  -4.359  1.00 6.32  ? 54  SER A CA  1 
ATOM   402  C C   . SER A 1 54  ? 8.151   -4.300  -5.270  1.00 6.73  ? 54  SER A C   1 
ATOM   403  O O   . SER A 1 54  ? 8.116   -4.135  -6.499  1.00 7.36  ? 54  SER A O   1 
ATOM   404  C CB  . SER A 1 54  ? 6.268   -4.212  -3.671  1.00 6.60  ? 54  SER A CB  1 
ATOM   405  O OG  . SER A 1 54  ? 5.480   -4.942  -4.585  1.00 8.30  ? 54  SER A OG  1 
ATOM   406  N N   . ASN A 1 55  ? 8.918   -5.204  -4.683  1.00 5.82  ? 55  ASN A N   1 
ATOM   407  C CA  . ASN A 1 55  ? 9.764   -6.120  -5.465  1.00 5.39  ? 55  ASN A CA  1 
ATOM   408  C C   . ASN A 1 55  ? 9.485   -7.548  -5.103  1.00 5.35  ? 55  ASN A C   1 
ATOM   409  O O   . ASN A 1 55  ? 8.714   -7.889  -4.227  1.00 5.42  ? 55  ASN A O   1 
ATOM   410  C CB  . ASN A 1 55  ? 11.244  -5.685  -5.363  1.00 5.31  ? 55  ASN A CB  1 
ATOM   411  C CG  . ASN A 1 55  ? 11.821  -5.821  -4.008  1.00 5.80  ? 55  ASN A CG  1 
ATOM   412  O OD1 . ASN A 1 55  ? 11.298  -6.483  -3.125  1.00 6.29  ? 55  ASN A OD1 1 
ATOM   413  N ND2 . ASN A 1 55  ? 12.939  -5.100  -3.763  1.00 7.37  ? 55  ASN A ND2 1 
ATOM   414  N N   . TYR A 1 56  ? 10.181  -8.469  -5.772  1.00 5.38  ? 56  TYR A N   1 
ATOM   415  C CA  . TYR A 1 56  ? 9.960   -9.897  -5.512  1.00 5.54  ? 56  TYR A CA  1 
ATOM   416  C C   . TYR A 1 56  ? 10.441  -10.318 -4.135  1.00 5.63  ? 56  TYR A C   1 
ATOM   417  O O   . TYR A 1 56  ? 9.904   -11.254 -3.537  1.00 6.41  ? 56  TYR A O   1 
ATOM   418  C CB  . TYR A 1 56  ? 10.626  -10.772 -6.605  1.00 5.31  ? 56  TYR A CB  1 
ATOM   419  C CG  . TYR A 1 56  ? 9.775   -10.916 -7.845  1.00 6.45  ? 56  TYR A CG  1 
ATOM   420  C CD1 . TYR A 1 56  ? 8.767   -11.885 -7.868  1.00 7.03  ? 56  TYR A CD1 1 
ATOM   421  C CD2 . TYR A 1 56  ? 9.899   -10.078 -8.916  1.00 6.30  ? 56  TYR A CD2 1 
ATOM   422  C CE1 . TYR A 1 56  ? 7.947   -12.032 -8.969  1.00 7.17  ? 56  TYR A CE1 1 
ATOM   423  C CE2 . TYR A 1 56  ? 9.087   -10.186 -10.038 1.00 7.08  ? 56  TYR A CE2 1 
ATOM   424  C CZ  . TYR A 1 56  ? 8.120   -11.168 -10.033 1.00 6.94  ? 56  TYR A CZ  1 
ATOM   425  O OH  . TYR A 1 56  ? 7.286   -11.300 -11.169 1.00 8.89  ? 56  TYR A OH  1 
ATOM   426  N N   . ASP A 1 57  ? 11.429  -9.632  -3.572  1.00 6.18  ? 57  ASP A N   1 
ATOM   427  C CA  . ASP A 1 57  ? 11.907  -9.881  -2.229  1.00 7.27  ? 57  ASP A CA  1 
ATOM   428  C C   . ASP A 1 57  ? 10.896  -9.475  -1.187  1.00 6.65  ? 57  ASP A C   1 
ATOM   429  O O   . ASP A 1 57  ? 11.073  -9.767  0.004   1.00 9.34  ? 57  ASP A O   1 
ATOM   430  C CB  . ASP A 1 57  ? 13.181  -8.999  -2.016  1.00 9.30  ? 57  ASP A CB  1 
ATOM   431  C CG  . ASP A 1 57  ? 13.786  -9.083  -0.647  1.00 10.47 ? 57  ASP A CG  1 
ATOM   432  O OD1 . ASP A 1 57  ? 14.014  -10.234 -0.209  1.00 14.72 ? 57  ASP A OD1 1 
ATOM   433  O OD2 . ASP A 1 57  ? 13.914  -7.953  -0.073  1.00 14.01 ? 57  ASP A OD2 1 
ATOM   434  N N   . GLY A 1 58  ? 9.874   -8.728  -1.545  1.00 5.89  ? 58  GLY A N   1 
ATOM   435  C CA  . GLY A 1 58  ? 8.856   -8.336  -0.600  1.00 6.07  ? 58  GLY A CA  1 
ATOM   436  C C   . GLY A 1 58  ? 9.048   -7.002  0.027   1.00 5.48  ? 58  GLY A C   1 
ATOM   437  O O   . GLY A 1 58  ? 8.249   -6.623  0.889   1.00 5.84  ? 58  GLY A O   1 
ATOM   438  N N   . ALA A 1 59  ? 10.026  -6.247  -0.378  1.00 5.52  ? 59  ALA A N   1 
ATOM   439  C CA  . ALA A 1 59  ? 10.159  -4.838  0.042   1.00 5.95  ? 59  ALA A CA  1 
ATOM   440  C C   . ALA A 1 59  ? 9.025   -4.033  -0.562  1.00 5.97  ? 59  ALA A C   1 
ATOM   441  O O   . ALA A 1 59  ? 8.648   -4.224  -1.705  1.00 6.11  ? 59  ALA A O   1 
ATOM   442  C CB  . ALA A 1 59  ? 11.511  -4.285  -0.356  1.00 6.55  ? 59  ALA A CB  1 
ATOM   443  N N   . VAL A 1 60  ? 8.507   -3.086  0.224   1.00 5.68  ? 60  VAL A N   1 
ATOM   444  C CA  . VAL A 1 60  ? 7.553   -2.099  -0.222  1.00 5.61  ? 60  VAL A CA  1 
ATOM   445  C C   . VAL A 1 60  ? 8.084   -0.702  0.028   1.00 5.59  ? 60  VAL A C   1 
ATOM   446  O O   . VAL A 1 60  ? 8.688   -0.478  1.083   1.00 6.68  ? 60  VAL A O   1 
ATOM   447  C CB  . VAL A 1 60  ? 6.180   -2.309  0.490   1.00 5.49  ? 60  VAL A CB  1 
ATOM   448  C CG1 . VAL A 1 60  ? 5.197   -1.221  0.151   1.00 5.62  ? 60  VAL A CG1 1 
ATOM   449  C CG2 . VAL A 1 60  ? 5.625   -3.684  0.164   1.00 5.45  ? 60  VAL A CG2 1 
ATOM   450  N N   . TYR A 1 61  ? 7.870   0.162   -0.920  1.00 5.68  ? 61  TYR A N   1 
ATOM   451  C CA  . TYR A 1 61  ? 8.463   1.503   -0.933  1.00 5.82  ? 61  TYR A CA  1 
ATOM   452  C C   . TYR A 1 61  ? 7.630   2.371   -1.838  1.00 6.37  ? 61  TYR A C   1 
ATOM   453  O O   . TYR A 1 61  ? 6.713   1.883   -2.508  1.00 7.19  ? 61  TYR A O   1 
ATOM   454  C CB  . TYR A 1 61  ? 9.974   1.438   -1.305  1.00 6.45  ? 61  TYR A CB  1 
ATOM   455  C CG  . TYR A 1 61  ? 10.256  0.517   -2.464  1.00 6.91  ? 61  TYR A CG  1 
ATOM   456  C CD1 . TYR A 1 61  ? 10.125  0.926   -3.751  1.00 7.57  ? 61  TYR A CD1 1 
ATOM   457  C CD2 . TYR A 1 61  ? 10.566  -0.805  -2.229  1.00 7.56  ? 61  TYR A CD2 1 
ATOM   458  C CE1 . TYR A 1 61  ? 10.319  0.034   -4.844  1.00 7.72  ? 61  TYR A CE1 1 
ATOM   459  C CE2 . TYR A 1 61  ? 10.800  -1.693  -3.272  1.00 8.36  ? 61  TYR A CE2 1 
ATOM   460  C CZ  . TYR A 1 61  ? 10.665  -1.248  -4.575  1.00 7.95  ? 61  TYR A CZ  1 
ATOM   461  O OH  . TYR A 1 61  ? 10.884  -2.201  -5.579  1.00 9.94  ? 61  TYR A OH  1 
ATOM   462  N N   . THR A 1 62  ? 7.962   3.674   -1.916  1.00 6.63  ? 62  THR A N   1 
ATOM   463  C CA  . THR A 1 62  ? 7.395   4.505   -2.979  1.00 7.33  ? 62  THR A CA  1 
ATOM   464  C C   . THR A 1 62  ? 8.531   5.046   -3.831  1.00 7.07  ? 62  THR A C   1 
ATOM   465  O O   . THR A 1 62  ? 9.626   5.287   -3.321  1.00 8.48  ? 62  THR A O   1 
ATOM   466  C CB  . THR A 1 62  ? 6.494   5.642   -2.511  1.00 8.09  ? 62  THR A CB  1 
ATOM   467  O OG1 . THR A 1 62  ? 7.298   6.656   -1.896  1.00 9.11  ? 62  THR A OG1 1 
ATOM   468  C CG2 . THR A 1 62  ? 5.354   5.205   -1.659  1.00 8.82  ? 62  THR A CG2 1 
ATOM   469  N N   . LEU A 1 63  ? 8.198   5.216   -5.076  1.00 7.85  ? 63  LEU A N   1 
ATOM   470  C CA  . LEU A 1 63  ? 9.173   5.794   -6.062  1.00 8.74  ? 63  LEU A CA  1 
ATOM   471  C C   . LEU A 1 63  ? 8.415   6.720   -6.961  1.00 8.79  ? 63  LEU A C   1 
ATOM   472  O O   . LEU A 1 63  ? 7.207   6.593   -7.151  1.00 9.26  ? 63  LEU A O   1 
ATOM   473  C CB  . LEU A 1 63  ? 9.841   4.674   -6.874  1.00 10.15 ? 63  LEU A CB  1 
ATOM   474  C CG  . LEU A 1 63  ? 10.986  3.920   -6.284  1.00 11.31 ? 63  LEU A CG  1 
ATOM   475  C CD1 . LEU A 1 63  ? 11.390  2.813   -7.202  1.00 12.26 ? 63  LEU A CD1 1 
ATOM   476  C CD2 . LEU A 1 63  ? 12.171  4.787   -5.969  1.00 12.68 ? 63  LEU A CD2 1 
ATOM   477  N N   . PRO A 1 64  ? 9.130   7.654   -7.675  1.00 10.05 ? 64  PRO A N   1 
ATOM   478  C CA  . PRO A 1 64  ? 8.504   8.381   -8.710  1.00 11.00 ? 64  PRO A CA  1 
ATOM   479  C C   . PRO A 1 64  ? 7.775   7.463   -9.718  1.00 10.39 ? 64  PRO A C   1 
ATOM   480  O O   . PRO A 1 64  ? 8.261   6.362   -10.050 1.00 10.17 ? 64  PRO A O   1 
ATOM   481  C CB  . PRO A 1 64  ? 9.710   9.091   -9.338  1.00 10.65 ? 64  PRO A CB  1 
ATOM   482  C CG  . PRO A 1 64  ? 10.685  9.247   -8.299  1.00 11.84 ? 64  PRO A CG  1 
ATOM   483  C CD  . PRO A 1 64  ? 10.553  7.982   -7.492  1.00 10.58 ? 64  PRO A CD  1 
ATOM   484  N N   . CYS A 1 65  ? 6.616   7.843   -10.211 1.00 10.73 ? 65  CYS A N   1 
ATOM   485  C CA  . CYS A 1 65  ? 5.828   7.047   -11.100 1.00 13.74 ? 65  CYS A CA  1 
ATOM   486  C C   . CYS A 1 65  ? 6.541   6.798   -12.413 1.00 12.95 ? 65  CYS A C   1 
ATOM   487  O O   . CYS A 1 65  ? 6.974   7.735   -13.086 1.00 14.29 ? 65  CYS A O   1 
ATOM   488  C CB  . CYS A 1 65  ? 4.428   7.661   -11.211 1.00 16.91 ? 65  CYS A CB  1 
ATOM   489  S SG  . CYS A 1 65  ? 3.584   7.675   -9.516  1.00 25.12 ? 65  CYS A SG  1 
ATOM   490  N N   . ASN A 1 66  ? 6.773   5.521   -12.764 1.00 12.86 ? 66  ASN A N   1 
ATOM   491  C CA  . ASN A 1 66  ? 7.581   5.155   -13.931 1.00 13.13 ? 66  ASN A CA  1 
ATOM   492  C C   . ASN A 1 66  ? 6.848   4.320   -14.965 1.00 13.96 ? 66  ASN A C   1 
ATOM   493  O O   . ASN A 1 66  ? 7.425   3.936   -15.986 1.00 16.45 ? 66  ASN A O   1 
ATOM   494  C CB  . ASN A 1 66  ? 8.851   4.463   -13.490 1.00 12.52 ? 66  ASN A CB  1 
ATOM   495  C CG  . ASN A 1 66  ? 8.625   3.146   -12.721 1.00 11.74 ? 66  ASN A CG  1 
ATOM   496  O OD1 . ASN A 1 66  ? 7.695   2.432   -13.005 1.00 12.41 ? 66  ASN A OD1 1 
ATOM   497  N ND2 . ASN A 1 66  ? 9.486   2.873   -11.782 1.00 13.42 ? 66  ASN A ND2 1 
ATOM   498  N N   . GLY A 1 67  ? 5.578   4.018   -14.736 1.00 13.14 ? 67  GLY A N   1 
ATOM   499  C CA  . GLY A 1 67  ? 4.714   3.310   -15.663 1.00 13.92 ? 67  GLY A CA  1 
ATOM   500  C C   . GLY A 1 67  ? 4.919   1.778   -15.688 1.00 14.00 ? 67  GLY A C   1 
ATOM   501  O O   . GLY A 1 67  ? 4.259   1.081   -16.454 1.00 17.32 ? 67  GLY A O   1 
ATOM   502  N N   . GLY A 1 68  ? 5.805   1.263   -14.848 1.00 13.70 ? 68  GLY A N   1 
ATOM   503  C CA  . GLY A 1 68  ? 6.090   -0.173  -14.785 1.00 13.38 ? 68  GLY A CA  1 
ATOM   504  C C   . GLY A 1 68  ? 5.081   -1.008  -14.017 1.00 12.56 ? 68  GLY A C   1 
ATOM   505  O O   . GLY A 1 68  ? 4.286   -0.519  -13.226 1.00 12.33 ? 68  GLY A O   1 
ATOM   506  N N   . SER A 1 69  ? 5.128   -2.324  -14.222 1.00 11.93 ? 69  SER A N   1 
ATOM   507  C CA  . SER A 1 69  ? 4.166   -3.281  -13.656 1.00 12.09 ? 69  SER A CA  1 
ATOM   508  C C   . SER A 1 69  ? 4.296   -3.421  -12.111 1.00 9.00  ? 69  SER A C   1 
ATOM   509  O O   . SER A 1 69  ? 3.343   -3.724  -11.420 1.00 9.00  ? 69  SER A O   1 
ATOM   510  C CB  . SER A 1 69  ? 4.389   -4.698  -14.277 1.00 14.07 ? 69  SER A CB  1 
ATOM   511  O OG  . SER A 1 69  ? 5.760   -5.056  -14.148 1.00 17.70 ? 69  SER A OG  1 
ATOM   512  N N   . TYR A 1 70  ? 5.465   -3.102  -11.576 1.00 8.80  ? 70  TYR A N   1 
ATOM   513  C CA  . TYR A 1 70  ? 5.717   -3.174  -10.123 1.00 7.87  ? 70  TYR A CA  1 
ATOM   514  C C   . TYR A 1 70  ? 4.954   -2.064  -9.389  1.00 7.68  ? 70  TYR A C   1 
ATOM   515  O O   . TYR A 1 70  ? 4.740   -2.155  -8.178  1.00 7.32  ? 70  TYR A O   1 
ATOM   516  C CB  . TYR A 1 70  ? 7.169   -3.057  -9.819  1.00 8.80  ? 70  TYR A CB  1 
ATOM   517  C CG  . TYR A 1 70  ? 8.066   -4.202  -10.227 1.00 8.97  ? 70  TYR A CG  1 
ATOM   518  C CD1 . TYR A 1 70  ? 8.211   -5.277  -9.412  1.00 8.28  ? 70  TYR A CD1 1 
ATOM   519  C CD2 . TYR A 1 70  ? 8.782   -4.187  -11.405 1.00 9.56  ? 70  TYR A CD2 1 
ATOM   520  C CE1 . TYR A 1 70  ? 9.094   -6.319  -9.669  1.00 9.26  ? 70  TYR A CE1 1 
ATOM   521  C CE2 . TYR A 1 70  ? 9.648   -5.268  -11.694 1.00 10.01 ? 70  TYR A CE2 1 
ATOM   522  C CZ  . TYR A 1 70  ? 9.784   -6.261  -10.791 1.00 9.80  ? 70  TYR A CZ  1 
ATOM   523  O OH  . TYR A 1 70  ? 10.716  -7.304  -10.985 1.00 14.09 ? 70  TYR A OH  1 
ATOM   524  N N   . GLN A 1 71  ? 4.559   -1.034  -10.115 1.00 6.98  ? 71  GLN A N   1 
ATOM   525  C CA  . GLN A 1 71  ? 3.744   0.040   -9.543  1.00 7.96  ? 71  GLN A CA  1 
ATOM   526  C C   . GLN A 1 71  ? 2.267   -0.091  -9.788  1.00 7.84  ? 71  GLN A C   1 
ATOM   527  O O   . GLN A 1 71  ? 1.464   0.824   -9.496  1.00 8.13  ? 71  GLN A O   1 
ATOM   528  C CB  . GLN A 1 71  ? 4.274   1.399   -10.047 1.00 8.34  ? 71  GLN A CB  1 
ATOM   529  C CG  . GLN A 1 71  ? 5.585   1.754   -9.445  1.00 8.83  ? 71  GLN A CG  1 
ATOM   530  C CD  . GLN A 1 71  ? 6.179   3.076   -9.939  1.00 9.08  ? 71  GLN A CD  1 
ATOM   531  O OE1 . GLN A 1 71  ? 5.608   3.750   -10.768 1.00 11.03 ? 71  GLN A OE1 1 
ATOM   532  N NE2 . GLN A 1 71  ? 7.239   3.455   -9.330  1.00 8.99  ? 71  GLN A NE2 1 
ATOM   533  N N   . LYS A 1 72  ? 1.837   -1.239  -10.282 1.00 7.43  ? 72  LYS A N   1 
ATOM   534  C CA  . LYS A 1 72  ? 0.413   -1.493  -10.511 1.00 7.71  ? 72  LYS A CA  1 
ATOM   535  C C   . LYS A 1 72  ? -0.114  -2.467  -9.454  1.00 6.75  ? 72  LYS A C   1 
ATOM   536  O O   . LYS A 1 72  ? 0.613   -3.426  -9.096  1.00 6.81  ? 72  LYS A O   1 
ATOM   537  C CB  . LYS A 1 72  ? 0.131   -2.069  -11.899 1.00 10.15 ? 72  LYS A CB  1 
ATOM   538  C CG  . LYS A 1 72  ? 0.505   -1.076  -12.987 1.00 14.05 ? 72  LYS A CG  1 
ATOM   539  C CD  . LYS A 1 72  ? -0.034  -1.329  -14.395 1.00 18.60 ? 72  LYS A CD  1 
ATOM   540  C CE  . LYS A 1 72  ? 0.323   -0.153  -15.373 1.00 23.62 ? 72  LYS A CE  1 
ATOM   541  N NZ  . LYS A 1 72  ? 0.275   1.339   -15.010 1.00 23.75 ? 72  LYS A NZ  1 
ATOM   542  N N   . TRP A 1 73  ? -1.283  -2.193  -8.950  1.00 6.53  ? 73  TRP A N   1 
ATOM   543  C CA  . TRP A 1 73  ? -1.901  -2.960  -7.847  1.00 6.40  ? 73  TRP A CA  1 
ATOM   544  C C   . TRP A 1 73  ? -3.327  -3.350  -8.218  1.00 7.17  ? 73  TRP A C   1 
ATOM   545  O O   . TRP A 1 73  ? -4.033  -2.553  -8.897  1.00 9.57  ? 73  TRP A O   1 
ATOM   546  C CB  . TRP A 1 73  ? -1.889  -2.117  -6.567  1.00 6.14  ? 73  TRP A CB  1 
ATOM   547  C CG  . TRP A 1 73  ? -0.496  -1.753  -6.116  1.00 6.12  ? 73  TRP A CG  1 
ATOM   548  C CD1 . TRP A 1 73  ? 0.251   -0.700  -6.566  1.00 6.50  ? 73  TRP A CD1 1 
ATOM   549  C CD2 . TRP A 1 73  ? 0.334   -2.519  -5.234  1.00 5.52  ? 73  TRP A CD2 1 
ATOM   550  N NE1 . TRP A 1 73  ? 1.498   -0.760  -6.012  1.00 6.34  ? 73  TRP A NE1 1 
ATOM   551  C CE2 . TRP A 1 73  ? 1.596   -1.852  -5.190  1.00 6.07  ? 73  TRP A CE2 1 
ATOM   552  C CE3 . TRP A 1 73  ? 0.170   -3.683  -4.470  1.00 5.42  ? 73  TRP A CE3 1 
ATOM   553  C CZ2 . TRP A 1 73  ? 2.626   -2.284  -4.391  1.00 5.88  ? 73  TRP A CZ2 1 
ATOM   554  C CZ3 . TRP A 1 73  ? 1.182   -4.112  -3.677  1.00 5.47  ? 73  TRP A CZ3 1 
ATOM   555  C CH2 . TRP A 1 73  ? 2.427   -3.406  -3.627  1.00 5.89  ? 73  TRP A CH2 1 
ATOM   556  N N   . LEU A 1 74  ? -3.760  -4.499  -7.746  1.00 6.92  ? 74  LEU A N   1 
ATOM   557  C CA  . LEU A 1 74  ? -5.113  -5.002  -7.954  1.00 7.86  ? 74  LEU A CA  1 
ATOM   558  C C   . LEU A 1 74  ? -5.807  -5.102  -6.619  1.00 7.71  ? 74  LEU A C   1 
ATOM   559  O O   . LEU A 1 74  ? -5.316  -5.781  -5.697  1.00 7.75  ? 74  LEU A O   1 
ATOM   560  C CB  . LEU A 1 74  ? -5.014  -6.370  -8.591  1.00 9.16  ? 74  LEU A CB  1 
ATOM   561  C CG  . LEU A 1 74  ? -6.335  -7.085  -8.814  1.00 11.34 ? 74  LEU A CG  1 
ATOM   562  C CD1 . LEU A 1 74  ? -7.280  -6.301  -9.686  1.00 13.29 ? 74  LEU A CD1 1 
ATOM   563  C CD2 . LEU A 1 74  ? -6.054  -8.408  -9.475  1.00 11.62 ? 74  LEU A CD2 1 
ATOM   564  N N   . PHE A 1 75  ? -6.933  -4.427  -6.456  1.00 7.29  ? 75  PHE A N   1 
ATOM   565  C CA  . PHE A 1 75  ? -7.734  -4.449  -5.246  1.00 7.17  ? 75  PHE A CA  1 
ATOM   566  C C   . PHE A 1 75  ? -8.840  -5.462  -5.336  1.00 7.49  ? 75  PHE A C   1 
ATOM   567  O O   . PHE A 1 75  ? -9.708  -5.319  -6.246  1.00 9.70  ? 75  PHE A O   1 
ATOM   568  C CB  . PHE A 1 75  ? -8.318  -3.054  -4.982  1.00 7.35  ? 75  PHE A CB  1 
ATOM   569  C CG  . PHE A 1 75  ? -7.305  -2.028  -4.513  1.00 7.19  ? 75  PHE A CG  1 
ATOM   570  C CD1 . PHE A 1 75  ? -6.299  -1.562  -5.388  1.00 7.35  ? 75  PHE A CD1 1 
ATOM   571  C CD2 . PHE A 1 75  ? -7.352  -1.533  -3.265  1.00 7.46  ? 75  PHE A CD2 1 
ATOM   572  C CE1 . PHE A 1 75  ? -5.414  -0.611  -4.937  1.00 8.48  ? 75  PHE A CE1 1 
ATOM   573  C CE2 . PHE A 1 75  ? -6.456  -0.572  -2.778  1.00 7.63  ? 75  PHE A CE2 1 
ATOM   574  C CZ  . PHE A 1 75  ? -5.479  -0.137  -3.654  1.00 8.18  ? 75  PHE A CZ  1 
ATOM   575  N N   . TYR A 1 76  ? -8.840  -6.485  -4.539  1.00 7.19  ? 76  TYR A N   1 
ATOM   576  C CA  . TYR A 1 76  ? -9.860  -7.505  -4.489  1.00 6.88  ? 76  TYR A CA  1 
ATOM   577  C C   . TYR A 1 76  ? -11.002 -7.059  -3.583  1.00 7.59  ? 76  TYR A C   1 
ATOM   578  O O   . TYR A 1 76  ? -10.793 -6.358  -2.578  1.00 6.99  ? 76  TYR A O   1 
ATOM   579  C CB  . TYR A 1 76  ? -9.270  -8.778  -3.963  1.00 6.53  ? 76  TYR A CB  1 
ATOM   580  C CG  . TYR A 1 76  ? -8.351  -9.487  -4.922  1.00 6.85  ? 76  TYR A CG  1 
ATOM   581  C CD1 . TYR A 1 76  ? -7.056  -9.038  -5.195  1.00 7.35  ? 76  TYR A CD1 1 
ATOM   582  C CD2 . TYR A 1 76  ? -8.781  -10.622 -5.584  1.00 7.52  ? 76  TYR A CD2 1 
ATOM   583  C CE1 . TYR A 1 76  ? -6.181  -9.720  -6.025  1.00 7.15  ? 76  TYR A CE1 1 
ATOM   584  C CE2 . TYR A 1 76  ? -7.928  -11.323 -6.425  1.00 8.11  ? 76  TYR A CE2 1 
ATOM   585  C CZ  . TYR A 1 76  ? -6.645  -10.848 -6.677  1.00 7.11  ? 76  TYR A CZ  1 
ATOM   586  O OH  . TYR A 1 76  ? -5.771  -11.535 -7.510  1.00 8.05  ? 76  TYR A OH  1 
ATOM   587  N N   . SER A 1 77  ? -12.186 -7.599  -3.835  1.00 8.33  ? 77  SER A N   1 
ATOM   588  C CA  . SER A 1 77  ? -13.359 -7.286  -3.020  1.00 8.71  ? 77  SER A CA  1 
ATOM   589  C C   . SER A 1 77  ? -13.230 -7.765  -1.583  1.00 9.71  ? 77  SER A C   1 
ATOM   590  O O   . SER A 1 77  ? -13.840 -7.188  -0.663  1.00 11.97 ? 77  SER A O   1 
ATOM   591  C CB  . SER A 1 77  ? -14.573 -7.904  -3.720  1.00 9.32  ? 77  SER A CB  1 
ATOM   592  O OG  . SER A 1 77  ? -14.516 -9.287  -3.784  1.00 13.48 ? 77  SER A OG  1 
ATOM   593  N N   . ASN A 1 78  ? -12.430 -8.779  -1.335  1.00 8.00  ? 78  ASN A N   1 
ATOM   594  C CA  . ASN A 1 78  ? -12.189 -9.337  0.004   1.00 8.33  ? 78  ASN A CA  1 
ATOM   595  C C   . ASN A 1 78  ? -11.109 -8.615  0.778   1.00 8.83  ? 78  ASN A C   1 
ATOM   596  O O   . ASN A 1 78  ? -10.821 -9.001  1.901   1.00 9.73  ? 78  ASN A O   1 
ATOM   597  C CB  . ASN A 1 78  ? -11.940 -10.845 -0.031  1.00 9.37  ? 78  ASN A CB  1 
ATOM   598  C CG  . ASN A 1 78  ? -10.686 -11.237 -0.747  1.00 10.75 ? 78  ASN A CG  1 
ATOM   599  O OD1 . ASN A 1 78  ? -10.454 -12.475 -0.955  1.00 15.96 ? 78  ASN A OD1 1 
ATOM   600  N ND2 . ASN A 1 78  ? -9.867  -10.288 -1.104  1.00 8.42  ? 78  ASN A ND2 1 
ATOM   601  N N   . GLY A 1 79  ? -10.505 -7.572  0.249   1.00 7.80  ? 79  GLY A N   1 
ATOM   602  C CA  . GLY A 1 79  ? -9.529  -6.774  1.021   1.00 7.33  ? 79  GLY A CA  1 
ATOM   603  C C   . GLY A 1 79  ? -8.100  -6.994  0.589   1.00 6.80  ? 79  GLY A C   1 
ATOM   604  O O   . GLY A 1 79  ? -7.237  -6.206  1.075   1.00 6.83  ? 79  GLY A O   1 
ATOM   605  N N   . TYR A 1 80  ? -7.744  -7.997  -0.171  1.00 6.61  ? 80  TYR A N   1 
ATOM   606  C CA  . TYR A 1 80  ? -6.363  -8.089  -0.616  1.00 6.61  ? 80  TYR A CA  1 
ATOM   607  C C   . TYR A 1 80  ? -6.010  -6.996  -1.544  1.00 5.90  ? 80  TYR A C   1 
ATOM   608  O O   . TYR A 1 80  ? -6.820  -6.507  -2.356  1.00 6.60  ? 80  TYR A O   1 
ATOM   609  C CB  . TYR A 1 80  ? -6.146  -9.416  -1.352  1.00 6.80  ? 80  TYR A CB  1 
ATOM   610  C CG  . TYR A 1 80  ? -6.040  -10.669 -0.562  1.00 7.56  ? 80  TYR A CG  1 
ATOM   611  C CD1 . TYR A 1 80  ? -4.970  -10.870 0.332   1.00 8.69  ? 80  TYR A CD1 1 
ATOM   612  C CD2 . TYR A 1 80  ? -6.951  -11.756 -0.696  1.00 8.79  ? 80  TYR A CD2 1 
ATOM   613  C CE1 . TYR A 1 80  ? -4.853  -12.062 1.023   1.00 9.90  ? 80  TYR A CE1 1 
ATOM   614  C CE2 . TYR A 1 80  ? -6.783  -12.929 0.042   1.00 8.79  ? 80  TYR A CE2 1 
ATOM   615  C CZ  . TYR A 1 80  ? -5.713  -13.053 0.843   1.00 9.18  ? 80  TYR A CZ  1 
ATOM   616  O OH  . TYR A 1 80  ? -5.544  -14.226 1.530   1.00 11.11 ? 80  TYR A OH  1 
ATOM   617  N N   . ILE A 1 81  ? -4.733  -6.521  -1.497  1.00 5.67  ? 81  ILE A N   1 
ATOM   618  C CA  . ILE A 1 81  ? -4.165  -5.552  -2.392  1.00 5.52  ? 81  ILE A CA  1 
ATOM   619  C C   . ILE A 1 81  ? -2.934  -6.214  -2.977  1.00 5.65  ? 81  ILE A C   1 
ATOM   620  O O   . ILE A 1 81  ? -1.920  -6.376  -2.279  1.00 6.39  ? 81  ILE A O   1 
ATOM   621  C CB  . ILE A 1 81  ? -3.831  -4.199  -1.714  1.00 5.67  ? 81  ILE A CB  1 
ATOM   622  C CG1 . ILE A 1 81  ? -5.081  -3.616  -1.078  1.00 5.91  ? 81  ILE A CG1 1 
ATOM   623  C CG2 . ILE A 1 81  ? -3.203  -3.258  -2.706  1.00 6.21  ? 81  ILE A CG2 1 
ATOM   624  C CD1 . ILE A 1 81  ? -4.853  -2.348  -0.251  1.00 6.58  ? 81  ILE A CD1 1 
ATOM   625  N N   . GLN A 1 82  ? -2.977  -6.589  -4.240  1.00 4.67  ? 82  GLN A N   1 
ATOM   626  C CA  . GLN A 1 82  ? -1.948  -7.434  -4.835  1.00 4.64  ? 82  GLN A CA  1 
ATOM   627  C C   . GLN A 1 82  ? -1.093  -6.664  -5.798  1.00 4.95  ? 82  GLN A C   1 
ATOM   628  O O   . GLN A 1 82  ? -1.590  -5.884  -6.626  1.00 4.94  ? 82  GLN A O   1 
ATOM   629  C CB  . GLN A 1 82  ? -2.661  -8.557  -5.596  1.00 5.13  ? 82  GLN A CB  1 
ATOM   630  C CG  . GLN A 1 82  ? -1.704  -9.559  -6.224  1.00 5.41  ? 82  GLN A CG  1 
ATOM   631  C CD  . GLN A 1 82  ? -2.495  -10.631 -6.948  1.00 5.54  ? 82  GLN A CD  1 
ATOM   632  O OE1 . GLN A 1 82  ? -3.438  -10.355 -7.682  1.00 6.50  ? 82  GLN A OE1 1 
ATOM   633  N NE2 . GLN A 1 82  ? -2.031  -11.843 -6.821  1.00 6.53  ? 82  GLN A NE2 1 
ATOM   634  N N   . ASN A 1 83  ? 0.202   -6.866  -5.756  1.00 4.92  ? 83  ASN A N   1 
ATOM   635  C CA  . ASN A 1 83  ? 1.122   -6.298  -6.763  1.00 5.34  ? 83  ASN A CA  1 
ATOM   636  C C   . ASN A 1 83  ? 0.897   -7.035  -8.089  1.00 5.13  ? 83  ASN A C   1 
ATOM   637  O O   . ASN A 1 83  ? 0.971   -8.267  -8.156  1.00 5.81  ? 83  ASN A O   1 
ATOM   638  C CB  . ASN A 1 83  ? 2.579   -6.434  -6.306  1.00 5.72  ? 83  ASN A CB  1 
ATOM   639  C CG  . ASN A 1 83  ? 3.462   -5.651  -7.179  1.00 6.13  ? 83  ASN A CG  1 
ATOM   640  O OD1 . ASN A 1 83  ? 4.031   -6.186  -8.151  1.00 7.10  ? 83  ASN A OD1 1 
ATOM   641  N ND2 . ASN A 1 83  ? 3.611   -4.380  -6.906  1.00 6.35  ? 83  ASN A ND2 1 
ATOM   642  N N   . VAL A 1 84  ? 0.703   -6.288  -9.163  1.00 6.07  ? 84  VAL A N   1 
ATOM   643  C CA  . VAL A 1 84  ? 0.399   -6.917  -10.472 1.00 6.69  ? 84  VAL A CA  1 
ATOM   644  C C   . VAL A 1 84  ? 1.599   -7.639  -10.991 1.00 7.47  ? 84  VAL A C   1 
ATOM   645  O O   . VAL A 1 84  ? 1.406   -8.700  -11.543 1.00 9.22  ? 84  VAL A O   1 
ATOM   646  C CB  . VAL A 1 84  ? -0.159  -5.847  -11.434 1.00 8.21  ? 84  VAL A CB  1 
ATOM   647  C CG1 . VAL A 1 84  ? -0.141  -6.339  -12.871 1.00 9.81  ? 84  VAL A CG1 1 
ATOM   648  C CG2 . VAL A 1 84  ? -1.585  -5.435  -10.991 1.00 8.14  ? 84  VAL A CG2 1 
ATOM   649  N N   . GLU A 1 85  ? 2.798   -7.115  -10.842 1.00 6.83  ? 85  GLU A N   1 
ATOM   650  C CA  . GLU A 1 85  ? 3.971   -7.792  -11.322 1.00 6.38  ? 85  GLU A CA  1 
ATOM   651  C C   . GLU A 1 85  ? 4.231   -9.059  -10.564 1.00 6.87  ? 85  GLU A C   1 
ATOM   652  O O   . GLU A 1 85  ? 4.391   -10.170 -11.123 1.00 8.25  ? 85  GLU A O   1 
ATOM   653  C CB  . GLU A 1 85  ? 5.161   -6.859  -11.298 1.00 7.11  ? 85  GLU A CB  1 
ATOM   654  C CG  . GLU A 1 85  ? 6.477   -7.596  -11.660 1.00 8.89  ? 85  GLU A CG  1 
ATOM   655  C CD  . GLU A 1 85  ? 6.537   -8.331  -12.981 1.00 11.17 ? 85  GLU A CD  1 
ATOM   656  O OE1 . GLU A 1 85  ? 5.977   -7.747  -13.947 1.00 12.78 ? 85  GLU A OE1 1 
ATOM   657  O OE2 . GLU A 1 85  ? 7.167   -9.435  -13.059 1.00 12.38 ? 85  GLU A OE2 1 
ATOM   658  N N   . THR A 1 86  ? 4.339   -8.965  -9.206  1.00 5.87  ? 86  THR A N   1 
ATOM   659  C CA  . THR A 1 86  ? 4.832   -10.067 -8.450  1.00 5.75  ? 86  THR A CA  1 
ATOM   660  C C   . THR A 1 86  ? 3.788   -11.062 -8.003  1.00 5.53  ? 86  THR A C   1 
ATOM   661  O O   . THR A 1 86  ? 4.122   -12.205 -7.679  1.00 6.73  ? 86  THR A O   1 
ATOM   662  C CB  . THR A 1 86  ? 5.623   -9.627  -7.204  1.00 6.01  ? 86  THR A CB  1 
ATOM   663  O OG1 . THR A 1 86  ? 4.650   -9.121  -6.241  1.00 5.52  ? 86  THR A OG1 1 
ATOM   664  C CG2 . THR A 1 86  ? 6.720   -8.638  -7.519  1.00 6.83  ? 86  THR A CG2 1 
ATOM   665  N N   . GLY A 1 87  ? 2.530   -10.658 -7.944  1.00 5.76  ? 87  GLY A N   1 
ATOM   666  C CA  . GLY A 1 87  ? 1.436   -11.431 -7.396  1.00 5.21  ? 87  GLY A CA  1 
ATOM   667  C C   . GLY A 1 87  ? 1.407   -11.601 -5.908  1.00 5.40  ? 87  GLY A C   1 
ATOM   668  O O   . GLY A 1 87  ? 0.453   -12.190 -5.404  1.00 6.31  ? 87  GLY A O   1 
ATOM   669  N N   . ARG A 1 88  ? 2.376   -10.987 -5.215  1.00 5.24  ? 88  ARG A N   1 
ATOM   670  C CA  . ARG A 1 88  ? 2.411   -10.957 -3.772  1.00 5.46  ? 88  ARG A CA  1 
ATOM   671  C C   . ARG A 1 88  ? 1.425   -9.897  -3.265  1.00 5.03  ? 88  ARG A C   1 
ATOM   672  O O   . ARG A 1 88  ? 1.076   -8.989  -4.037  1.00 5.58  ? 88  ARG A O   1 
ATOM   673  C CB  . ARG A 1 88  ? 3.812   -10.687 -3.308  1.00 5.55  ? 88  ARG A CB  1 
ATOM   674  C CG  . ARG A 1 88  ? 4.862   -11.659 -3.806  1.00 5.68  ? 88  ARG A CG  1 
ATOM   675  C CD  . ARG A 1 88  ? 6.251   -11.178 -3.532  1.00 5.69  ? 88  ARG A CD  1 
ATOM   676  N NE  . ARG A 1 88  ? 6.661   -11.184 -2.133  1.00 6.29  ? 88  ARG A NE  1 
ATOM   677  C CZ  . ARG A 1 88  ? 7.239   -12.196 -1.495  1.00 6.88  ? 88  ARG A CZ  1 
ATOM   678  N NH1 . ARG A 1 88  ? 7.528   -13.343 -2.144  1.00 7.86  ? 88  ARG A NH1 1 
ATOM   679  N NH2 . ARG A 1 88  ? 7.570   -12.068 -0.243  1.00 6.99  ? 88  ARG A NH2 1 
ATOM   680  N N   . VAL A 1 89  ? 0.976   -10.047 -2.049  1.00 5.36  ? 89  VAL A N   1 
ATOM   681  C CA  . VAL A 1 89  ? -0.027  -9.137  -1.468  1.00 5.09  ? 89  VAL A CA  1 
ATOM   682  C C   . VAL A 1 89  ? 0.557   -8.263  -0.373  1.00 4.96  ? 89  VAL A C   1 
ATOM   683  O O   . VAL A 1 89  ? 1.459   -8.666  0.373   1.00 5.77  ? 89  VAL A O   1 
ATOM   684  C CB  . VAL A 1 89  ? -1.298  -9.918  -1.018  1.00 5.94  ? 89  VAL A CB  1 
ATOM   685  C CG1 . VAL A 1 89  ? -1.881  -10.688 -2.179  1.00 6.43  ? 89  VAL A CG1 1 
ATOM   686  C CG2 . VAL A 1 89  ? -1.069  -10.775 0.168   1.00 6.51  ? 89  VAL A CG2 1 
ATOM   687  N N   . LEU A 1 90  ? 0.003   -7.060  -0.301  1.00 5.01  ? 90  LEU A N   1 
ATOM   688  C CA  . LEU A 1 90  ? 0.416   -6.047  0.676   1.00 5.51  ? 90  LEU A CA  1 
ATOM   689  C C   . LEU A 1 90  ? 0.056   -6.581  2.083   1.00 5.61  ? 90  LEU A C   1 
ATOM   690  O O   . LEU A 1 90  ? -1.012  -7.091  2.320   1.00 5.51  ? 90  LEU A O   1 
ATOM   691  C CB  . LEU A 1 90  ? -0.297  -4.726  0.404   1.00 5.74  ? 90  LEU A CB  1 
ATOM   692  C CG  . LEU A 1 90  ? 0.225   -3.519  1.113   1.00 6.45  ? 90  LEU A CG  1 
ATOM   693  C CD1 . LEU A 1 90  ? 1.598   -3.173  0.576   1.00 7.13  ? 90  LEU A CD1 1 
ATOM   694  C CD2 . LEU A 1 90  ? -0.772  -2.389  0.921   1.00 7.22  ? 90  LEU A CD2 1 
ATOM   695  N N   . ASP A 1 91  ? 0.970   -6.408  3.039   1.00 6.11  ? 91  ASP A N   1 
ATOM   696  C CA  . ASP A 1 91  ? 0.904   -7.029  4.359   1.00 6.41  ? 91  ASP A CA  1 
ATOM   697  C C   . ASP A 1 91  ? 1.586   -6.055  5.320   1.00 6.13  ? 91  ASP A C   1 
ATOM   698  O O   . ASP A 1 91  ? 2.421   -5.267  4.952   1.00 6.58  ? 91  ASP A O   1 
ATOM   699  C CB  . ASP A 1 91  ? 1.596   -8.378  4.248   1.00 7.09  ? 91  ASP A CB  1 
ATOM   700  C CG  . ASP A 1 91  ? 1.309   -9.348  5.306   1.00 8.37  ? 91  ASP A CG  1 
ATOM   701  O OD1 . ASP A 1 91  ? 0.740   -8.990  6.375   1.00 9.17  ? 91  ASP A OD1 1 
ATOM   702  O OD2 . ASP A 1 91  ? 1.622   -10.567 5.087   1.00 8.96  ? 91  ASP A OD2 1 
ATOM   703  N N   . SER A 1 92  ? 1.198   -6.123  6.571   1.00 6.77  ? 92  SER A N   1 
ATOM   704  C CA  . SER A 1 92  ? 1.859   -5.286  7.582   1.00 7.43  ? 92  SER A CA  1 
ATOM   705  C C   . SER A 1 92  ? 1.704   -5.912  8.964   1.00 8.24  ? 92  SER A C   1 
ATOM   706  O O   . SER A 1 92  ? 0.970   -6.883  9.121   1.00 10.33 ? 92  SER A O   1 
ATOM   707  C CB  . SER A 1 92  ? 1.268   -3.884  7.574   1.00 7.70  ? 92  SER A CB  1 
ATOM   708  O OG  . SER A 1 92  ? -0.063  -3.837  8.066   1.00 9.34  ? 92  SER A OG  1 
ATOM   709  N N   . ASN A 1 93  ? 2.447   -5.371  9.929   1.00 7.52  ? 93  ASN A N   1 
ATOM   710  C CA  . ASN A 1 93  ? 2.477   -5.979  11.275  1.00 8.28  ? 93  ASN A CA  1 
ATOM   711  C C   . ASN A 1 93  ? 2.179   -4.924  12.293  1.00 8.24  ? 93  ASN A C   1 
ATOM   712  O O   . ASN A 1 93  ? 1.945   -3.753  12.046  1.00 8.56  ? 93  ASN A O   1 
ATOM   713  C CB  . ASN A 1 93  ? 3.784   -6.710  11.473  1.00 8.29  ? 93  ASN A CB  1 
ATOM   714  C CG  . ASN A 1 93  ? 4.999   -5.851  11.517  1.00 9.85  ? 93  ASN A CG  1 
ATOM   715  O OD1 . ASN A 1 93  ? 4.874   -4.635  11.647  1.00 9.83  ? 93  ASN A OD1 1 
ATOM   716  N ND2 . ASN A 1 93  ? 6.197   -6.436  11.429  1.00 10.42 ? 93  ASN A ND2 1 
ATOM   717  N N   . TYR A 1 94  ? 2.197   -5.345  13.579  1.00 9.47  ? 94  TYR A N   1 
ATOM   718  C CA  . TYR A 1 94  ? 1.803   -4.439  14.686  1.00 10.95 ? 94  TYR A CA  1 
ATOM   719  C C   . TYR A 1 94  ? 2.869   -3.375  14.922  1.00 11.47 ? 94  TYR A C   1 
ATOM   720  O O   . TYR A 1 94  ? 2.524   -2.328  15.467  1.00 14.01 ? 94  TYR A O   1 
ATOM   721  C CB  . TYR A 1 94  ? 1.556   -5.275  15.969  1.00 10.15 ? 94  TYR A CB  1 
ATOM   722  C CG  . TYR A 1 94  ? 0.134   -5.742  15.994  1.00 10.00 ? 94  TYR A CG  1 
ATOM   723  C CD1 . TYR A 1 94  ? -0.873  -4.826  16.354  1.00 10.81 ? 94  TYR A CD1 1 
ATOM   724  C CD2 . TYR A 1 94  ? -0.260  -7.047  15.695  1.00 8.93  ? 94  TYR A CD2 1 
ATOM   725  C CE1 . TYR A 1 94  ? -2.139  -5.126  16.370  1.00 10.94 ? 94  TYR A CE1 1 
ATOM   726  C CE2 . TYR A 1 94  ? -1.609  -7.407  15.744  1.00 9.56  ? 94  TYR A CE2 1 
ATOM   727  C CZ  . TYR A 1 94  ? -2.551  -6.406  16.107  1.00 9.45  ? 94  TYR A CZ  1 
ATOM   728  O OH  . TYR A 1 94  ? -3.842  -6.683  16.148  1.00 12.46 ? 94  TYR A OH  1 
ATOM   729  N N   . ASN A 1 95  ? 4.068   -3.621  14.523  1.00 10.73 ? 95  ASN A N   1 
ATOM   730  C CA  . ASN A 1 95  ? 5.173   -2.685  14.598  1.00 11.31 ? 95  ASN A CA  1 
ATOM   731  C C   . ASN A 1 95  ? 5.067   -1.546  13.571  1.00 10.52 ? 95  ASN A C   1 
ATOM   732  O O   . ASN A 1 95  ? 5.754   -0.552  13.644  1.00 12.99 ? 95  ASN A O   1 
ATOM   733  C CB  . ASN A 1 95  ? 6.510   -3.412  14.386  1.00 14.42 ? 95  ASN A CB  1 
ATOM   734  C CG  . ASN A 1 95  ? 7.668   -2.634  14.696  1.00 19.15 ? 95  ASN A CG  1 
ATOM   735  O OD1 . ASN A 1 95  ? 8.649   -2.606  13.913  1.00 25.95 ? 95  ASN A OD1 1 
ATOM   736  N ND2 . ASN A 1 95  ? 7.641   -1.991  15.891  1.00 20.71 ? 95  ASN A ND2 1 
ATOM   737  N N   . GLY A 1 96  ? 4.265   -1.763  12.546  1.00 8.41  ? 96  GLY A N   1 
ATOM   738  C CA  . GLY A 1 96  ? 4.135   -0.814  11.460  1.00 7.81  ? 96  GLY A CA  1 
ATOM   739  C C   . GLY A 1 96  ? 4.995   -1.052  10.264  1.00 7.12  ? 96  GLY A C   1 
ATOM   740  O O   . GLY A 1 96  ? 5.032   -0.197  9.374   1.00 8.18  ? 96  GLY A O   1 
ATOM   741  N N   . ASN A 1 97  ? 5.695   -2.165  10.188  1.00 8.12  ? 97  ASN A N   1 
ATOM   742  C CA  . ASN A 1 97  ? 6.383   -2.516  8.934   1.00 8.51  ? 97  ASN A CA  1 
ATOM   743  C C   . ASN A 1 97  ? 5.378   -3.004  7.888   1.00 7.11  ? 97  ASN A C   1 
ATOM   744  O O   . ASN A 1 97  ? 4.372   -3.588  8.222   1.00 7.32  ? 97  ASN A O   1 
ATOM   745  C CB  . ASN A 1 97  ? 7.252   -3.748  9.203   1.00 12.53 ? 97  ASN A CB  1 
ATOM   746  C CG  . ASN A 1 97  ? 8.228   -3.588  10.315  1.00 18.57 ? 97  ASN A CG  1 
ATOM   747  O OD1 . ASN A 1 97  ? 8.014   -4.186  11.375  1.00 21.01 ? 97  ASN A OD1 1 
ATOM   748  N ND2 . ASN A 1 97  ? 9.266   -2.767  10.127  1.00 18.52 ? 97  ASN A ND2 1 
ATOM   749  N N   . VAL A 1 98  ? 5.726   -2.700  6.665   1.00 5.88  ? 98  VAL A N   1 
ATOM   750  C CA  . VAL A 1 98  ? 4.901   -3.058  5.462   1.00 5.94  ? 98  VAL A CA  1 
ATOM   751  C C   . VAL A 1 98  ? 5.827   -3.841  4.536   1.00 6.28  ? 98  VAL A C   1 
ATOM   752  O O   . VAL A 1 98  ? 6.970   -3.467  4.326   1.00 6.68  ? 98  VAL A O   1 
ATOM   753  C CB  . VAL A 1 98  ? 4.318   -1.798  4.849   1.00 5.75  ? 98  VAL A CB  1 
ATOM   754  C CG1 . VAL A 1 98  ? 3.564   -2.134  3.548   1.00 5.92  ? 98  VAL A CG1 1 
ATOM   755  C CG2 . VAL A 1 98  ? 3.363   -1.090  5.798   1.00 5.55  ? 98  VAL A CG2 1 
ATOM   756  N N   . TYR A 1 99  ? 5.262   -4.870  3.899   1.00 5.81  ? 99  TYR A N   1 
ATOM   757  C CA  . TYR A 1 99  ? 5.977   -5.781  3.023   1.00 5.70  ? 99  TYR A CA  1 
ATOM   758  C C   . TYR A 1 99  ? 4.958   -6.502  2.173   1.00 5.70  ? 99  TYR A C   1 
ATOM   759  O O   . TYR A 1 99  ? 3.791   -6.288  2.361   1.00 6.59  ? 99  TYR A O   1 
ATOM   760  C CB  . TYR A 1 99  ? 6.888   -6.728  3.894   1.00 6.16  ? 99  TYR A CB  1 
ATOM   761  C CG  . TYR A 1 99  ? 6.181   -7.243  5.102   1.00 6.74  ? 99  TYR A CG  1 
ATOM   762  C CD1 . TYR A 1 99  ? 5.317   -8.340  5.081   1.00 7.73  ? 99  TYR A CD1 1 
ATOM   763  C CD2 . TYR A 1 99  ? 6.286   -6.574  6.339   1.00 7.74  ? 99  TYR A CD2 1 
ATOM   764  C CE1 . TYR A 1 99  ? 4.588   -8.764  6.213   1.00 8.63  ? 99  TYR A CE1 1 
ATOM   765  C CE2 . TYR A 1 99  ? 5.579   -6.986  7.461   1.00 9.47  ? 99  TYR A CE2 1 
ATOM   766  C CZ  . TYR A 1 99  ? 4.772   -8.074  7.411   1.00 9.13  ? 99  TYR A CZ  1 
ATOM   767  O OH  . TYR A 1 99  ? 4.096   -8.493  8.571   1.00 11.09 ? 99  TYR A OH  1 
ATOM   768  N N   . THR A 1 100 ? 5.431   -7.284  1.233   1.00 5.28  ? 100 THR A N   1 
ATOM   769  C CA  . THR A 1 100 ? 4.556   -8.190  0.529   1.00 5.16  ? 100 THR A CA  1 
ATOM   770  C C   . THR A 1 100 ? 4.919   -9.617  0.806   1.00 5.76  ? 100 THR A C   1 
ATOM   771  O O   . THR A 1 100 ? 6.098   -9.928  0.978   1.00 6.51  ? 100 THR A O   1 
ATOM   772  C CB  . THR A 1 100 ? 4.456   -7.974  -0.982  1.00 5.38  ? 100 THR A CB  1 
ATOM   773  O OG1 . THR A 1 100 ? 5.656   -8.402  -1.623  1.00 5.39  ? 100 THR A OG1 1 
ATOM   774  C CG2 . THR A 1 100 ? 4.045   -6.586  -1.354  1.00 5.55  ? 100 THR A CG2 1 
ATOM   775  N N   . LEU A 1 101 ? 3.914   -10.487 0.759   1.00 6.10  ? 101 LEU A N   1 
ATOM   776  C CA  . LEU A 1 101 ? 4.066   -11.930 0.957   1.00 6.89  ? 101 LEU A CA  1 
ATOM   777  C C   . LEU A 1 101 ? 3.075   -12.611 0.044   1.00 6.80  ? 101 LEU A C   1 
ATOM   778  O O   . LEU A 1 101 ? 2.065   -12.037 -0.331  1.00 6.44  ? 101 LEU A O   1 
ATOM   779  C CB  . LEU A 1 101 ? 3.777   -12.380 2.418   1.00 7.95  ? 101 LEU A CB  1 
ATOM   780  C CG  . LEU A 1 101 ? 4.889   -12.085 3.446   1.00 9.08  ? 101 LEU A CG  1 
ATOM   781  C CD1 . LEU A 1 101 ? 4.395   -12.405 4.838   1.00 11.31 ? 101 LEU A CD1 1 
ATOM   782  C CD2 . LEU A 1 101 ? 6.080   -12.995 3.177   1.00 10.55 ? 101 LEU A CD2 1 
ATOM   783  N N   . PRO A 1 102 ? 3.280   -13.890 -0.250  1.00 6.77  ? 102 PRO A N   1 
ATOM   784  C CA  . PRO A 1 102 ? 2.213   -14.673 -0.876  1.00 7.38  ? 102 PRO A CA  1 
ATOM   785  C C   . PRO A 1 102 ? 0.925   -14.618 -0.020  1.00 7.11  ? 102 PRO A C   1 
ATOM   786  O O   . PRO A 1 102 ? 1.038   -14.638 1.225   1.00 7.47  ? 102 PRO A O   1 
ATOM   787  C CB  . PRO A 1 102 ? 2.823   -16.075 -0.982  1.00 8.40  ? 102 PRO A CB  1 
ATOM   788  C CG  . PRO A 1 102 ? 4.312   -15.858 -0.953  1.00 8.98  ? 102 PRO A CG  1 
ATOM   789  C CD  . PRO A 1 102 ? 4.483   -14.725 0.028   1.00 7.84  ? 102 PRO A CD  1 
ATOM   790  N N   . ALA A 1 103 ? -0.218  -14.652 -0.650  1.00 7.43  ? 103 ALA A N   1 
ATOM   791  C CA  . ALA A 1 103 ? -1.465  -14.599 0.084   1.00 7.15  ? 103 ALA A CA  1 
ATOM   792  C C   . ALA A 1 103 ? -1.516  -15.790 1.034   1.00 8.55  ? 103 ALA A C   1 
ATOM   793  O O   . ALA A 1 103 ? -1.169  -16.933 0.649   1.00 9.99  ? 103 ALA A O   1 
ATOM   794  C CB  . ALA A 1 103 ? -2.646  -14.650 -0.861  1.00 7.51  ? 103 ALA A CB  1 
ATOM   795  N N   . ASN A 1 104 ? -2.015  -15.574 2.254   1.00 9.26  ? 104 ASN A N   1 
ATOM   796  C CA  . ASN A 1 104 ? -2.109  -16.639 3.296   1.00 11.54 ? 104 ASN A CA  1 
ATOM   797  C C   . ASN A 1 104 ? -3.421  -16.581 4.068   1.00 12.83 ? 104 ASN A C   1 
ATOM   798  O O   . ASN A 1 104 ? -3.582  -17.326 5.054   1.00 15.02 ? 104 ASN A O   1 
ATOM   799  C CB  . ASN A 1 104 ? -0.895  -16.577 4.267   1.00 11.75 ? 104 ASN A CB  1 
ATOM   800  C CG  . ASN A 1 104 ? -0.828  -15.303 5.109   1.00 11.21 ? 104 ASN A CG  1 
ATOM   801  O OD1 . ASN A 1 104 ? -1.845  -14.709 5.433   1.00 12.37 ? 104 ASN A OD1 1 
ATOM   802  N ND2 . ASN A 1 104 ? 0.409   -14.891 5.458   1.00 12.29 ? 104 ASN A ND2 1 
ATOM   803  N N   . GLY A 1 105 ? -4.340  -15.733 3.680   1.00 11.09 ? 105 GLY A N   1 
ATOM   804  C CA  . GLY A 1 105 ? -5.660  -15.729 4.367   1.00 13.60 ? 105 GLY A CA  1 
ATOM   805  C C   . GLY A 1 105 ? -5.734  -14.927 5.636   1.00 13.96 ? 105 GLY A C   1 
ATOM   806  O O   . GLY A 1 105 ? -6.850  -14.829 6.174   1.00 18.00 ? 105 GLY A O   1 
ATOM   807  N N   . GLY A 1 106 ? -4.637  -14.419 6.173   1.00 14.32 ? 106 GLY A N   1 
ATOM   808  C CA  . GLY A 1 106 ? -4.692  -13.745 7.481   1.00 12.05 ? 106 GLY A CA  1 
ATOM   809  C C   . GLY A 1 106 ? -5.181  -12.307 7.367   1.00 12.95 ? 106 GLY A C   1 
ATOM   810  O O   . GLY A 1 106 ? -5.152  -11.695 6.253   1.00 11.98 ? 106 GLY A O   1 
ATOM   811  N N   . ASN A 1 107 ? -5.676  -11.750 8.466   1.00 11.75 ? 107 ASN A N   1 
ATOM   812  C CA  . ASN A 1 107 ? -6.221  -10.408 8.411   1.00 11.73 ? 107 ASN A CA  1 
ATOM   813  C C   . ASN A 1 107 ? -5.165  -9.309  8.287   1.00 8.98  ? 107 ASN A C   1 
ATOM   814  O O   . ASN A 1 107 ? -5.503  -8.198  7.928   1.00 8.61  ? 107 ASN A O   1 
ATOM   815  C CB  . ASN A 1 107 ? -7.124  -10.169 9.624   1.00 15.25 ? 107 ASN A CB  1 
ATOM   816  C CG  . ASN A 1 107 ? -8.450  -10.867 9.461   1.00 19.83 ? 107 ASN A CG  1 
ATOM   817  O OD1 . ASN A 1 107 ? -9.051  -10.871 8.383   1.00 25.77 ? 107 ASN A OD1 1 
ATOM   818  N ND2 . ASN A 1 107 ? -8.882  -11.470 10.518  1.00 28.51 ? 107 ASN A ND2 1 
ATOM   819  N N   . TYR A 1 108 ? -3.889  -9.644  8.468   1.00 7.84  ? 108 TYR A N   1 
ATOM   820  C CA  . TYR A 1 108 ? -2.807  -8.722  8.232   1.00 7.44  ? 108 TYR A CA  1 
ATOM   821  C C   . TYR A 1 108 ? -2.692  -8.365  6.748   1.00 6.75  ? 108 TYR A C   1 
ATOM   822  O O   . TYR A 1 108 ? -2.128  -7.332  6.429   1.00 7.03  ? 108 TYR A O   1 
ATOM   823  C CB  . TYR A 1 108 ? -1.481  -9.268  8.684   1.00 7.89  ? 108 TYR A CB  1 
ATOM   824  C CG  . TYR A 1 108 ? -1.404  -9.600  10.171  1.00 8.48  ? 108 TYR A CG  1 
ATOM   825  C CD1 . TYR A 1 108 ? -1.747  -10.849 10.639  1.00 8.84  ? 108 TYR A CD1 1 
ATOM   826  C CD2 . TYR A 1 108 ? -0.848  -8.685  11.061  1.00 9.10  ? 108 TYR A CD2 1 
ATOM   827  C CE1 . TYR A 1 108 ? -1.626  -11.176 11.990  1.00 9.80  ? 108 TYR A CE1 1 
ATOM   828  C CE2 . TYR A 1 108 ? -0.692  -9.038  12.435  1.00 9.57  ? 108 TYR A CE2 1 
ATOM   829  C CZ  . TYR A 1 108 ? -1.074  -10.250 12.813  1.00 10.40 ? 108 TYR A CZ  1 
ATOM   830  O OH  . TYR A 1 108 ? -0.906  -10.577 14.180  1.00 12.95 ? 108 TYR A OH  1 
ATOM   831  N N   . GLN A 1 109 ? -3.276  -9.187  5.885   1.00 6.51  ? 109 GLN A N   1 
ATOM   832  C CA  . GLN A 1 109 ? -3.251  -8.982  4.436   1.00 6.61  ? 109 GLN A CA  1 
ATOM   833  C C   . GLN A 1 109 ? -4.513  -8.441  3.909   1.00 7.10  ? 109 GLN A C   1 
ATOM   834  O O   . GLN A 1 109 ? -4.712  -8.347  2.696   1.00 7.30  ? 109 GLN A O   1 
ATOM   835  C CB  . GLN A 1 109 ? -2.928  -10.330 3.744   1.00 6.42  ? 109 GLN A CB  1 
ATOM   836  C CG  . GLN A 1 109 ? -1.510  -10.820 3.971   1.00 6.61  ? 109 GLN A CG  1 
ATOM   837  C CD  . GLN A 1 109 ? -1.201  -12.138 3.334   1.00 6.64  ? 109 GLN A CD  1 
ATOM   838  O OE1 . GLN A 1 109 ? -2.089  -12.847 2.879   1.00 7.68  ? 109 GLN A OE1 1 
ATOM   839  N NE2 . GLN A 1 109 ? 0.078   -12.420 3.188   1.00 7.09  ? 109 GLN A NE2 1 
ATOM   840  N N   . LYS A 1 110 ? -5.433  -8.016  4.783   1.00 7.02  ? 110 LYS A N   1 
ATOM   841  C CA  . LYS A 1 110 ? -6.719  -7.432  4.361   1.00 7.94  ? 110 LYS A CA  1 
ATOM   842  C C   . LYS A 1 110 ? -6.759  -5.980  4.726   1.00 6.69  ? 110 LYS A C   1 
ATOM   843  O O   . LYS A 1 110 ? -6.280  -5.593  5.819   1.00 7.92  ? 110 LYS A O   1 
ATOM   844  C CB  . LYS A 1 110 ? -7.863  -8.187  4.957   1.00 9.89  ? 110 LYS A CB  1 
ATOM   845  C CG  . LYS A 1 110 ? -7.832  -9.690  4.762   1.00 13.42 ? 110 LYS A CG  1 
ATOM   846  C CD  . LYS A 1 110 ? -7.912  -10.031 3.320   1.00 15.35 ? 110 LYS A CD  1 
ATOM   847  C CE  . LYS A 1 110 ? -7.917  -11.577 3.209   1.00 21.45 ? 110 LYS A CE  1 
ATOM   848  N NZ  . LYS A 1 110 ? -9.098  -12.237 3.787   1.00 25.73 ? 110 LYS A NZ  1 
ATOM   849  N N   . TRP A 1 111 ? -7.315  -5.190  3.840   1.00 6.47  ? 111 TRP A N   1 
ATOM   850  C CA  . TRP A 1 111 ? -7.305  -3.732  3.945   1.00 6.79  ? 111 TRP A CA  1 
ATOM   851  C C   . TRP A 1 111 ? -8.671  -3.152  3.605   1.00 7.71  ? 111 TRP A C   1 
ATOM   852  O O   . TRP A 1 111 ? -9.369  -3.673  2.718   1.00 8.42  ? 111 TRP A O   1 
ATOM   853  C CB  . TRP A 1 111 ? -6.205  -3.138  2.998   1.00 6.14  ? 111 TRP A CB  1 
ATOM   854  C CG  . TRP A 1 111 ? -4.851  -3.673  3.214   1.00 6.27  ? 111 TRP A CG  1 
ATOM   855  C CD1 . TRP A 1 111 ? -4.318  -4.818  2.685   1.00 6.72  ? 111 TRP A CD1 1 
ATOM   856  C CD2 . TRP A 1 111 ? -3.821  -3.085  3.997   1.00 5.49  ? 111 TRP A CD2 1 
ATOM   857  N NE1 . TRP A 1 111 ? -3.050  -4.979  3.119   1.00 6.17  ? 111 TRP A NE1 1 
ATOM   858  C CE2 . TRP A 1 111 ? -2.676  -3.937  3.882   1.00 5.70  ? 111 TRP A CE2 1 
ATOM   859  C CE3 . TRP A 1 111 ? -3.688  -1.913  4.755   1.00 6.03  ? 111 TRP A CE3 1 
ATOM   860  C CZ2 . TRP A 1 111 ? -1.475  -3.656  4.516   1.00 6.32  ? 111 TRP A CZ2 1 
ATOM   861  C CZ3 . TRP A 1 111 ? -2.479  -1.646  5.356   1.00 6.19  ? 111 TRP A CZ3 1 
ATOM   862  C CH2 . TRP A 1 111 ? -1.380  -2.487  5.196   1.00 6.66  ? 111 TRP A CH2 1 
ATOM   863  N N   . TYR A 1 112 ? -8.990  -2.076  4.281   1.00 8.65  ? 112 TYR A N   1 
ATOM   864  C CA  . TYR A 1 112 ? -10.223 -1.321  4.000   1.00 9.95  ? 112 TYR A CA  1 
ATOM   865  C C   . TYR A 1 112 ? -9.800  -0.060  3.339   1.00 9.56  ? 112 TYR A C   1 
ATOM   866  O O   . TYR A 1 112 ? -9.053  0.714   3.945   1.00 9.96  ? 112 TYR A O   1 
ATOM   867  C CB  . TYR A 1 112 ? -10.963 -1.014  5.303   1.00 12.87 ? 112 TYR A CB  1 
ATOM   868  C CG  . TYR A 1 112 ? -11.579 -2.220  5.948   1.00 16.20 ? 112 TYR A CG  1 
ATOM   869  C CD1 . TYR A 1 112 ? -12.795 -2.730  5.409   1.00 19.09 ? 112 TYR A CD1 1 
ATOM   870  C CD2 . TYR A 1 112 ? -11.082 -2.758  7.073   1.00 20.11 ? 112 TYR A CD2 1 
ATOM   871  C CE1 . TYR A 1 112 ? -13.441 -3.807  5.994   1.00 20.73 ? 112 TYR A CE1 1 
ATOM   872  C CE2 . TYR A 1 112 ? -11.705 -3.888  7.670   1.00 19.29 ? 112 TYR A CE2 1 
ATOM   873  C CZ  . TYR A 1 112 ? -12.874 -4.379  7.113   1.00 20.21 ? 112 TYR A CZ  1 
ATOM   874  O OH  . TYR A 1 112 ? -13.527 -5.467  7.727   1.00 24.94 ? 112 TYR A OH  1 
ATOM   875  N N   . THR A 1 113 ? -10.197 0.135   2.105   1.00 10.85 ? 113 THR A N   1 
ATOM   876  C CA  . THR A 1 113 ? -9.778  1.255   1.251   1.00 10.38 ? 113 THR A CA  1 
ATOM   877  C C   . THR A 1 113 ? -10.973 2.188   0.958   1.00 12.09 ? 113 THR A C   1 
ATOM   878  O O   . THR A 1 113 ? -11.929 1.788   0.290   1.00 13.71 ? 113 THR A O   1 
ATOM   879  C CB  . THR A 1 113 ? -9.177  0.764   -0.087  1.00 11.40 ? 113 THR A CB  1 
ATOM   880  O OG1 . THR A 1 113 ? -8.051  -0.056  0.178   1.00 11.85 ? 113 THR A OG1 1 
ATOM   881  C CG2 . THR A 1 113 ? -8.813  1.910   -0.991  1.00 11.96 ? 113 THR A CG2 1 
ATOM   882  N N   . GLY A 1 114 ? -10.897 3.412   1.419   1.00 12.79 ? 114 GLY A N   1 
ATOM   883  C CA  . GLY A 1 114 ? -11.980 4.375   1.233   1.00 13.39 ? 114 GLY A CA  1 
ATOM   884  C C   . GLY A 1 114 ? -11.787 5.648   1.979   1.00 16.20 ? 114 GLY A C   1 
ATOM   885  O O   . GLY A 1 114 ? -12.637 6.572   1.813   1.00 18.95 ? 114 GLY A O   1 
ATOM   886  O OXT . GLY A 1 114 ? -10.841 5.807   2.789   1.00 17.55 ? 114 GLY A OXT 1 
HETATM 887  C C1  A MAN B 2 .   ? 7.640   10.609  11.106  0.50 33.40 ? 1   MAN B C1  1 
HETATM 888  C C1  B MAN B 2 .   ? 4.966   12.117  10.551  0.50 11.63 ? 1   MAN B C1  1 
HETATM 889  C C2  A MAN B 2 .   ? 6.443   10.808  12.022  0.50 30.62 ? 1   MAN B C2  1 
HETATM 890  C C2  B MAN B 2 .   ? 3.520   11.657  10.364  0.50 11.55 ? 1   MAN B C2  1 
HETATM 891  C C3  A MAN B 2 .   ? 6.455   9.724   13.092  0.50 32.89 ? 1   MAN B C3  1 
HETATM 892  C C3  B MAN B 2 .   ? 3.457   10.554  9.302   0.50 10.44 ? 1   MAN B C3  1 
HETATM 893  C C4  A MAN B 2 .   ? 6.620   8.322   12.499  0.50 34.74 ? 1   MAN B C4  1 
HETATM 894  C C4  B MAN B 2 .   ? 4.072   11.041  8.007   0.50 10.01 ? 1   MAN B C4  1 
HETATM 895  C C5  A MAN B 2 .   ? 7.532   8.201   11.266  0.50 33.45 ? 1   MAN B C5  1 
HETATM 896  C C5  B MAN B 2 .   ? 5.467   11.536  8.272   0.50 10.21 ? 1   MAN B C5  1 
HETATM 897  C C6  A MAN B 2 .   ? 7.082   7.013   10.411  0.50 31.95 ? 1   MAN B C6  1 
HETATM 898  C C6  B MAN B 2 .   ? 6.095   12.121  7.010   0.50 10.37 ? 1   MAN B C6  1 
HETATM 899  O O1  A MAN B 2 .   ? 8.842   10.543  11.880  0.50 34.39 ? 1   MAN B O1  1 
HETATM 900  O O1  B MAN B 2 .   ? 5.735   11.021  11.097  0.50 12.75 ? 1   MAN B O1  1 
HETATM 901  O O2  A MAN B 2 .   ? 5.207   10.644  11.319  0.50 24.98 ? 1   MAN B O2  1 
HETATM 902  O O2  B MAN B 2 .   ? 2.588   12.680  9.924   0.50 13.01 ? 1   MAN B O2  1 
HETATM 903  O O3  A MAN B 2 .   ? 5.178   9.734   13.748  0.50 31.22 ? 1   MAN B O3  1 
HETATM 904  O O3  B MAN B 2 .   ? 2.081   10.233  9.121   0.50 10.54 ? 1   MAN B O3  1 
HETATM 905  O O4  A MAN B 2 .   ? 7.068   7.434   13.550  0.50 35.63 ? 1   MAN B O4  1 
HETATM 906  O O4  B MAN B 2 .   ? 4.176   9.935   7.076   0.50 9.40  ? 1   MAN B O4  1 
HETATM 907  O O5  A MAN B 2 .   ? 7.487   9.370   10.416  0.50 35.16 ? 1   MAN B O5  1 
HETATM 908  O O5  B MAN B 2 .   ? 5.497   12.540  9.301   0.50 10.92 ? 1   MAN B O5  1 
HETATM 909  O O6  A MAN B 2 .   ? 7.225   5.718   11.029  0.50 28.34 ? 1   MAN B O6  1 
HETATM 910  O O6  B MAN B 2 .   ? 7.519   12.315  7.150   0.50 11.47 ? 1   MAN B O6  1 
HETATM 911  C C1  A MAN B 2 .   ? 4.621   11.851  10.839  0.50 20.11 ? 2   MAN B C1  1 
HETATM 912  C C1  B MAN B 2 .   ? 2.089   13.615  10.924  0.50 16.43 ? 2   MAN B C1  1 
HETATM 913  C C2  A MAN B 2 .   ? 3.164   11.646  10.437  0.50 17.96 ? 2   MAN B C2  1 
HETATM 914  C C2  B MAN B 2 .   ? 1.018   14.444  10.226  0.50 17.77 ? 2   MAN B C2  1 
HETATM 915  C C3  A MAN B 2 .   ? 3.035   10.547  9.383   0.50 16.07 ? 2   MAN B C3  1 
HETATM 916  C C3  B MAN B 2 .   ? 1.722   15.252  9.153   0.50 17.98 ? 2   MAN B C3  1 
HETATM 917  C C4  A MAN B 2 .   ? 3.931   10.934  8.208   0.50 15.79 ? 2   MAN B C4  1 
HETATM 918  C C4  B MAN B 2 .   ? 2.809   16.099  9.788   0.50 18.04 ? 2   MAN B C4  1 
HETATM 919  C C5  A MAN B 2 .   ? 5.338   11.382  8.598   0.50 16.48 ? 2   MAN B C5  1 
HETATM 920  C C5  B MAN B 2 .   ? 3.815   15.280  10.574  0.50 19.04 ? 2   MAN B C5  1 
HETATM 921  C C6  A MAN B 2 .   ? 6.038   12.027  7.398   0.50 16.85 ? 2   MAN B C6  1 
HETATM 922  C C6  B MAN B 2 .   ? 4.589   16.302  11.394  0.50 20.04 ? 2   MAN B C6  1 
HETATM 923  O O2  A MAN B 2 .   ? 2.752   12.898  9.890   0.50 17.77 ? 2   MAN B O2  1 
HETATM 924  O O2  B MAN B 2 .   ? 0.278   15.338  11.106  0.50 18.97 ? 2   MAN B O2  1 
HETATM 925  O O3  A MAN B 2 .   ? 1.666   10.365  8.965   0.50 15.64 ? 2   MAN B O3  1 
HETATM 926  O O3  B MAN B 2 .   ? 0.788   16.124  8.555   0.50 17.08 ? 2   MAN B O3  1 
HETATM 927  O O4  A MAN B 2 .   ? 4.040   9.784   7.358   0.50 14.70 ? 2   MAN B O4  1 
HETATM 928  O O4  B MAN B 2 .   ? 3.472   16.892  8.786   0.50 18.71 ? 2   MAN B O4  1 
HETATM 929  O O5  A MAN B 2 .   ? 5.324   12.339  9.687   0.50 18.37 ? 2   MAN B O5  1 
HETATM 930  O O5  B MAN B 2 .   ? 3.206   14.339  11.471  0.50 17.88 ? 2   MAN B O5  1 
HETATM 931  O O6  A MAN B 2 .   ? 7.360   12.482  7.761   0.50 19.06 ? 2   MAN B O6  1 
HETATM 932  O O6  B MAN B 2 .   ? 5.959   16.251  10.966  0.50 23.57 ? 2   MAN B O6  1 
HETATM 933  C C1  A MAN B 2 .   ? 2.215   13.756  10.929  0.50 18.72 ? 3   MAN B C1  1 
HETATM 934  C C1  B MAN B 2 .   ? -0.593  14.754  12.087  0.50 20.56 ? 3   MAN B C1  1 
HETATM 935  C C2  A MAN B 2 .   ? 0.947   14.442  10.504  0.50 19.45 ? 3   MAN B C2  1 
HETATM 936  C C2  B MAN B 2 .   ? -1.277  15.899  12.812  0.50 23.09 ? 3   MAN B C2  1 
HETATM 937  C C3  A MAN B 2 .   ? 1.246   15.326  9.290   0.50 18.62 ? 3   MAN B C3  1 
HETATM 938  C C3  B MAN B 2 .   ? -0.270  16.663  13.679  0.50 24.69 ? 3   MAN B C3  1 
HETATM 939  C C4  A MAN B 2 .   ? 2.360   16.318  9.636   0.50 19.58 ? 3   MAN B C4  1 
HETATM 940  C C4  B MAN B 2 .   ? 0.451   15.772  14.688  0.50 25.72 ? 3   MAN B C4  1 
HETATM 941  C C5  A MAN B 2 .   ? 3.568   15.548  10.187  0.50 20.03 ? 3   MAN B C5  1 
HETATM 942  C C5  B MAN B 2 .   ? 1.010   14.534  13.978  0.50 24.55 ? 3   MAN B C5  1 
HETATM 943  C C6  A MAN B 2 .   ? 4.722   16.382  10.749  0.50 20.88 ? 3   MAN B C6  1 
HETATM 944  C C6  B MAN B 2 .   ? 1.427   13.444  14.974  0.50 25.86 ? 3   MAN B C6  1 
HETATM 945  O O2  A MAN B 2 .   ? 0.553   15.189  11.686  0.50 17.17 ? 3   MAN B O2  1 
HETATM 946  O O2  B MAN B 2 .   ? -2.300  15.308  13.598  0.50 25.36 ? 3   MAN B O2  1 
HETATM 947  O O3  A MAN B 2 .   ? 0.056   15.961  8.791   0.50 16.95 ? 3   MAN B O3  1 
HETATM 948  O O3  B MAN B 2 .   ? -1.006  17.674  14.377  0.50 27.03 ? 3   MAN B O3  1 
HETATM 949  O O4  A MAN B 2 .   ? 2.726   17.082  8.473   0.50 19.80 ? 3   MAN B O4  1 
HETATM 950  O O4  B MAN B 2 .   ? 1.500   16.501  15.370  0.50 27.75 ? 3   MAN B O4  1 
HETATM 951  O O5  A MAN B 2 .   ? 3.143   14.760  11.298  0.50 20.58 ? 3   MAN B O5  1 
HETATM 952  O O5  B MAN B 2 .   ? 0.041   13.957  13.101  0.50 22.01 ? 3   MAN B O5  1 
HETATM 953  O O6  A MAN B 2 .   ? 5.551   15.562  11.618  0.50 22.18 ? 3   MAN B O6  1 
HETATM 954  O O6  B MAN B 2 .   ? 2.441   12.592  14.412  0.50 27.06 ? 3   MAN B O6  1 
HETATM 955  C C1  A MAN C 2 .   ? 15.470  -1.378  -8.878  0.50 27.31 ? 1   MAN C C1  1 
HETATM 956  C C1  B MAN C 2 .   ? 13.051  -0.777  -10.603 0.50 11.42 ? 1   MAN C C1  1 
HETATM 957  C C2  A MAN C 2 .   ? 15.265  -0.065  -9.626  0.50 26.40 ? 1   MAN C C2  1 
HETATM 958  C C2  B MAN C 2 .   ? 11.759  0.029   -10.842 0.50 11.46 ? 1   MAN C C2  1 
HETATM 959  C C3  A MAN C 2 .   ? 15.793  1.135   -8.874  0.50 27.53 ? 1   MAN C C3  1 
HETATM 960  C C3  B MAN C 2 .   ? 10.823  -0.133  -9.654  0.50 9.72  ? 1   MAN C C3  1 
HETATM 961  C C4  A MAN C 2 .   ? 15.217  1.142   -7.461  0.50 28.76 ? 1   MAN C C4  1 
HETATM 962  C C4  B MAN C 2 .   ? 10.648  -1.614  -9.288  0.50 9.11  ? 1   MAN C C4  1 
HETATM 963  C C5  A MAN C 2 .   ? 15.389  -0.202  -6.750  0.50 29.43 ? 1   MAN C C5  1 
HETATM 964  C C5  B MAN C 2 .   ? 11.950  -2.384  -9.172  0.50 9.50  ? 1   MAN C C5  1 
HETATM 965  C C6  A MAN C 2 .   ? 14.588  -0.222  -5.451  0.50 29.92 ? 1   MAN C C6  1 
HETATM 966  C C6  B MAN C 2 .   ? 11.716  -3.858  -8.994  0.50 9.95  ? 1   MAN C C6  1 
HETATM 967  O O1  A MAN C 2 .   ? 16.847  -1.748  -8.822  0.50 28.94 ? 1   MAN C O1  1 
HETATM 968  O O1  B MAN C 2 .   ? 13.813  -0.229  -9.478  0.50 11.82 ? 1   MAN C O1  1 
HETATM 969  O O2  A MAN C 2 .   ? 13.868  0.226   -9.738  0.50 21.47 ? 1   MAN C O2  1 
HETATM 970  O O2  B MAN C 2 .   ? 10.980  -0.383  -11.958 0.50 13.65 ? 1   MAN C O2  1 
HETATM 971  O O3  A MAN C 2 .   ? 15.361  2.284   -9.639  0.50 27.33 ? 1   MAN C O3  1 
HETATM 972  O O3  B MAN C 2 .   ? 9.564   0.473   -9.992  0.50 9.22  ? 1   MAN C O3  1 
HETATM 973  O O4  A MAN C 2 .   ? 15.855  2.147   -6.675  0.50 30.58 ? 1   MAN C O4  1 
HETATM 974  O O4  B MAN C 2 .   ? 9.974   -1.740  -8.018  0.50 7.77  ? 1   MAN C O4  1 
HETATM 975  O O5  A MAN C 2 .   ? 14.940  -1.292  -7.553  0.50 28.85 ? 1   MAN C O5  1 
HETATM 976  O O5  B MAN C 2 .   ? 12.730  -2.179  -10.382 0.50 10.29 ? 1   MAN C O5  1 
HETATM 977  O O6  A MAN C 2 .   ? 14.485  1.100   -4.908  0.50 31.93 ? 1   MAN C O6  1 
HETATM 978  O O6  B MAN C 2 .   ? 12.885  -4.628  -8.600  0.50 11.16 ? 1   MAN C O6  1 
HETATM 979  C C1  A MAN C 2 .   ? 13.170  -0.627  -10.641 0.50 17.80 ? 2   MAN C C1  1 
HETATM 980  C C1  B MAN C 2 .   ? 11.346  0.070   -13.284 0.50 16.12 ? 2   MAN C C1  1 
HETATM 981  C C2  A MAN C 2 .   ? 11.814  0.027   -10.887 0.50 16.48 ? 2   MAN C C2  1 
HETATM 982  C C2  B MAN C 2 .   ? 10.297  -0.502  -14.239 0.50 17.32 ? 2   MAN C C2  1 
HETATM 983  C C3  A MAN C 2 .   ? 10.941  -0.093  -9.653  0.50 14.35 ? 2   MAN C C3  1 
HETATM 984  C C3  B MAN C 2 .   ? 10.404  -2.025  -14.210 0.50 18.76 ? 2   MAN C C3  1 
HETATM 985  C C4  A MAN C 2 .   ? 10.815  -1.555  -9.248  0.50 13.66 ? 2   MAN C C4  1 
HETATM 986  C C4  B MAN C 2 .   ? 11.821  -2.461  -14.579 0.50 19.39 ? 2   MAN C C4  1 
HETATM 987  C C5  A MAN C 2 .   ? 12.171  -2.186  -9.004  0.50 14.49 ? 2   MAN C C5  1 
HETATM 988  C C5  B MAN C 2 .   ? 12.829  -1.828  -13.625 0.50 19.63 ? 2   MAN C C5  1 
HETATM 989  C C6  A MAN C 2 .   ? 12.071  -3.673  -8.804  0.50 14.23 ? 2   MAN C C6  1 
HETATM 990  C C6  B MAN C 2 .   ? 14.242  -2.212  -14.051 0.50 21.86 ? 2   MAN C C6  1 
HETATM 991  O O2  A MAN C 2 .   ? 11.156  -0.575  -11.976 0.50 16.91 ? 2   MAN C O2  1 
HETATM 992  O O2  B MAN C 2 .   ? 10.455  -0.027  -15.606 0.50 19.52 ? 2   MAN C O2  1 
HETATM 993  O O3  A MAN C 2 .   ? 9.670   0.519   -9.912  0.50 13.63 ? 2   MAN C O3  1 
HETATM 994  O O3  B MAN C 2 .   ? 9.467   -2.662  -15.095 0.50 20.53 ? 2   MAN C O3  1 
HETATM 995  O O4  A MAN C 2 .   ? 10.104  -1.616  -8.008  0.50 11.91 ? 2   MAN C O4  1 
HETATM 996  O O4  B MAN C 2 .   ? 11.954  -3.903  -14.575 0.50 20.65 ? 2   MAN C O4  1 
HETATM 997  O O5  A MAN C 2 .   ? 13.058  -1.979  -10.115 0.50 15.82 ? 2   MAN C O5  1 
HETATM 998  O O5  B MAN C 2 .   ? 12.657  -0.405  -13.613 0.50 17.34 ? 2   MAN C O5  1 
HETATM 999  O O6  A MAN C 2 .   ? 13.396  -4.220  -8.682  0.50 15.62 ? 2   MAN C O6  1 
HETATM 1000 O O6  B MAN C 2 .   ? 14.932  -2.838  -12.963 0.50 23.66 ? 2   MAN C O6  1 
HETATM 1001 C C1  A MAN C 2 .   ? 11.538  0.048   -13.212 0.50 17.04 ? 3   MAN C C1  1 
HETATM 1002 C C1  B MAN C 2 .   ? 10.035  1.307   -15.938 0.50 22.09 ? 3   MAN C C1  1 
HETATM 1003 C C2  A MAN C 2 .   ? 10.422  -0.081  -14.218 0.50 16.91 ? 3   MAN C C2  1 
HETATM 1004 C C2  B MAN C 2 .   ? 10.218  1.546   -17.432 0.50 24.58 ? 3   MAN C C2  1 
HETATM 1005 C C3  A MAN C 2 .   ? 10.095  -1.561  -14.384 0.50 16.91 ? 3   MAN C C3  1 
HETATM 1006 C C3  B MAN C 2 .   ? 11.713  1.480   -17.751 0.50 24.73 ? 3   MAN C C3  1 
HETATM 1007 C C4  A MAN C 2 .   ? 11.316  -2.310  -14.906 0.50 18.47 ? 3   MAN C C4  1 
HETATM 1008 C C4  B MAN C 2 .   ? 12.426  2.538   -16.953 0.50 25.11 ? 3   MAN C C4  1 
HETATM 1009 C C5  A MAN C 2 .   ? 12.516  -2.027  -13.996 0.50 19.23 ? 3   MAN C C5  1 
HETATM 1010 C C5  B MAN C 2 .   ? 12.198  2.238   -15.488 0.50 24.57 ? 3   MAN C C5  1 
HETATM 1011 C C6  A MAN C 2 .   ? 13.852  -2.484  -14.595 0.50 20.42 ? 3   MAN C C6  1 
HETATM 1012 C C6  B MAN C 2 .   ? 12.888  3.280   -14.624 0.50 26.76 ? 3   MAN C C6  1 
HETATM 1013 O O2  A MAN C 2 .   ? 10.913  0.555   -15.431 0.50 16.91 ? 3   MAN C O2  1 
HETATM 1014 O O2  B MAN C 2 .   ? 9.712   2.857   -17.696 0.50 26.86 ? 3   MAN C O2  1 
HETATM 1015 O O3  A MAN C 2 .   ? 8.999   -1.814  -15.270 0.50 17.87 ? 3   MAN C O3  1 
HETATM 1016 O O3  B MAN C 2 .   ? 12.076  1.757   -19.092 0.50 27.71 ? 3   MAN C O3  1 
HETATM 1017 O O4  A MAN C 2 .   ? 10.998  -3.716  -14.993 0.50 19.66 ? 3   MAN C O4  1 
HETATM 1018 O O4  B MAN C 2 .   ? 13.806  2.548   -17.271 0.50 23.94 ? 3   MAN C O4  1 
HETATM 1019 O O5  A MAN C 2 .   ? 12.669  -0.634  -13.740 0.50 17.86 ? 3   MAN C O5  1 
HETATM 1020 O O5  B MAN C 2 .   ? 10.797  2.310   -15.280 0.50 22.34 ? 3   MAN C O5  1 
HETATM 1021 O O6  A MAN C 2 .   ? 14.931  -2.039  -13.724 0.50 21.70 ? 3   MAN C O6  1 
HETATM 1022 O O6  B MAN C 2 .   ? 12.440  4.573   -15.065 0.50 27.73 ? 3   MAN C O6  1 
HETATM 1023 C C1  A MAN D 2 .   ? 6.148   -11.706 9.631   0.50 33.08 ? 1   MAN D C1  1 
HETATM 1024 C C1  B MAN D 2 .   ? 2.932   -13.808 9.812   0.50 9.34  ? 1   MAN D C1  1 
HETATM 1025 C C2  A MAN D 2 .   ? 5.893   -13.193 9.406   0.50 32.15 ? 1   MAN D C2  1 
HETATM 1026 C C2  B MAN D 2 .   ? 1.937   -13.840 8.621   0.50 9.80  ? 1   MAN D C2  1 
HETATM 1027 C C3  A MAN D 2 .   ? 6.956   -13.777 8.454   0.50 34.06 ? 1   MAN D C3  1 
HETATM 1028 C C3  B MAN D 2 .   ? 2.028   -12.459 7.977   0.50 9.07  ? 1   MAN D C3  1 
HETATM 1029 C C4  A MAN D 2 .   ? 7.665   -12.822 7.470   0.50 36.53 ? 1   MAN D C4  1 
HETATM 1030 C C4  B MAN D 2 .   ? 1.808   -11.331 8.959   0.50 9.06  ? 1   MAN D C4  1 
HETATM 1031 C C5  A MAN D 2 .   ? 7.716   -11.360 7.907   0.50 35.65 ? 1   MAN D C5  1 
HETATM 1032 C C5  B MAN D 2 .   ? 2.795   -11.435 10.121  0.50 9.22  ? 1   MAN D C5  1 
HETATM 1033 C C6  A MAN D 2 .   ? 8.072   -10.354 6.798   0.50 34.93 ? 1   MAN D C6  1 
HETATM 1034 C C6  B MAN D 2 .   ? 2.632   -10.339 11.166  0.50 9.49  ? 1   MAN D C6  1 
HETATM 1035 O O1  A MAN D 2 .   ? 7.282   -11.548 10.478  0.50 32.97 ? 1   MAN D O1  1 
HETATM 1036 O O1  B MAN D 2 .   ? 4.299   -13.721 9.288   0.50 11.63 ? 1   MAN D O1  1 
HETATM 1037 O O2  A MAN D 2 .   ? 4.598   -13.407 8.837   0.50 24.20 ? 1   MAN D O2  1 
HETATM 1038 O O2  B MAN D 2 .   ? 0.555   -14.067 8.998   0.50 10.20 ? 1   MAN D O2  1 
HETATM 1039 O O3  A MAN D 2 .   ? 6.317   -14.776 7.656   0.50 38.78 ? 1   MAN D O3  1 
HETATM 1040 O O3  B MAN D 2 .   ? 1.064   -12.302 6.912   0.50 8.88  ? 1   MAN D O3  1 
HETATM 1041 O O4  A MAN D 2 .   ? 8.996   -13.322 7.262   0.50 38.68 ? 1   MAN D O4  1 
HETATM 1042 O O4  B MAN D 2 .   ? 2.094   -10.086 8.302   0.50 8.51  ? 1   MAN D O4  1 
HETATM 1043 O O5  A MAN D 2 .   ? 6.418   -11.040 8.399   0.50 35.91 ? 1   MAN D O5  1 
HETATM 1044 O O5  B MAN D 2 .   ? 2.619   -12.735 10.729  0.50 8.98  ? 1   MAN D O5  1 
HETATM 1045 O O6  A MAN D 2 .   ? 8.969   -10.862 5.798   0.50 36.65 ? 1   MAN D O6  1 
HETATM 1046 O O6  B MAN D 2 .   ? 3.740   -10.441 12.099  0.50 11.16 ? 1   MAN D O6  1 
HETATM 1047 C C1  A MAN D 2 .   ? 3.391   -13.669 9.597   0.50 18.36 ? 2   MAN D C1  1 
HETATM 1048 C C1  B MAN D 2 .   ? 0.198   -15.439 9.158   0.50 12.43 ? 2   MAN D C1  1 
HETATM 1049 C C2  A MAN D 2 .   ? 2.265   -13.729 8.561   0.50 17.19 ? 2   MAN D C2  1 
HETATM 1050 C C2  B MAN D 2 .   ? -1.312  -15.555 9.085   0.50 13.51 ? 2   MAN D C2  1 
HETATM 1051 C C3  A MAN D 2 .   ? 2.129   -12.360 7.940   0.50 15.82 ? 2   MAN D C3  1 
HETATM 1052 C C3  B MAN D 2 .   ? -1.942  -14.877 10.243  0.50 13.91 ? 2   MAN D C3  1 
HETATM 1053 C C4  A MAN D 2 .   ? 1.777   -11.324 8.997   0.50 15.56 ? 2   MAN D C4  1 
HETATM 1054 C C4  B MAN D 2 .   ? -1.387  -15.516 11.514  0.50 14.32 ? 2   MAN D C4  1 
HETATM 1055 C C5  A MAN D 2 .   ? 2.802   -11.337 10.142  0.50 15.35 ? 2   MAN D C5  1 
HETATM 1056 C C5  B MAN D 2 .   ? 0.120   -15.364 11.595  0.50 14.71 ? 2   MAN D C5  1 
HETATM 1057 C C6  A MAN D 2 .   ? 2.169   -10.567 11.294  0.50 15.00 ? 2   MAN D C6  1 
HETATM 1058 C C6  B MAN D 2 .   ? 0.702   -15.985 12.867  0.50 16.08 ? 2   MAN D C6  1 
HETATM 1059 O O2  A MAN D 2 .   ? 0.970   -14.046 9.102   0.50 16.36 ? 2   MAN D O2  1 
HETATM 1060 O O2  B MAN D 2 .   ? -1.655  -16.940 9.182   0.50 15.10 ? 2   MAN D O2  1 
HETATM 1061 O O3  A MAN D 2 .   ? 1.107   -12.482 6.931   0.50 15.55 ? 2   MAN D O3  1 
HETATM 1062 O O3  B MAN D 2 .   ? -3.350  -15.080 10.097  0.50 16.16 ? 2   MAN D O3  1 
HETATM 1063 O O4  A MAN D 2 .   ? 1.725   -9.983  8.450   0.50 14.60 ? 2   MAN D O4  1 
HETATM 1064 O O4  B MAN D 2 .   ? -2.059  -14.850 12.579  0.50 13.27 ? 2   MAN D O4  1 
HETATM 1065 O O5  A MAN D 2 .   ? 3.139   -12.669 10.596  0.50 16.10 ? 2   MAN D O5  1 
HETATM 1066 O O5  B MAN D 2 .   ? 0.701   -15.937 10.417  0.50 13.62 ? 2   MAN D O5  1 
HETATM 1067 O O6  A MAN D 2 .   ? 3.032   -10.462 12.439  0.50 15.32 ? 2   MAN D O6  1 
HETATM 1068 O O6  B MAN D 2 .   ? 2.105   -16.254 12.671  0.50 19.84 ? 2   MAN D O6  1 
HETATM 1069 C C1  A MAN D 2 .   ? 0.644   -15.423 9.151   0.50 16.87 ? 3   MAN D C1  1 
HETATM 1070 C C1  B MAN D 2 .   ? -1.625  -17.611 7.919   0.50 17.22 ? 3   MAN D C1  1 
HETATM 1071 C C2  A MAN D 2 .   ? -0.863  -15.539 9.156   0.50 16.21 ? 3   MAN D C2  1 
HETATM 1072 C C2  B MAN D 2 .   ? -2.471  -18.854 8.084   0.50 19.23 ? 3   MAN D C2  1 
HETATM 1073 C C3  A MAN D 2 .   ? -1.437  -14.806 10.365  0.50 16.80 ? 3   MAN D C3  1 
HETATM 1074 C C3  B MAN D 2 .   ? -1.727  -19.796 9.032   0.50 20.29 ? 3   MAN D C3  1 
HETATM 1075 C C4  A MAN D 2 .   ? -0.849  -15.411 11.634  0.50 16.71 ? 3   MAN D C4  1 
HETATM 1076 C C4  B MAN D 2 .   ? -0.340  -20.077 8.464   0.50 19.72 ? 3   MAN D C4  1 
HETATM 1077 C C5  A MAN D 2 .   ? 0.657   -15.280 11.528  0.50 18.12 ? 3   MAN D C5  1 
HETATM 1078 C C5  B MAN D 2 .   ? 0.447   -18.766 8.303   0.50 18.42 ? 3   MAN D C5  1 
HETATM 1079 C C6  A MAN D 2 .   ? 1.278   -15.788 12.820  0.50 19.49 ? 3   MAN D C6  1 
HETATM 1080 C C6  B MAN D 2 .   ? 1.870   -18.951 7.754   0.50 20.34 ? 3   MAN D C6  1 
HETATM 1081 O O2  A MAN D 2 .   ? -1.120  -16.960 9.164   0.50 15.79 ? 3   MAN D O2  1 
HETATM 1082 O O2  B MAN D 2 .   ? -2.670  -19.363 6.763   0.50 21.38 ? 3   MAN D O2  1 
HETATM 1083 O O3  A MAN D 2 .   ? -2.849  -14.936 10.372  0.50 18.33 ? 3   MAN D O3  1 
HETATM 1084 O O3  B MAN D 2 .   ? -2.439  -21.037 9.217   0.50 22.46 ? 3   MAN D O3  1 
HETATM 1085 O O4  A MAN D 2 .   ? -1.298  -14.707 12.804  0.50 16.88 ? 3   MAN D O4  1 
HETATM 1086 O O4  B MAN D 2 .   ? 0.410   -20.973 9.289   0.50 21.97 ? 3   MAN D O4  1 
HETATM 1087 O O5  A MAN D 2 .   ? 1.159   -15.959 10.366  0.50 17.49 ? 3   MAN D O5  1 
HETATM 1088 O O5  B MAN D 2 .   ? -0.310  -17.928 7.451   0.50 16.81 ? 3   MAN D O5  1 
HETATM 1089 O O6  A MAN D 2 .   ? 2.616   -15.279 12.932  0.50 22.74 ? 3   MAN D O6  1 
HETATM 1090 O O6  B MAN D 2 .   ? 2.627   -17.720 7.685   0.50 22.85 ? 3   MAN D O6  1 
HETATM 1091 O O   . HOH E 3 .   ? 6.891   -3.882  16.763  1.00 30.20 ? 301 HOH A O   1 
HETATM 1092 O O   . HOH E 3 .   ? -1.062  -13.198 14.748  1.00 22.93 ? 302 HOH A O   1 
HETATM 1093 O O   . HOH E 3 .   ? 12.984  -6.809  -10.107 1.00 37.93 ? 303 HOH A O   1 
HETATM 1094 O O   . HOH E 3 .   ? 12.499  -7.069  -12.789 1.00 40.16 ? 304 HOH A O   1 
HETATM 1095 O O   . HOH E 3 .   ? 9.530   6.186   10.014  1.00 32.88 ? 305 HOH A O   1 
HETATM 1096 O O   . HOH E 3 .   ? -4.059  -16.174 13.486  1.00 42.86 ? 306 HOH A O   1 
HETATM 1097 O O   . HOH E 3 .   ? 14.830  -4.785  -10.763 1.00 38.33 ? 307 HOH A O   1 
HETATM 1098 O O   . HOH E 3 .   ? 14.705  7.533   -1.724  1.00 41.72 ? 308 HOH A O   1 
HETATM 1099 O O   . HOH E 3 .   ? 15.728  -10.981 -2.110  1.00 17.97 ? 309 HOH A O   1 
HETATM 1100 O O   . HOH E 3 .   ? -13.867 7.027   -0.517  1.00 17.21 ? 310 HOH A O   1 
HETATM 1101 O O   . HOH E 3 .   ? 8.391   -9.985  3.338   1.00 45.42 ? 311 HOH A O   1 
HETATM 1102 O O   . HOH E 3 .   ? 7.582   14.200  -4.700  0.50 24.39 ? 312 HOH A O   1 
HETATM 1103 O O   . HOH E 3 .   ? -0.993  18.554  1.296   1.00 29.27 ? 313 HOH A O   1 
HETATM 1104 O O   . HOH E 3 .   ? 9.289   10.456  8.013   1.00 27.48 ? 314 HOH A O   1 
HETATM 1105 O O   . HOH E 3 .   ? 14.840  -5.887  -1.564  1.00 13.10 ? 315 HOH A O   1 
HETATM 1106 O O   . HOH E 3 .   ? -12.268 9.240   2.255   1.00 31.77 ? 316 HOH A O   1 
HETATM 1107 O O   . HOH E 3 .   ? -5.155  7.296   15.900  1.00 28.05 ? 317 HOH A O   1 
HETATM 1108 O O   . HOH E 3 .   ? -9.384  -14.916 3.208   1.00 29.85 ? 318 HOH A O   1 
HETATM 1109 O O   . HOH E 3 .   ? 9.424   -3.380  3.071   1.00 10.97 ? 319 HOH A O   1 
HETATM 1110 O O   . HOH E 3 .   ? 1.667   -9.644  -14.124 1.00 25.55 ? 320 HOH A O   1 
HETATM 1111 O O   . HOH E 3 .   ? -7.610  -16.064 1.422   1.00 21.44 ? 321 HOH A O   1 
HETATM 1112 O O   . HOH E 3 .   ? -14.957 -4.717  -1.219  1.00 23.26 ? 322 HOH A O   1 
HETATM 1113 O O   . HOH E 3 .   ? 9.622   8.264   -13.717 1.00 44.79 ? 323 HOH A O   1 
HETATM 1114 O O   . HOH E 3 .   ? -12.206 -10.832 -3.716  1.00 13.93 ? 324 HOH A O   1 
HETATM 1115 O O   . HOH E 3 .   ? -8.542  8.748   -6.683  1.00 39.67 ? 325 HOH A O   1 
HETATM 1116 O O   . HOH E 3 .   ? 3.212   18.047  -1.794  1.00 18.31 ? 326 HOH A O   1 
HETATM 1117 O O   . HOH E 3 .   ? 8.878   -13.771 1.557   1.00 26.83 ? 327 HOH A O   1 
HETATM 1118 O O   . HOH E 3 .   ? 1.850   11.367  -9.011  1.00 15.89 ? 328 HOH A O   1 
HETATM 1119 O O   . HOH E 3 .   ? -0.392  -17.924 -1.856  1.00 13.62 ? 329 HOH A O   1 
HETATM 1120 O O   . HOH E 3 .   ? 1.824   -10.274 14.972  1.00 29.12 ? 330 HOH A O   1 
HETATM 1121 O O   . HOH E 3 .   ? -0.331  -10.766 -10.655 1.00 21.87 ? 331 HOH A O   1 
HETATM 1122 O O   . HOH E 3 .   ? -8.618  -9.457  13.064  1.00 38.22 ? 332 HOH A O   1 
HETATM 1123 O O   . HOH E 3 .   ? 9.631   12.480  -4.460  1.00 22.90 ? 333 HOH A O   1 
HETATM 1124 O O   . HOH E 3 .   ? -0.001  -14.328 -3.567  1.00 9.45  ? 334 HOH A O   1 
HETATM 1125 O O   . HOH E 3 .   ? -2.827  -9.982  -10.453 1.00 21.66 ? 335 HOH A O   1 
HETATM 1126 O O   . HOH E 3 .   ? 4.358   -13.078 -10.404 1.00 28.22 ? 336 HOH A O   1 
HETATM 1127 O O   . HOH E 3 .   ? -8.317  -6.901  14.781  1.00 27.35 ? 337 HOH A O   1 
HETATM 1128 O O   . HOH E 3 .   ? -5.681  4.002   13.352  1.00 14.97 ? 338 HOH A O   1 
HETATM 1129 O O   . HOH E 3 .   ? 12.337  -12.448 0.565   1.00 20.50 ? 339 HOH A O   1 
HETATM 1130 O O   . HOH E 3 .   ? -7.752  -2.594  -8.553  1.00 15.08 ? 340 HOH A O   1 
HETATM 1131 O O   . HOH E 3 .   ? -12.071 -1.810  1.037   1.00 26.47 ? 341 HOH A O   1 
HETATM 1132 O O   . HOH E 3 .   ? -3.959  16.209  -1.460  1.00 44.09 ? 342 HOH A O   1 
HETATM 1133 O O   . HOH E 3 .   ? 9.587   2.172   6.529   1.00 14.97 ? 343 HOH A O   1 
HETATM 1134 O O   . HOH E 3 .   ? 3.075   -11.235 -13.543 1.00 38.13 ? 344 HOH A O   1 
HETATM 1135 O O   . HOH E 3 .   ? -16.500 -6.051  -1.271  1.00 41.68 ? 345 HOH A O   1 
HETATM 1136 O O   . HOH E 3 .   ? 13.999  7.504   -4.334  1.00 33.92 ? 346 HOH A O   1 
HETATM 1137 O O   . HOH E 3 .   ? 4.125   -0.691  17.347  1.00 38.56 ? 347 HOH A O   1 
HETATM 1138 O O   . HOH E 3 .   ? 2.705   -8.159  14.374  1.00 17.55 ? 348 HOH A O   1 
HETATM 1139 O O   . HOH E 3 .   ? -11.827 -14.677 0.516   1.00 37.32 ? 349 HOH A O   1 
HETATM 1140 O O   . HOH E 3 .   ? -15.193 -7.198  5.952   1.00 30.39 ? 350 HOH A O   1 
HETATM 1141 O O   . HOH E 3 .   ? 11.295  11.670  4.079   1.00 27.93 ? 351 HOH A O   1 
HETATM 1142 O O   . HOH E 3 .   ? 10.582  3.870   8.092   1.00 45.33 ? 352 HOH A O   1 
HETATM 1143 O O   . HOH E 3 .   ? -11.966 0.652   -2.495  1.00 33.00 ? 353 HOH A O   1 
HETATM 1144 O O   . HOH E 3 .   ? 12.011  -7.547  -7.975  1.00 13.45 ? 354 HOH A O   1 
HETATM 1145 O O   . HOH E 3 .   ? 8.981   -4.055  6.527   1.00 22.41 ? 355 HOH A O   1 
HETATM 1146 O O   . HOH E 3 .   ? -6.511  1.666   -10.889 1.00 38.69 ? 356 HOH A O   1 
HETATM 1147 O O   . HOH E 3 .   ? 9.664   5.842   -16.944 1.00 49.65 ? 357 HOH A O   1 
HETATM 1148 O O   . HOH E 3 .   ? -7.317  -3.180  15.146  0.50 24.69 ? 358 HOH A O   1 
HETATM 1149 O O   . HOH E 3 .   ? 13.691  -8.414  -5.312  1.00 9.27  ? 359 HOH A O   1 
HETATM 1150 O O   . HOH E 3 .   ? 3.244   -7.779  -15.424 1.00 38.24 ? 360 HOH A O   1 
HETATM 1151 O O   . HOH E 3 .   ? 6.125   12.064  -6.924  1.00 22.95 ? 361 HOH A O   1 
HETATM 1152 O O   . HOH E 3 .   ? 9.913   -11.591 2.916   1.00 42.98 ? 362 HOH A O   1 
HETATM 1153 O O   . HOH E 3 .   ? 3.551   7.054   -13.309 1.00 30.72 ? 363 HOH A O   1 
HETATM 1154 O O   . HOH E 3 .   ? 9.687   -2.270  6.962   1.00 32.92 ? 364 HOH A O   1 
HETATM 1155 O O   . HOH E 3 .   ? 3.002   3.017   17.296  1.00 29.09 ? 365 HOH A O   1 
HETATM 1156 O O   . HOH E 3 .   ? -9.660  -0.204  12.876  1.00 41.14 ? 366 HOH A O   1 
HETATM 1157 O O   . HOH E 3 .   ? -9.026  7.065   -5.581  1.00 37.08 ? 367 HOH A O   1 
HETATM 1158 O O   . HOH E 3 .   ? 5.230   -2.817  18.122  0.50 41.34 ? 368 HOH A O   1 
HETATM 1159 O O   . HOH E 3 .   ? -15.636 4.987   1.917   1.00 28.92 ? 369 HOH A O   1 
HETATM 1160 O O   . HOH E 3 .   ? 10.828  -7.160  -14.674 1.00 35.02 ? 370 HOH A O   1 
HETATM 1161 O O   . HOH E 3 .   ? -13.181 3.789   4.482   1.00 42.62 ? 371 HOH A O   1 
HETATM 1162 O O   . HOH E 3 .   ? -11.598 -2.677  -7.630  1.00 51.86 ? 372 HOH A O   1 
HETATM 1163 O O   . HOH E 3 .   ? 11.719  -0.997  14.596  1.00 47.78 ? 373 HOH A O   1 
HETATM 1164 O O   . HOH E 3 .   ? 15.773  -7.232  -3.899  1.00 14.14 ? 374 HOH A O   1 
HETATM 1165 O O   . HOH E 3 .   ? -9.405  -3.002  13.429  1.00 45.41 ? 375 HOH A O   1 
HETATM 1166 O O   . HOH E 3 .   ? -9.873  4.314   -7.597  1.00 39.11 ? 376 HOH A O   1 
HETATM 1167 O O   . HOH E 3 .   ? -15.405 -7.225  2.658   1.00 34.01 ? 377 HOH A O   1 
HETATM 1168 O O   . HOH E 3 .   ? 12.239  12.127  -6.632  1.00 34.82 ? 378 HOH A O   1 
HETATM 1169 O O   . HOH E 3 .   ? -3.319  13.831  -4.747  1.00 35.18 ? 379 HOH A O   1 
HETATM 1170 O O   . HOH E 3 .   ? -5.816  -1.398  -13.208 1.00 44.77 ? 380 HOH A O   1 
HETATM 1171 O O   . HOH E 3 .   ? -1.266  15.862  -5.602  1.00 25.51 ? 381 HOH A O   1 
HETATM 1172 O O   . HOH E 3 .   ? -12.969 -6.640  4.156   1.00 29.85 ? 382 HOH A O   1 
HETATM 1173 O O   . HOH E 3 .   ? 2.114   -16.777 16.461  1.00 60.63 ? 383 HOH A O   1 
HETATM 1174 O O   . HOH E 3 .   ? -9.035  5.814   14.247  1.00 26.39 ? 384 HOH A O   1 
HETATM 1175 O O   . HOH E 3 .   ? -14.090 0.109   3.020   1.00 40.20 ? 385 HOH A O   1 
HETATM 1176 O O   . HOH E 3 .   ? 17.403  -2.130  -4.554  1.00 36.30 ? 386 HOH A O   1 
HETATM 1177 O O   . HOH E 3 .   ? -14.675 -4.331  -3.337  1.00 38.88 ? 387 HOH A O   1 
HETATM 1178 O O   . HOH E 3 .   ? 0.724   19.178  5.670   1.00 37.62 ? 388 HOH A O   1 
HETATM 1179 O O   . HOH E 3 .   ? -0.136  -14.659 16.738  1.00 36.85 ? 389 HOH A O   1 
HETATM 1180 O O   . HOH E 3 .   ? 13.973  2.762   1.569   1.00 47.27 ? 390 HOH A O   1 
HETATM 1181 O O   . HOH E 3 .   ? 9.316   -7.761  9.037   1.00 40.13 ? 391 HOH A O   1 
HETATM 1182 O O   . HOH E 3 .   ? 16.399  -5.848  -6.194  1.00 19.66 ? 392 HOH A O   1 
HETATM 1183 O O   . HOH E 3 .   ? -1.229  -10.321 -14.535 1.00 40.87 ? 393 HOH A O   1 
HETATM 1184 O O   . HOH E 3 .   ? 3.388   -15.398 -4.544  1.00 27.99 ? 394 HOH A O   1 
HETATM 1185 O O   . HOH E 3 .   ? -15.078 13.545  -2.104  1.00 42.96 ? 395 HOH A O   1 
HETATM 1186 O O   . HOH E 3 .   ? 18.855  -5.486  -7.298  1.00 28.18 ? 396 HOH A O   1 
HETATM 1187 O O   . HOH E 3 .   ? 7.335   -16.963 0.890   1.00 33.93 ? 397 HOH A O   1 
HETATM 1188 O O   . HOH E 3 .   ? 2.481   -11.296 17.570  1.00 43.39 ? 398 HOH A O   1 
HETATM 1189 O O   . HOH E 3 .   ? 14.155  8.242   -7.639  1.00 43.56 ? 399 HOH A O   1 
HETATM 1190 O O   . HOH E 3 .   ? 13.031  3.648   -0.995  1.00 37.20 ? 400 HOH A O   1 
HETATM 1191 O O   . HOH E 3 .   ? 17.333  1.893   -0.572  1.00 40.66 ? 401 HOH A O   1 
HETATM 1192 O O   . HOH E 3 .   ? -9.166  -1.981  11.137  1.00 26.14 ? 402 HOH A O   1 
HETATM 1193 O O   . HOH E 3 .   ? 0.020   -2.528  10.481  1.00 7.88  ? 403 HOH A O   1 
HETATM 1194 O O   . HOH E 3 .   ? 5.102   -6.549  14.639  1.00 20.83 ? 404 HOH A O   1 
HETATM 1195 O O   . HOH E 3 .   ? 3.645   4.110   -12.589 1.00 14.38 ? 405 HOH A O   1 
HETATM 1196 O O   . HOH E 3 .   ? 2.561   1.698   -13.389 1.00 16.72 ? 406 HOH A O   1 
HETATM 1197 O O   . HOH E 3 .   ? 7.526   -0.204  -11.802 1.00 12.57 ? 407 HOH A O   1 
HETATM 1198 O O   . HOH E 3 .   ? 10.814  5.482   -10.613 1.00 18.71 ? 408 HOH A O   1 
HETATM 1199 O O   . HOH E 3 .   ? 5.880   8.529   -0.441  1.00 8.76  ? 409 HOH A O   1 
HETATM 1200 O O   . HOH E 3 .   ? 9.154   12.948  4.397   1.00 25.16 ? 410 HOH A O   1 
HETATM 1201 O O   . HOH E 3 .   ? -0.357  16.507  6.173   1.00 23.57 ? 411 HOH A O   1 
HETATM 1202 O O   . HOH E 3 .   ? -1.059  11.908  -5.462  1.00 25.34 ? 412 HOH A O   1 
HETATM 1203 O O   . HOH E 3 .   ? 5.944   -7.595  -4.281  1.00 5.69  ? 413 HOH A O   1 
HETATM 1204 O O   . HOH E 3 .   ? -10.439 9.683   6.646   1.00 38.96 ? 414 HOH A O   1 
HETATM 1205 O O   . HOH E 3 .   ? -9.567  6.535   7.707   1.00 35.30 ? 415 HOH A O   1 
HETATM 1206 O O   . HOH E 3 .   ? -11.068 2.771   7.303   1.00 32.10 ? 416 HOH A O   1 
HETATM 1207 O O   . HOH E 3 .   ? 3.124   -12.926 13.807  1.00 36.31 ? 417 HOH A O   1 
HETATM 1208 O O   . HOH E 3 .   ? 1.629   2.667   -7.551  1.00 8.35  ? 418 HOH A O   1 
HETATM 1209 O O   . HOH E 3 .   ? 6.274   -3.056  -16.926 1.00 30.60 ? 419 HOH A O   1 
HETATM 1210 O O   . HOH E 3 .   ? -3.184  -7.591  0.670   1.00 6.91  ? 420 HOH A O   1 
HETATM 1211 O O   . HOH E 3 .   ? -3.870  5.215   4.684   1.00 8.15  ? 421 HOH A O   1 
HETATM 1212 O O   . HOH E 3 .   ? -5.796  11.464  6.569   1.00 19.59 ? 422 HOH A O   1 
HETATM 1213 O O   . HOH E 3 .   ? -5.598  9.798   8.804   1.00 15.91 ? 423 HOH A O   1 
HETATM 1214 O O   . HOH E 3 .   ? -8.218  8.686   9.018   1.00 22.04 ? 424 HOH A O   1 
HETATM 1215 O O   . HOH E 3 .   ? -9.015  -2.653  0.151   1.00 11.17 ? 425 HOH A O   1 
HETATM 1216 O O   . HOH E 3 .   ? -8.755  -4.582  -1.775  1.00 8.24  ? 426 HOH A O   1 
HETATM 1217 O O   . HOH E 3 .   ? -5.651  -0.319  -8.904  1.00 17.89 ? 427 HOH A O   1 
HETATM 1218 O O   . HOH E 3 .   ? -4.658  -3.127  -11.668 1.00 27.39 ? 428 HOH A O   1 
HETATM 1219 O O   . HOH E 3 .   ? -4.937  -5.837  -12.712 1.00 29.94 ? 429 HOH A O   1 
HETATM 1220 O O   . HOH E 3 .   ? -5.443  2.172   -8.683  1.00 32.69 ? 430 HOH A O   1 
HETATM 1221 O O   . HOH E 3 .   ? -5.065  4.011   -10.274 1.00 23.77 ? 431 HOH A O   1 
HETATM 1222 O O   . HOH E 3 .   ? -0.041  8.391   14.317  1.00 19.96 ? 432 HOH A O   1 
HETATM 1223 O O   . HOH E 3 .   ? 1.649   10.270  13.676  1.00 26.00 ? 433 HOH A O   1 
HETATM 1224 O O   . HOH E 3 .   ? -3.222  10.278  -8.668  1.00 37.20 ? 434 HOH A O   1 
HETATM 1225 O O   . HOH E 3 .   ? 9.751   1.183   2.959   1.00 10.77 ? 435 HOH A O   1 
HETATM 1226 O O   . HOH E 3 .   ? 0.880   5.339   -15.610 1.00 45.25 ? 436 HOH A O   1 
HETATM 1227 O O   . HOH E 3 .   ? 7.999   -0.838  6.455   1.00 12.63 ? 437 HOH A O   1 
HETATM 1228 O O   . HOH E 3 .   ? 9.184   2.714   9.402   1.00 26.68 ? 438 HOH A O   1 
HETATM 1229 O O   . HOH E 3 .   ? 11.454  -1.208  1.492   1.00 26.52 ? 439 HOH A O   1 
HETATM 1230 O O   . HOH E 3 .   ? 9.800   4.138   12.576  1.00 29.63 ? 440 HOH A O   1 
HETATM 1231 O O   . HOH E 3 .   ? 6.777   0.990   15.798  1.00 26.47 ? 441 HOH A O   1 
HETATM 1232 O O   . HOH E 3 .   ? 5.189   3.024   15.208  1.00 26.78 ? 442 HOH A O   1 
HETATM 1233 O O   . HOH E 3 .   ? -10.107 3.221   4.834   1.00 17.43 ? 443 HOH A O   1 
HETATM 1234 O O   . HOH E 3 .   ? 2.592   -16.091 2.938   1.00 19.90 ? 444 HOH A O   1 
HETATM 1235 O O   . HOH E 3 .   ? -1.738  -12.453 7.303   1.00 14.04 ? 445 HOH A O   1 
HETATM 1236 O O   . HOH E 3 .   ? -5.094  -13.306 10.932  1.00 21.57 ? 446 HOH A O   1 
HETATM 1237 O O   . HOH E 3 .   ? -8.730  -12.713 6.794   1.00 31.10 ? 447 HOH A O   1 
HETATM 1238 O O   . HOH E 3 .   ? -11.845 -11.142 3.555   1.00 31.21 ? 448 HOH A O   1 
HETATM 1239 O O   . HOH E 3 .   ? 14.259  -4.008  -6.220  1.00 16.50 ? 449 HOH A O   1 
HETATM 1240 O O   . HOH E 3 .   ? 8.445   -4.802  -15.173 1.00 33.65 ? 450 HOH A O   1 
HETATM 1241 O O   . HOH E 3 .   ? -0.111  11.891  7.744   1.00 14.47 ? 451 HOH A O   1 
HETATM 1242 O O   . HOH E 3 .   ? 13.733  9.625   -5.405  1.00 32.80 ? 452 HOH A O   1 
HETATM 1243 O O   . HOH E 3 .   ? -7.673  2.192   -5.657  1.00 38.24 ? 453 HOH A O   1 
HETATM 1244 O O   . HOH E 3 .   ? -12.223 -3.790  0.665   1.00 51.24 ? 454 HOH A O   1 
HETATM 1245 O O   . HOH E 3 .   ? 5.835   -5.745  -17.670 1.00 53.57 ? 455 HOH A O   1 
HETATM 1246 O O   . HOH E 3 .   ? 10.091  -1.038  4.662   1.00 19.63 ? 456 HOH A O   1 
HETATM 1247 O O   . HOH E 3 .   ? -11.077 -5.042  11.160  1.00 34.94 ? 457 HOH A O   1 
HETATM 1248 O O   . HOH E 3 .   ? -11.675 -8.095  5.948   1.00 35.79 ? 458 HOH A O   1 
HETATM 1249 O O   . HOH E 3 .   ? 8.116   14.370  5.776   1.00 35.11 ? 459 HOH A O   1 
HETATM 1250 O O   . HOH E 3 .   ? -5.207  13.988  -3.039  1.00 46.08 ? 460 HOH A O   1 
HETATM 1251 O O   . HOH E 3 .   ? 5.572   17.019  7.359   1.00 34.37 ? 461 HOH A O   1 
HETATM 1252 O O   . HOH E 3 .   ? 8.230   17.104  13.121  1.00 47.66 ? 462 HOH A O   1 
HETATM 1253 O O   . HOH E 3 .   ? 2.895   2.587   -18.529 1.00 39.16 ? 463 HOH A O   1 
HETATM 1254 O O   . HOH E 3 .   ? 11.566  6.973   -12.842 1.00 40.15 ? 464 HOH A O   1 
HETATM 1255 O O   . HOH E 3 .   ? -2.736  -19.095 12.568  1.00 49.68 ? 465 HOH A O   1 
HETATM 1256 O O   . HOH E 3 .   ? 2.823   -16.463 5.458   1.00 32.25 ? 466 HOH A O   1 
HETATM 1257 O O   . HOH E 3 .   ? -0.609  18.230  10.094  1.00 35.31 ? 467 HOH A O   1 
HETATM 1258 O O   . HOH E 3 .   ? -5.673  14.381  -0.074  1.00 28.56 ? 468 HOH A O   1 
HETATM 1259 O O   . HOH E 3 .   ? -9.284  4.459   8.061   1.00 45.87 ? 469 HOH A O   1 
HETATM 1260 O O   . HOH E 3 .   ? -10.979 7.330   5.213   1.00 39.69 ? 470 HOH A O   1 
HETATM 1261 O O   . HOH E 3 .   ? -6.006  4.147   -4.867  1.00 51.93 ? 471 HOH A O   1 
HETATM 1262 O O   . HOH E 3 .   ? -7.904  4.990   -4.684  1.00 48.54 ? 472 HOH A O   1 
HETATM 1263 O O   . HOH E 3 .   ? 7.913   2.048   12.179  1.00 26.24 ? 473 HOH A O   1 
HETATM 1264 O O   . HOH E 3 .   ? 8.618   0.730   11.987  1.00 31.95 ? 474 HOH A O   1 
# 
